data_1DK8
# 
_entry.id   1DK8 
# 
_audit_conform.dict_name       mmcif_pdbx.dic 
_audit_conform.dict_version    5.385 
_audit_conform.dict_location   http://mmcif.pdb.org/dictionaries/ascii/mmcif_pdbx.dic 
# 
loop_
_database_2.database_id 
_database_2.database_code 
_database_2.pdbx_database_accession 
_database_2.pdbx_DOI 
PDB   1DK8         pdb_00001dk8 10.2210/pdb1dk8/pdb 
RCSB  RCSB010153   ?            ?                   
WWPDB D_1000010153 ?            ?                   
# 
loop_
_pdbx_audit_revision_history.ordinal 
_pdbx_audit_revision_history.data_content_type 
_pdbx_audit_revision_history.major_revision 
_pdbx_audit_revision_history.minor_revision 
_pdbx_audit_revision_history.revision_date 
1 'Structure model' 1 0 2000-07-12 
2 'Structure model' 1 1 2008-04-27 
3 'Structure model' 1 2 2011-07-13 
4 'Structure model' 1 3 2024-02-07 
# 
_pdbx_audit_revision_details.ordinal             1 
_pdbx_audit_revision_details.revision_ordinal    1 
_pdbx_audit_revision_details.data_content_type   'Structure model' 
_pdbx_audit_revision_details.provider            repository 
_pdbx_audit_revision_details.type                'Initial release' 
_pdbx_audit_revision_details.description         ? 
_pdbx_audit_revision_details.details             ? 
# 
loop_
_pdbx_audit_revision_group.ordinal 
_pdbx_audit_revision_group.revision_ordinal 
_pdbx_audit_revision_group.data_content_type 
_pdbx_audit_revision_group.group 
1 2 'Structure model' 'Version format compliance' 
2 3 'Structure model' 'Non-polymer description'   
3 3 'Structure model' 'Version format compliance' 
4 4 'Structure model' 'Data collection'           
5 4 'Structure model' 'Database references'       
6 4 'Structure model' 'Derived calculations'      
# 
loop_
_pdbx_audit_revision_category.ordinal 
_pdbx_audit_revision_category.revision_ordinal 
_pdbx_audit_revision_category.data_content_type 
_pdbx_audit_revision_category.category 
1 4 'Structure model' chem_comp_atom 
2 4 'Structure model' chem_comp_bond 
3 4 'Structure model' database_2     
4 4 'Structure model' struct_site    
# 
loop_
_pdbx_audit_revision_item.ordinal 
_pdbx_audit_revision_item.revision_ordinal 
_pdbx_audit_revision_item.data_content_type 
_pdbx_audit_revision_item.item 
1 4 'Structure model' '_database_2.pdbx_DOI'                
2 4 'Structure model' '_database_2.pdbx_database_accession' 
3 4 'Structure model' '_struct_site.pdbx_auth_asym_id'      
4 4 'Structure model' '_struct_site.pdbx_auth_comp_id'      
5 4 'Structure model' '_struct_site.pdbx_auth_seq_id'       
# 
_pdbx_database_status.status_code                     REL 
_pdbx_database_status.entry_id                        1DK8 
_pdbx_database_status.recvd_initial_deposition_date   1999-12-06 
_pdbx_database_status.deposit_site                    RCSB 
_pdbx_database_status.process_site                    RCSB 
_pdbx_database_status.status_code_sf                  REL 
_pdbx_database_status.SG_entry                        . 
_pdbx_database_status.pdb_format_compatible           Y 
_pdbx_database_status.status_code_mr                  ? 
_pdbx_database_status.status_code_cs                  ? 
_pdbx_database_status.status_code_nmr_data            ? 
_pdbx_database_status.methods_development_category    ? 
# 
loop_
_pdbx_database_related.db_name 
_pdbx_database_related.db_id 
_pdbx_database_related.details 
_pdbx_database_related.content_type 
PDB 1AGR 'another member of the Regulators of G-protein signaling family' unspecified 
PDB 1CMZ 'Another member of the regulators of g-protein signaling family' unspecified 
PDB 1EMU .                                                                unspecified 
# 
loop_
_audit_author.name 
_audit_author.pdbx_ordinal 
'Spink, K.E.' 1 
'Polakis, P.' 2 
'Weis, W.I.'  3 
# 
_citation.id                        primary 
_citation.title                     'Structural basis of the Axin-adenomatous polyposis coli interaction.' 
_citation.journal_abbrev            'EMBO J.' 
_citation.journal_volume            19 
_citation.page_first                2270 
_citation.page_last                 2279 
_citation.year                      2000 
_citation.journal_id_ASTM           EMJODG 
_citation.country                   UK 
_citation.journal_id_ISSN           0261-4189 
_citation.journal_id_CSD            0897 
_citation.book_publisher            ? 
_citation.pdbx_database_id_PubMed   10811618 
_citation.pdbx_database_id_DOI      10.1093/emboj/19.10.2270 
# 
loop_
_citation_author.citation_id 
_citation_author.name 
_citation_author.ordinal 
_citation_author.identifier_ORCID 
primary 'Spink, K.E.' 1 ? 
primary 'Polakis, P.' 2 ? 
primary 'Weis, W.I.'  3 ? 
# 
loop_
_entity.id 
_entity.type 
_entity.src_method 
_entity.pdbx_description 
_entity.formula_weight 
_entity.pdbx_number_of_molecules 
_entity.pdbx_ec 
_entity.pdbx_mutation 
_entity.pdbx_fragment 
_entity.details 
1 polymer     man AXIN                           16794.104 1   ? ? 'RGS-HOMOLOGOUS DOMAIN' ? 
2 non-polymer syn 'SULFATE ION'                  96.063    6   ? ? ?                       ? 
3 non-polymer syn 2,3-DIHYDROXY-1,4-DITHIOBUTANE 154.251   1   ? ? ?                       ? 
4 non-polymer syn GLYCEROL                       92.094    5   ? ? ?                       ? 
5 water       nat water                          18.015    178 ? ? ?                       ? 
# 
_entity_poly.entity_id                      1 
_entity_poly.type                           'polypeptide(L)' 
_entity_poly.nstd_linkage                   no 
_entity_poly.nstd_monomer                   no 
_entity_poly.pdbx_seq_one_letter_code       
;GSASPTPPYLKWAESLHSLLDDQDGISLFRTFLKQEGCADLLDFWFACTGFRKLEPCDSNEEKRLKLARAIYRKYILDNN
GIVSRQTKPATKSFIKGCIMKQLIDPAMFDQAQTEIQATMEENTYPSFLKSDIYLEYTRTGSESPKV
;
_entity_poly.pdbx_seq_one_letter_code_can   
;GSASPTPPYLKWAESLHSLLDDQDGISLFRTFLKQEGCADLLDFWFACTGFRKLEPCDSNEEKRLKLARAIYRKYILDNN
GIVSRQTKPATKSFIKGCIMKQLIDPAMFDQAQTEIQATMEENTYPSFLKSDIYLEYTRTGSESPKV
;
_entity_poly.pdbx_strand_id                 A 
_entity_poly.pdbx_target_identifier         ? 
# 
loop_
_pdbx_entity_nonpoly.entity_id 
_pdbx_entity_nonpoly.name 
_pdbx_entity_nonpoly.comp_id 
2 'SULFATE ION'                  SO4 
3 2,3-DIHYDROXY-1,4-DITHIOBUTANE DTT 
4 GLYCEROL                       GOL 
5 water                          HOH 
# 
loop_
_entity_poly_seq.entity_id 
_entity_poly_seq.num 
_entity_poly_seq.mon_id 
_entity_poly_seq.hetero 
1 1   GLY n 
1 2   SER n 
1 3   ALA n 
1 4   SER n 
1 5   PRO n 
1 6   THR n 
1 7   PRO n 
1 8   PRO n 
1 9   TYR n 
1 10  LEU n 
1 11  LYS n 
1 12  TRP n 
1 13  ALA n 
1 14  GLU n 
1 15  SER n 
1 16  LEU n 
1 17  HIS n 
1 18  SER n 
1 19  LEU n 
1 20  LEU n 
1 21  ASP n 
1 22  ASP n 
1 23  GLN n 
1 24  ASP n 
1 25  GLY n 
1 26  ILE n 
1 27  SER n 
1 28  LEU n 
1 29  PHE n 
1 30  ARG n 
1 31  THR n 
1 32  PHE n 
1 33  LEU n 
1 34  LYS n 
1 35  GLN n 
1 36  GLU n 
1 37  GLY n 
1 38  CYS n 
1 39  ALA n 
1 40  ASP n 
1 41  LEU n 
1 42  LEU n 
1 43  ASP n 
1 44  PHE n 
1 45  TRP n 
1 46  PHE n 
1 47  ALA n 
1 48  CYS n 
1 49  THR n 
1 50  GLY n 
1 51  PHE n 
1 52  ARG n 
1 53  LYS n 
1 54  LEU n 
1 55  GLU n 
1 56  PRO n 
1 57  CYS n 
1 58  ASP n 
1 59  SER n 
1 60  ASN n 
1 61  GLU n 
1 62  GLU n 
1 63  LYS n 
1 64  ARG n 
1 65  LEU n 
1 66  LYS n 
1 67  LEU n 
1 68  ALA n 
1 69  ARG n 
1 70  ALA n 
1 71  ILE n 
1 72  TYR n 
1 73  ARG n 
1 74  LYS n 
1 75  TYR n 
1 76  ILE n 
1 77  LEU n 
1 78  ASP n 
1 79  ASN n 
1 80  ASN n 
1 81  GLY n 
1 82  ILE n 
1 83  VAL n 
1 84  SER n 
1 85  ARG n 
1 86  GLN n 
1 87  THR n 
1 88  LYS n 
1 89  PRO n 
1 90  ALA n 
1 91  THR n 
1 92  LYS n 
1 93  SER n 
1 94  PHE n 
1 95  ILE n 
1 96  LYS n 
1 97  GLY n 
1 98  CYS n 
1 99  ILE n 
1 100 MET n 
1 101 LYS n 
1 102 GLN n 
1 103 LEU n 
1 104 ILE n 
1 105 ASP n 
1 106 PRO n 
1 107 ALA n 
1 108 MET n 
1 109 PHE n 
1 110 ASP n 
1 111 GLN n 
1 112 ALA n 
1 113 GLN n 
1 114 THR n 
1 115 GLU n 
1 116 ILE n 
1 117 GLN n 
1 118 ALA n 
1 119 THR n 
1 120 MET n 
1 121 GLU n 
1 122 GLU n 
1 123 ASN n 
1 124 THR n 
1 125 TYR n 
1 126 PRO n 
1 127 SER n 
1 128 PHE n 
1 129 LEU n 
1 130 LYS n 
1 131 SER n 
1 132 ASP n 
1 133 ILE n 
1 134 TYR n 
1 135 LEU n 
1 136 GLU n 
1 137 TYR n 
1 138 THR n 
1 139 ARG n 
1 140 THR n 
1 141 GLY n 
1 142 SER n 
1 143 GLU n 
1 144 SER n 
1 145 PRO n 
1 146 LYS n 
1 147 VAL n 
# 
_entity_src_gen.entity_id                          1 
_entity_src_gen.pdbx_src_id                        1 
_entity_src_gen.pdbx_alt_source_flag               sample 
_entity_src_gen.pdbx_seq_type                      ? 
_entity_src_gen.pdbx_beg_seq_num                   ? 
_entity_src_gen.pdbx_end_seq_num                   ? 
_entity_src_gen.gene_src_common_name               human 
_entity_src_gen.gene_src_genus                     Homo 
_entity_src_gen.pdbx_gene_src_gene                 ? 
_entity_src_gen.gene_src_species                   ? 
_entity_src_gen.gene_src_strain                    ? 
_entity_src_gen.gene_src_tissue                    ? 
_entity_src_gen.gene_src_tissue_fraction           ? 
_entity_src_gen.gene_src_details                   ? 
_entity_src_gen.pdbx_gene_src_fragment             ? 
_entity_src_gen.pdbx_gene_src_scientific_name      'Homo sapiens' 
_entity_src_gen.pdbx_gene_src_ncbi_taxonomy_id     9606 
_entity_src_gen.pdbx_gene_src_variant              ? 
_entity_src_gen.pdbx_gene_src_cell_line            ? 
_entity_src_gen.pdbx_gene_src_atcc                 ? 
_entity_src_gen.pdbx_gene_src_organ                ? 
_entity_src_gen.pdbx_gene_src_organelle            ? 
_entity_src_gen.pdbx_gene_src_cell                 ? 
_entity_src_gen.pdbx_gene_src_cellular_location    ? 
_entity_src_gen.host_org_common_name               ? 
_entity_src_gen.pdbx_host_org_scientific_name      'Escherichia coli' 
_entity_src_gen.pdbx_host_org_ncbi_taxonomy_id     562 
_entity_src_gen.host_org_genus                     Escherichia 
_entity_src_gen.pdbx_host_org_gene                 ? 
_entity_src_gen.pdbx_host_org_organ                ? 
_entity_src_gen.host_org_species                   ? 
_entity_src_gen.pdbx_host_org_tissue               ? 
_entity_src_gen.pdbx_host_org_tissue_fraction      ? 
_entity_src_gen.pdbx_host_org_strain               ? 
_entity_src_gen.pdbx_host_org_variant              ? 
_entity_src_gen.pdbx_host_org_cell_line            ? 
_entity_src_gen.pdbx_host_org_atcc                 ? 
_entity_src_gen.pdbx_host_org_culture_collection   ? 
_entity_src_gen.pdbx_host_org_cell                 ? 
_entity_src_gen.pdbx_host_org_organelle            ? 
_entity_src_gen.pdbx_host_org_cellular_location    ? 
_entity_src_gen.pdbx_host_org_vector_type          PLASMID 
_entity_src_gen.pdbx_host_org_vector               ? 
_entity_src_gen.host_org_details                   ? 
_entity_src_gen.expression_system_id               ? 
_entity_src_gen.plasmid_name                       PGEX-2T 
_entity_src_gen.plasmid_details                    ? 
_entity_src_gen.pdbx_description                   ? 
# 
loop_
_chem_comp.id 
_chem_comp.type 
_chem_comp.mon_nstd_flag 
_chem_comp.name 
_chem_comp.pdbx_synonyms 
_chem_comp.formula 
_chem_comp.formula_weight 
ALA 'L-peptide linking' y ALANINE                        ?                               'C3 H7 N O2'     89.093  
ARG 'L-peptide linking' y ARGININE                       ?                               'C6 H15 N4 O2 1' 175.209 
ASN 'L-peptide linking' y ASPARAGINE                     ?                               'C4 H8 N2 O3'    132.118 
ASP 'L-peptide linking' y 'ASPARTIC ACID'                ?                               'C4 H7 N O4'     133.103 
CYS 'L-peptide linking' y CYSTEINE                       ?                               'C3 H7 N O2 S'   121.158 
DTT non-polymer         . 2,3-DIHYDROXY-1,4-DITHIOBUTANE 1,4-DITHIOTHREITOL              'C4 H10 O2 S2'   154.251 
GLN 'L-peptide linking' y GLUTAMINE                      ?                               'C5 H10 N2 O3'   146.144 
GLU 'L-peptide linking' y 'GLUTAMIC ACID'                ?                               'C5 H9 N O4'     147.129 
GLY 'peptide linking'   y GLYCINE                        ?                               'C2 H5 N O2'     75.067  
GOL non-polymer         . GLYCEROL                       'GLYCERIN; PROPANE-1,2,3-TRIOL' 'C3 H8 O3'       92.094  
HIS 'L-peptide linking' y HISTIDINE                      ?                               'C6 H10 N3 O2 1' 156.162 
HOH non-polymer         . WATER                          ?                               'H2 O'           18.015  
ILE 'L-peptide linking' y ISOLEUCINE                     ?                               'C6 H13 N O2'    131.173 
LEU 'L-peptide linking' y LEUCINE                        ?                               'C6 H13 N O2'    131.173 
LYS 'L-peptide linking' y LYSINE                         ?                               'C6 H15 N2 O2 1' 147.195 
MET 'L-peptide linking' y METHIONINE                     ?                               'C5 H11 N O2 S'  149.211 
PHE 'L-peptide linking' y PHENYLALANINE                  ?                               'C9 H11 N O2'    165.189 
PRO 'L-peptide linking' y PROLINE                        ?                               'C5 H9 N O2'     115.130 
SER 'L-peptide linking' y SERINE                         ?                               'C3 H7 N O3'     105.093 
SO4 non-polymer         . 'SULFATE ION'                  ?                               'O4 S -2'        96.063  
THR 'L-peptide linking' y THREONINE                      ?                               'C4 H9 N O3'     119.119 
TRP 'L-peptide linking' y TRYPTOPHAN                     ?                               'C11 H12 N2 O2'  204.225 
TYR 'L-peptide linking' y TYROSINE                       ?                               'C9 H11 N O3'    181.189 
VAL 'L-peptide linking' y VALINE                         ?                               'C5 H11 N O2'    117.146 
# 
loop_
_pdbx_poly_seq_scheme.asym_id 
_pdbx_poly_seq_scheme.entity_id 
_pdbx_poly_seq_scheme.seq_id 
_pdbx_poly_seq_scheme.mon_id 
_pdbx_poly_seq_scheme.ndb_seq_num 
_pdbx_poly_seq_scheme.pdb_seq_num 
_pdbx_poly_seq_scheme.auth_seq_num 
_pdbx_poly_seq_scheme.pdb_mon_id 
_pdbx_poly_seq_scheme.auth_mon_id 
_pdbx_poly_seq_scheme.pdb_strand_id 
_pdbx_poly_seq_scheme.pdb_ins_code 
_pdbx_poly_seq_scheme.hetero 
A 1 1   GLY 1   111 111 GLY GLY A . n 
A 1 2   SER 2   112 112 SER SER A . n 
A 1 3   ALA 3   113 113 ALA ALA A . n 
A 1 4   SER 4   114 114 SER SER A . n 
A 1 5   PRO 5   115 115 PRO PRO A . n 
A 1 6   THR 6   116 116 THR THR A . n 
A 1 7   PRO 7   117 117 PRO PRO A . n 
A 1 8   PRO 8   118 118 PRO PRO A . n 
A 1 9   TYR 9   119 119 TYR TYR A . n 
A 1 10  LEU 10  120 120 LEU LEU A . n 
A 1 11  LYS 11  121 121 LYS LYS A . n 
A 1 12  TRP 12  122 122 TRP TRP A . n 
A 1 13  ALA 13  123 123 ALA ALA A . n 
A 1 14  GLU 14  124 124 GLU GLU A . n 
A 1 15  SER 15  125 125 SER SER A . n 
A 1 16  LEU 16  126 126 LEU LEU A . n 
A 1 17  HIS 17  127 127 HIS HIS A . n 
A 1 18  SER 18  128 128 SER SER A . n 
A 1 19  LEU 19  129 129 LEU LEU A . n 
A 1 20  LEU 20  130 130 LEU LEU A . n 
A 1 21  ASP 21  131 131 ASP ASP A . n 
A 1 22  ASP 22  132 132 ASP ASP A . n 
A 1 23  GLN 23  133 133 GLN GLN A . n 
A 1 24  ASP 24  134 134 ASP ASP A . n 
A 1 25  GLY 25  135 135 GLY GLY A . n 
A 1 26  ILE 26  136 136 ILE ILE A . n 
A 1 27  SER 27  137 137 SER SER A . n 
A 1 28  LEU 28  138 138 LEU LEU A . n 
A 1 29  PHE 29  139 139 PHE PHE A . n 
A 1 30  ARG 30  140 140 ARG ARG A . n 
A 1 31  THR 31  141 141 THR THR A . n 
A 1 32  PHE 32  142 142 PHE PHE A . n 
A 1 33  LEU 33  143 143 LEU LEU A . n 
A 1 34  LYS 34  144 144 LYS LYS A . n 
A 1 35  GLN 35  145 145 GLN GLN A . n 
A 1 36  GLU 36  146 146 GLU GLU A . n 
A 1 37  GLY 37  147 147 GLY GLY A . n 
A 1 38  CYS 38  148 148 CYS CYS A . n 
A 1 39  ALA 39  149 149 ALA ALA A . n 
A 1 40  ASP 40  150 150 ASP ASP A . n 
A 1 41  LEU 41  151 151 LEU LEU A . n 
A 1 42  LEU 42  152 152 LEU LEU A . n 
A 1 43  ASP 43  153 153 ASP ASP A . n 
A 1 44  PHE 44  154 154 PHE PHE A . n 
A 1 45  TRP 45  155 155 TRP TRP A . n 
A 1 46  PHE 46  156 156 PHE PHE A . n 
A 1 47  ALA 47  157 157 ALA ALA A . n 
A 1 48  CYS 48  158 158 CYS CYS A . n 
A 1 49  THR 49  159 159 THR THR A . n 
A 1 50  GLY 50  160 160 GLY GLY A . n 
A 1 51  PHE 51  161 161 PHE PHE A . n 
A 1 52  ARG 52  162 162 ARG ARG A . n 
A 1 53  LYS 53  163 163 LYS LYS A . n 
A 1 54  LEU 54  164 164 LEU LEU A . n 
A 1 55  GLU 55  165 165 GLU GLU A . n 
A 1 56  PRO 56  166 166 PRO PRO A . n 
A 1 57  CYS 57  167 167 CYS CYS A . n 
A 1 58  ASP 58  168 168 ASP ASP A . n 
A 1 59  SER 59  169 169 SER SER A . n 
A 1 60  ASN 60  170 170 ASN ASN A . n 
A 1 61  GLU 61  171 171 GLU GLU A . n 
A 1 62  GLU 62  172 172 GLU GLU A . n 
A 1 63  LYS 63  173 173 LYS LYS A . n 
A 1 64  ARG 64  174 174 ARG ARG A . n 
A 1 65  LEU 65  175 175 LEU LEU A . n 
A 1 66  LYS 66  176 176 LYS LYS A . n 
A 1 67  LEU 67  177 177 LEU LEU A . n 
A 1 68  ALA 68  178 178 ALA ALA A . n 
A 1 69  ARG 69  179 179 ARG ARG A . n 
A 1 70  ALA 70  180 180 ALA ALA A . n 
A 1 71  ILE 71  181 181 ILE ILE A . n 
A 1 72  TYR 72  182 182 TYR TYR A . n 
A 1 73  ARG 73  183 183 ARG ARG A . n 
A 1 74  LYS 74  184 184 LYS LYS A . n 
A 1 75  TYR 75  185 185 TYR TYR A . n 
A 1 76  ILE 76  186 186 ILE ILE A . n 
A 1 77  LEU 77  187 187 LEU LEU A . n 
A 1 78  ASP 78  188 188 ASP ASP A . n 
A 1 79  ASN 79  189 189 ASN ASN A . n 
A 1 80  ASN 80  190 190 ASN ASN A . n 
A 1 81  GLY 81  191 191 GLY GLY A . n 
A 1 82  ILE 82  192 192 ILE ILE A . n 
A 1 83  VAL 83  193 193 VAL VAL A . n 
A 1 84  SER 84  194 194 SER SER A . n 
A 1 85  ARG 85  195 195 ARG ARG A . n 
A 1 86  GLN 86  196 196 GLN GLN A . n 
A 1 87  THR 87  197 197 THR THR A . n 
A 1 88  LYS 88  198 198 LYS LYS A . n 
A 1 89  PRO 89  199 199 PRO PRO A . n 
A 1 90  ALA 90  200 200 ALA ALA A . n 
A 1 91  THR 91  201 201 THR THR A . n 
A 1 92  LYS 92  202 202 LYS LYS A . n 
A 1 93  SER 93  203 203 SER SER A . n 
A 1 94  PHE 94  204 204 PHE PHE A . n 
A 1 95  ILE 95  205 205 ILE ILE A . n 
A 1 96  LYS 96  206 206 LYS LYS A . n 
A 1 97  GLY 97  207 207 GLY GLY A . n 
A 1 98  CYS 98  208 208 CYS CYS A . n 
A 1 99  ILE 99  209 209 ILE ILE A . n 
A 1 100 MET 100 210 210 MET MET A . n 
A 1 101 LYS 101 211 211 LYS LYS A . n 
A 1 102 GLN 102 212 212 GLN GLN A . n 
A 1 103 LEU 103 213 213 LEU LEU A . n 
A 1 104 ILE 104 214 214 ILE ILE A . n 
A 1 105 ASP 105 215 215 ASP ASP A . n 
A 1 106 PRO 106 216 216 PRO PRO A . n 
A 1 107 ALA 107 217 217 ALA ALA A . n 
A 1 108 MET 108 218 218 MET MET A . n 
A 1 109 PHE 109 219 219 PHE PHE A . n 
A 1 110 ASP 110 220 220 ASP ASP A . n 
A 1 111 GLN 111 221 221 GLN GLN A . n 
A 1 112 ALA 112 222 222 ALA ALA A . n 
A 1 113 GLN 113 223 223 GLN GLN A . n 
A 1 114 THR 114 224 224 THR THR A . n 
A 1 115 GLU 115 225 225 GLU GLU A . n 
A 1 116 ILE 116 226 226 ILE ILE A . n 
A 1 117 GLN 117 227 227 GLN GLN A . n 
A 1 118 ALA 118 228 228 ALA ALA A . n 
A 1 119 THR 119 229 229 THR THR A . n 
A 1 120 MET 120 230 230 MET MET A . n 
A 1 121 GLU 121 231 231 GLU GLU A . n 
A 1 122 GLU 122 232 232 GLU GLU A . n 
A 1 123 ASN 123 233 233 ASN ASN A . n 
A 1 124 THR 124 234 234 THR THR A . n 
A 1 125 TYR 125 235 235 TYR TYR A . n 
A 1 126 PRO 126 236 236 PRO PRO A . n 
A 1 127 SER 127 237 237 SER SER A . n 
A 1 128 PHE 128 238 238 PHE PHE A . n 
A 1 129 LEU 129 239 239 LEU LEU A . n 
A 1 130 LYS 130 240 240 LYS LYS A . n 
A 1 131 SER 131 241 241 SER SER A . n 
A 1 132 ASP 132 242 242 ASP ASP A . n 
A 1 133 ILE 133 243 243 ILE ILE A . n 
A 1 134 TYR 134 244 244 TYR TYR A . n 
A 1 135 LEU 135 245 245 LEU LEU A . n 
A 1 136 GLU 136 246 246 GLU GLU A . n 
A 1 137 TYR 137 247 247 TYR TYR A . n 
A 1 138 THR 138 248 248 THR THR A . n 
A 1 139 ARG 139 249 249 ARG ARG A . n 
A 1 140 THR 140 250 250 THR THR A . n 
A 1 141 GLY 141 251 251 GLY GLY A . n 
A 1 142 SER 142 252 252 SER SER A . n 
A 1 143 GLU 143 253 253 GLU GLU A . n 
A 1 144 SER 144 254 254 SER SER A . n 
A 1 145 PRO 145 255 255 PRO PRO A . n 
A 1 146 LYS 146 256 256 LYS LYS A . n 
A 1 147 VAL 147 257 257 VAL VAL A . n 
# 
loop_
_pdbx_nonpoly_scheme.asym_id 
_pdbx_nonpoly_scheme.entity_id 
_pdbx_nonpoly_scheme.mon_id 
_pdbx_nonpoly_scheme.ndb_seq_num 
_pdbx_nonpoly_scheme.pdb_seq_num 
_pdbx_nonpoly_scheme.auth_seq_num 
_pdbx_nonpoly_scheme.pdb_mon_id 
_pdbx_nonpoly_scheme.auth_mon_id 
_pdbx_nonpoly_scheme.pdb_strand_id 
_pdbx_nonpoly_scheme.pdb_ins_code 
B 2 SO4 1   501 501 SO4 SO4 A . 
C 2 SO4 1   502 502 SO4 SO4 A . 
D 2 SO4 1   503 503 SO4 SO4 A . 
E 2 SO4 1   504 504 SO4 SO4 A . 
F 2 SO4 1   505 505 SO4 SO4 A . 
G 2 SO4 1   506 506 SO4 SO4 A . 
H 3 DTT 1   701 701 DTT DTT A . 
I 4 GOL 1   601 601 GOL GOL A . 
J 4 GOL 1   602 602 GOL GOL A . 
K 4 GOL 1   603 603 GOL GOL A . 
L 4 GOL 1   604 604 GOL GOL A . 
M 4 GOL 1   605 605 GOL GOL A . 
N 5 HOH 1   301 301 HOH HOH A . 
N 5 HOH 2   302 302 HOH HOH A . 
N 5 HOH 3   303 303 HOH HOH A . 
N 5 HOH 4   304 304 HOH HOH A . 
N 5 HOH 5   305 305 HOH HOH A . 
N 5 HOH 6   306 306 HOH HOH A . 
N 5 HOH 7   307 307 HOH HOH A . 
N 5 HOH 8   308 308 HOH HOH A . 
N 5 HOH 9   309 309 HOH HOH A . 
N 5 HOH 10  310 310 HOH HOH A . 
N 5 HOH 11  311 311 HOH HOH A . 
N 5 HOH 12  312 312 HOH HOH A . 
N 5 HOH 13  313 313 HOH HOH A . 
N 5 HOH 14  314 314 HOH HOH A . 
N 5 HOH 15  315 315 HOH HOH A . 
N 5 HOH 16  316 316 HOH HOH A . 
N 5 HOH 17  317 317 HOH HOH A . 
N 5 HOH 18  318 318 HOH HOH A . 
N 5 HOH 19  319 319 HOH HOH A . 
N 5 HOH 20  320 320 HOH HOH A . 
N 5 HOH 21  321 321 HOH HOH A . 
N 5 HOH 22  322 322 HOH HOH A . 
N 5 HOH 23  323 323 HOH HOH A . 
N 5 HOH 24  324 324 HOH HOH A . 
N 5 HOH 25  325 325 HOH HOH A . 
N 5 HOH 26  326 326 HOH HOH A . 
N 5 HOH 27  327 327 HOH HOH A . 
N 5 HOH 28  328 328 HOH HOH A . 
N 5 HOH 29  329 329 HOH HOH A . 
N 5 HOH 30  330 330 HOH HOH A . 
N 5 HOH 31  331 331 HOH HOH A . 
N 5 HOH 32  332 332 HOH HOH A . 
N 5 HOH 33  333 333 HOH HOH A . 
N 5 HOH 34  334 334 HOH HOH A . 
N 5 HOH 35  335 335 HOH HOH A . 
N 5 HOH 36  336 336 HOH HOH A . 
N 5 HOH 37  337 337 HOH HOH A . 
N 5 HOH 38  338 338 HOH HOH A . 
N 5 HOH 39  339 339 HOH HOH A . 
N 5 HOH 40  340 340 HOH HOH A . 
N 5 HOH 41  341 341 HOH HOH A . 
N 5 HOH 42  342 342 HOH HOH A . 
N 5 HOH 43  343 343 HOH HOH A . 
N 5 HOH 44  344 344 HOH HOH A . 
N 5 HOH 45  345 345 HOH HOH A . 
N 5 HOH 46  346 346 HOH HOH A . 
N 5 HOH 47  347 347 HOH HOH A . 
N 5 HOH 48  348 348 HOH HOH A . 
N 5 HOH 49  349 349 HOH HOH A . 
N 5 HOH 50  350 350 HOH HOH A . 
N 5 HOH 51  351 351 HOH HOH A . 
N 5 HOH 52  352 352 HOH HOH A . 
N 5 HOH 53  353 353 HOH HOH A . 
N 5 HOH 54  354 354 HOH HOH A . 
N 5 HOH 55  355 355 HOH HOH A . 
N 5 HOH 56  356 356 HOH HOH A . 
N 5 HOH 57  357 357 HOH HOH A . 
N 5 HOH 58  358 358 HOH HOH A . 
N 5 HOH 59  359 359 HOH HOH A . 
N 5 HOH 60  360 360 HOH HOH A . 
N 5 HOH 61  361 361 HOH HOH A . 
N 5 HOH 62  362 362 HOH HOH A . 
N 5 HOH 63  363 363 HOH HOH A . 
N 5 HOH 64  364 364 HOH HOH A . 
N 5 HOH 65  365 365 HOH HOH A . 
N 5 HOH 66  366 366 HOH HOH A . 
N 5 HOH 67  367 367 HOH HOH A . 
N 5 HOH 68  368 368 HOH HOH A . 
N 5 HOH 69  369 369 HOH HOH A . 
N 5 HOH 70  370 370 HOH HOH A . 
N 5 HOH 71  371 371 HOH HOH A . 
N 5 HOH 72  372 372 HOH HOH A . 
N 5 HOH 73  373 373 HOH HOH A . 
N 5 HOH 74  374 374 HOH HOH A . 
N 5 HOH 75  375 375 HOH HOH A . 
N 5 HOH 76  376 376 HOH HOH A . 
N 5 HOH 77  377 377 HOH HOH A . 
N 5 HOH 78  378 378 HOH HOH A . 
N 5 HOH 79  379 379 HOH HOH A . 
N 5 HOH 80  380 380 HOH HOH A . 
N 5 HOH 81  381 381 HOH HOH A . 
N 5 HOH 82  382 382 HOH HOH A . 
N 5 HOH 83  383 383 HOH HOH A . 
N 5 HOH 84  384 384 HOH HOH A . 
N 5 HOH 85  385 385 HOH HOH A . 
N 5 HOH 86  386 386 HOH HOH A . 
N 5 HOH 87  387 387 HOH HOH A . 
N 5 HOH 88  388 388 HOH HOH A . 
N 5 HOH 89  389 389 HOH HOH A . 
N 5 HOH 90  390 390 HOH HOH A . 
N 5 HOH 91  391 391 HOH HOH A . 
N 5 HOH 92  392 392 HOH HOH A . 
N 5 HOH 93  393 393 HOH HOH A . 
N 5 HOH 94  394 394 HOH HOH A . 
N 5 HOH 95  395 395 HOH HOH A . 
N 5 HOH 96  396 396 HOH HOH A . 
N 5 HOH 97  397 397 HOH HOH A . 
N 5 HOH 98  398 398 HOH HOH A . 
N 5 HOH 99  399 399 HOH HOH A . 
N 5 HOH 100 400 400 HOH HOH A . 
N 5 HOH 101 401 401 HOH HOH A . 
N 5 HOH 102 402 402 HOH HOH A . 
N 5 HOH 103 403 403 HOH HOH A . 
N 5 HOH 104 404 404 HOH HOH A . 
N 5 HOH 105 405 405 HOH HOH A . 
N 5 HOH 106 406 406 HOH HOH A . 
N 5 HOH 107 407 407 HOH HOH A . 
N 5 HOH 108 408 408 HOH HOH A . 
N 5 HOH 109 409 409 HOH HOH A . 
N 5 HOH 110 410 410 HOH HOH A . 
N 5 HOH 111 411 411 HOH HOH A . 
N 5 HOH 112 412 412 HOH HOH A . 
N 5 HOH 113 413 413 HOH HOH A . 
N 5 HOH 114 414 414 HOH HOH A . 
N 5 HOH 115 415 415 HOH HOH A . 
N 5 HOH 116 416 416 HOH HOH A . 
N 5 HOH 117 417 417 HOH HOH A . 
N 5 HOH 118 418 418 HOH HOH A . 
N 5 HOH 119 419 419 HOH HOH A . 
N 5 HOH 120 420 420 HOH HOH A . 
N 5 HOH 121 421 421 HOH HOH A . 
N 5 HOH 122 422 422 HOH HOH A . 
N 5 HOH 123 423 423 HOH HOH A . 
N 5 HOH 124 424 424 HOH HOH A . 
N 5 HOH 125 425 425 HOH HOH A . 
N 5 HOH 126 426 426 HOH HOH A . 
N 5 HOH 127 427 427 HOH HOH A . 
N 5 HOH 128 428 428 HOH HOH A . 
N 5 HOH 129 429 429 HOH HOH A . 
N 5 HOH 130 430 430 HOH HOH A . 
N 5 HOH 131 431 431 HOH HOH A . 
N 5 HOH 132 432 432 HOH HOH A . 
N 5 HOH 133 433 433 HOH HOH A . 
N 5 HOH 134 434 434 HOH HOH A . 
N 5 HOH 135 435 435 HOH HOH A . 
N 5 HOH 136 436 436 HOH HOH A . 
N 5 HOH 137 437 437 HOH HOH A . 
N 5 HOH 138 438 438 HOH HOH A . 
N 5 HOH 139 439 439 HOH HOH A . 
N 5 HOH 140 440 440 HOH HOH A . 
N 5 HOH 141 441 441 HOH HOH A . 
N 5 HOH 142 442 442 HOH HOH A . 
N 5 HOH 143 443 443 HOH HOH A . 
N 5 HOH 144 444 444 HOH HOH A . 
N 5 HOH 145 445 445 HOH HOH A . 
N 5 HOH 146 446 446 HOH HOH A . 
N 5 HOH 147 447 447 HOH HOH A . 
N 5 HOH 148 448 448 HOH HOH A . 
N 5 HOH 149 449 449 HOH HOH A . 
N 5 HOH 150 450 450 HOH HOH A . 
N 5 HOH 151 451 451 HOH HOH A . 
N 5 HOH 152 452 452 HOH HOH A . 
N 5 HOH 153 453 453 HOH HOH A . 
N 5 HOH 154 454 454 HOH HOH A . 
N 5 HOH 155 455 455 HOH HOH A . 
N 5 HOH 156 456 456 HOH HOH A . 
N 5 HOH 157 457 457 HOH HOH A . 
N 5 HOH 158 458 458 HOH HOH A . 
N 5 HOH 159 459 459 HOH HOH A . 
N 5 HOH 160 460 460 HOH HOH A . 
N 5 HOH 161 461 461 HOH HOH A . 
N 5 HOH 162 462 462 HOH HOH A . 
N 5 HOH 163 463 463 HOH HOH A . 
N 5 HOH 164 464 464 HOH HOH A . 
N 5 HOH 165 465 465 HOH HOH A . 
N 5 HOH 166 466 466 HOH HOH A . 
N 5 HOH 167 467 467 HOH HOH A . 
N 5 HOH 168 468 468 HOH HOH A . 
N 5 HOH 169 469 469 HOH HOH A . 
N 5 HOH 170 470 470 HOH HOH A . 
N 5 HOH 171 471 471 HOH HOH A . 
N 5 HOH 172 472 472 HOH HOH A . 
N 5 HOH 173 473 473 HOH HOH A . 
N 5 HOH 174 474 474 HOH HOH A . 
N 5 HOH 175 475 475 HOH HOH A . 
N 5 HOH 176 476 476 HOH HOH A . 
N 5 HOH 177 477 477 HOH HOH A . 
N 5 HOH 178 478 478 HOH HOH A . 
# 
loop_
_software.name 
_software.classification 
_software.version 
_software.citation_id 
_software.pdbx_ordinal 
AMoRE     phasing          .   ? 1 
CNS       refinement       0.5 ? 2 
DENZO     'data reduction' .   ? 3 
SCALEPACK 'data scaling'   .   ? 4 
# 
_cell.entry_id           1DK8 
_cell.length_a           32.570 
_cell.length_b           117.880 
_cell.length_c           81.900 
_cell.angle_alpha        90.00 
_cell.angle_beta         90.00 
_cell.angle_gamma        90.00 
_cell.Z_PDB              8 
_cell.pdbx_unique_axis   ? 
# 
_symmetry.entry_id                         1DK8 
_symmetry.space_group_name_H-M             'C 2 2 21' 
_symmetry.pdbx_full_space_group_name_H-M   ? 
_symmetry.cell_setting                     ? 
_symmetry.Int_Tables_number                20 
# 
_exptl.entry_id          1DK8 
_exptl.method            'X-RAY DIFFRACTION' 
_exptl.crystals_number   1 
# 
_exptl_crystal.id                    1 
_exptl_crystal.density_meas          ? 
_exptl_crystal.density_Matthews      2.34 
_exptl_crystal.density_percent_sol   47.42 
_exptl_crystal.description           ? 
# 
_exptl_crystal_grow.crystal_id      1 
_exptl_crystal_grow.method          'VAPOR DIFFUSION, HANGING DROP' 
_exptl_crystal_grow.temp            277 
_exptl_crystal_grow.temp_details    ? 
_exptl_crystal_grow.pH              4.25 
_exptl_crystal_grow.pdbx_details    
'sodium acetate, ammonium sulfate, glycerol, dithiothreitol, pH 4.25, VAPOR DIFFUSION, HANGING DROP, temperature 277K' 
_exptl_crystal_grow.pdbx_pH_range   . 
# 
_diffrn.id                     1 
_diffrn.ambient_temp           100 
_diffrn.ambient_temp_details   ? 
_diffrn.crystal_id             1 
# 
_diffrn_detector.diffrn_id              1 
_diffrn_detector.detector               'IMAGE PLATE' 
_diffrn_detector.type                   MARRESEARCH 
_diffrn_detector.pdbx_collection_date   1999-03-24 
_diffrn_detector.details                ? 
# 
_diffrn_radiation.diffrn_id                        1 
_diffrn_radiation.wavelength_id                    1 
_diffrn_radiation.pdbx_monochromatic_or_laue_m_l   M 
_diffrn_radiation.monochromator                    ? 
_diffrn_radiation.pdbx_diffrn_protocol             'SINGLE WAVELENGTH' 
_diffrn_radiation.pdbx_scattering_type             x-ray 
# 
_diffrn_radiation_wavelength.id           1 
_diffrn_radiation_wavelength.wavelength   0.98 
_diffrn_radiation_wavelength.wt           1.0 
# 
_diffrn_source.diffrn_id                   1 
_diffrn_source.source                      SYNCHROTRON 
_diffrn_source.type                        'SSRL BEAMLINE BL9-1' 
_diffrn_source.pdbx_synchrotron_site       SSRL 
_diffrn_source.pdbx_synchrotron_beamline   BL9-1 
_diffrn_source.pdbx_wavelength             0.98 
_diffrn_source.pdbx_wavelength_list        ? 
# 
_reflns.entry_id                     1DK8 
_reflns.observed_criterion_sigma_I   0 
_reflns.observed_criterion_sigma_F   0 
_reflns.d_resolution_low             29.3 
_reflns.d_resolution_high            1.57 
_reflns.number_obs                   22359 
_reflns.number_all                   22567 
_reflns.percent_possible_obs         99.1 
_reflns.pdbx_Rmerge_I_obs            0.0510000 
_reflns.pdbx_Rsym_value              ? 
_reflns.pdbx_netI_over_sigmaI        14.5 
_reflns.B_iso_Wilson_estimate        13.9 
_reflns.pdbx_redundancy              3.6 
_reflns.R_free_details               ? 
_reflns.limit_h_max                  ? 
_reflns.limit_h_min                  ? 
_reflns.limit_k_max                  ? 
_reflns.limit_k_min                  ? 
_reflns.limit_l_max                  ? 
_reflns.limit_l_min                  ? 
_reflns.observed_criterion_F_max     ? 
_reflns.observed_criterion_F_min     ? 
_reflns.pdbx_ordinal                 1 
_reflns.pdbx_diffrn_id               1 
# 
_reflns_shell.d_res_high             1.57 
_reflns_shell.d_res_low              1.59 
_reflns_shell.percent_possible_all   99.1 
_reflns_shell.Rmerge_I_obs           0.1860000 
_reflns_shell.pdbx_Rsym_value        ? 
_reflns_shell.meanI_over_sigI_obs    ? 
_reflns_shell.pdbx_redundancy        3.0 
_reflns_shell.percent_possible_obs   ? 
_reflns_shell.number_unique_all      688 
_reflns_shell.pdbx_ordinal           1 
_reflns_shell.pdbx_diffrn_id         1 
# 
_refine.entry_id                                 1DK8 
_refine.ls_number_reflns_obs                     22338 
_refine.ls_number_reflns_all                     22567 
_refine.pdbx_ls_sigma_I                          0 
_refine.pdbx_ls_sigma_F                          0.0 
_refine.pdbx_data_cutoff_high_absF               1491306.65 
_refine.pdbx_data_cutoff_low_absF                0.00 
_refine.ls_d_res_low                             29.30 
_refine.ls_d_res_high                            1.57 
_refine.ls_percent_reflns_obs                    98.9 
_refine.ls_R_factor_obs                          0.1720000 
_refine.ls_R_factor_all                          ? 
_refine.ls_R_factor_R_work                       0.1720000 
_refine.ls_R_factor_R_free                       0.1980000 
_refine.ls_R_factor_R_free_error                 0.004 
_refine.ls_R_factor_R_free_error_details         ? 
_refine.ls_percent_reflns_R_free                 9.9 
_refine.ls_number_reflns_R_free                  2211 
_refine.ls_number_parameters                     ? 
_refine.ls_number_restraints                     ? 
_refine.occupancy_min                            ? 
_refine.occupancy_max                            ? 
_refine.B_iso_mean                               15.3 
_refine.aniso_B[1][1]                            -0.71 
_refine.aniso_B[2][2]                            1.33 
_refine.aniso_B[3][3]                            -0.62 
_refine.aniso_B[1][2]                            0.00 
_refine.aniso_B[1][3]                            0.00 
_refine.aniso_B[2][3]                            0.00 
_refine.solvent_model_details                    'FLAT MODEL' 
_refine.solvent_model_param_ksol                 0.385 
_refine.solvent_model_param_bsol                 37.91 
_refine.pdbx_ls_cross_valid_method               THROUGHOUT 
_refine.details                                  ? 
_refine.pdbx_starting_model                      ? 
_refine.pdbx_method_to_determine_struct          ? 
_refine.pdbx_isotropic_thermal_model             RESTRAINED 
_refine.pdbx_stereochemistry_target_values       'Engh & Huber' 
_refine.pdbx_stereochem_target_val_spec_case     ? 
_refine.pdbx_R_Free_selection_details            RANDOM 
_refine.pdbx_overall_ESU_R_Free                  ? 
_refine.overall_SU_B                             ? 
_refine.ls_redundancy_reflns_obs                 ? 
_refine.overall_SU_ML                            ? 
_refine.pdbx_overall_ESU_R                       ? 
_refine.pdbx_data_cutoff_high_rms_absF           ? 
_refine.B_iso_min                                ? 
_refine.B_iso_max                                ? 
_refine.pdbx_refine_id                           'X-RAY DIFFRACTION' 
_refine.pdbx_diffrn_id                           1 
_refine.pdbx_TLS_residual_ADP_flag               ? 
_refine.correlation_coeff_Fo_to_Fc               ? 
_refine.correlation_coeff_Fo_to_Fc_free          ? 
_refine.pdbx_solvent_vdw_probe_radii             ? 
_refine.pdbx_solvent_ion_probe_radii             ? 
_refine.pdbx_solvent_shrinkage_radii             ? 
_refine.pdbx_overall_phase_error                 ? 
_refine.overall_SU_R_Cruickshank_DPI             ? 
_refine.pdbx_overall_SU_R_free_Cruickshank_DPI   ? 
_refine.pdbx_overall_SU_R_Blow_DPI               ? 
_refine.pdbx_overall_SU_R_free_Blow_DPI          ? 
# 
_refine_analyze.entry_id                        1DK8 
_refine_analyze.Luzzati_coordinate_error_obs    0.15 
_refine_analyze.Luzzati_sigma_a_obs             0.08 
_refine_analyze.Luzzati_d_res_low_obs           5.00 
_refine_analyze.Luzzati_coordinate_error_free   0.18 
_refine_analyze.Luzzati_sigma_a_free            0.10 
_refine_analyze.Luzzati_d_res_low_free          ? 
_refine_analyze.number_disordered_residues      ? 
_refine_analyze.occupancy_sum_hydrogen          ? 
_refine_analyze.occupancy_sum_non_hydrogen      ? 
_refine_analyze.pdbx_Luzzati_d_res_high_obs     ? 
_refine_analyze.pdbx_refine_id                  'X-RAY DIFFRACTION' 
# 
_refine_hist.pdbx_refine_id                   'X-RAY DIFFRACTION' 
_refine_hist.cycle_id                         LAST 
_refine_hist.pdbx_number_atoms_protein        1179 
_refine_hist.pdbx_number_atoms_nucleic_acid   0 
_refine_hist.pdbx_number_atoms_ligand         68 
_refine_hist.number_atoms_solvent             178 
_refine_hist.number_atoms_total               1425 
_refine_hist.d_res_high                       1.57 
_refine_hist.d_res_low                        29.30 
# 
loop_
_refine_ls_restr.type 
_refine_ls_restr.dev_ideal 
_refine_ls_restr.dev_ideal_target 
_refine_ls_restr.weight 
_refine_ls_restr.number 
_refine_ls_restr.pdbx_refine_id 
_refine_ls_restr.pdbx_restraint_function 
c_bond_d                0.007 ?    ? ? 'X-RAY DIFFRACTION' ? 
c_bond_d_na             ?     ?    ? ? 'X-RAY DIFFRACTION' ? 
c_bond_d_prot           ?     ?    ? ? 'X-RAY DIFFRACTION' ? 
c_angle_d               ?     ?    ? ? 'X-RAY DIFFRACTION' ? 
c_angle_d_na            ?     ?    ? ? 'X-RAY DIFFRACTION' ? 
c_angle_d_prot          ?     ?    ? ? 'X-RAY DIFFRACTION' ? 
c_angle_deg             1.4   ?    ? ? 'X-RAY DIFFRACTION' ? 
c_angle_deg_na          ?     ?    ? ? 'X-RAY DIFFRACTION' ? 
c_angle_deg_prot        ?     ?    ? ? 'X-RAY DIFFRACTION' ? 
c_dihedral_angle_d      19.5  ?    ? ? 'X-RAY DIFFRACTION' ? 
c_dihedral_angle_d_na   ?     ?    ? ? 'X-RAY DIFFRACTION' ? 
c_dihedral_angle_d_prot ?     ?    ? ? 'X-RAY DIFFRACTION' ? 
c_improper_angle_d      0.88  ?    ? ? 'X-RAY DIFFRACTION' ? 
c_improper_angle_d_na   ?     ?    ? ? 'X-RAY DIFFRACTION' ? 
c_improper_angle_d_prot ?     ?    ? ? 'X-RAY DIFFRACTION' ? 
c_mcbond_it             1.46  1.50 ? ? 'X-RAY DIFFRACTION' ? 
c_mcangle_it            2.12  2.00 ? ? 'X-RAY DIFFRACTION' ? 
c_scbond_it             2.44  3.00 ? ? 'X-RAY DIFFRACTION' ? 
c_scangle_it            3.42  3.50 ? ? 'X-RAY DIFFRACTION' ? 
# 
_refine_ls_shell.pdbx_total_number_of_bins_used   6 
_refine_ls_shell.d_res_high                       1.57 
_refine_ls_shell.d_res_low                        1.67 
_refine_ls_shell.number_reflns_R_work             3296 
_refine_ls_shell.R_factor_R_work                  0.1850000 
_refine_ls_shell.percent_reflns_obs               98.9 
_refine_ls_shell.R_factor_R_free                  0.2160000 
_refine_ls_shell.R_factor_R_free_error            0.012 
_refine_ls_shell.percent_reflns_R_free            8.9 
_refine_ls_shell.number_reflns_R_free             321 
_refine_ls_shell.redundancy_reflns_obs            ? 
_refine_ls_shell.number_reflns_all                ? 
_refine_ls_shell.number_reflns_obs                ? 
_refine_ls_shell.pdbx_refine_id                   'X-RAY DIFFRACTION' 
_refine_ls_shell.R_factor_all                     ? 
# 
loop_
_pdbx_xplor_file.serial_no 
_pdbx_xplor_file.param_file 
_pdbx_xplor_file.topol_file 
_pdbx_xplor_file.pdbx_refine_id 
1 PROTEIN_REP.PARAM PROTEIN.TOP 'X-RAY DIFFRACTION' 
2 WATER_REP.PARAM   ?           'X-RAY DIFFRACTION' 
3 ION.PARAM         ?           'X-RAY DIFFRACTION' 
# 
_struct.entry_id                  1DK8 
_struct.title                     'CRYSTAL STRUCTURE OF THE RGS-HOMOLOGOUS DOMAIN OF AXIN' 
_struct.pdbx_model_details        ? 
_struct.pdbx_CASP_flag            ? 
_struct.pdbx_model_type_details   ? 
# 
_struct_keywords.entry_id        1DK8 
_struct_keywords.pdbx_keywords   'SIGNALING PROTEIN' 
_struct_keywords.text            'ALPHA-HELIX, PI-HELIX, SIGNALING PROTEIN' 
# 
loop_
_struct_asym.id 
_struct_asym.pdbx_blank_PDB_chainid_flag 
_struct_asym.pdbx_modified 
_struct_asym.entity_id 
_struct_asym.details 
A N N 1 ? 
B N N 2 ? 
C N N 2 ? 
D N N 2 ? 
E N N 2 ? 
F N N 2 ? 
G N N 2 ? 
H N N 3 ? 
I N N 4 ? 
J N N 4 ? 
K N N 4 ? 
L N N 4 ? 
M N N 4 ? 
N N N 5 ? 
# 
_struct_ref.id                         1 
_struct_ref.db_name                    UNP 
_struct_ref.db_code                    AXN1_HUMAN 
_struct_ref.entity_id                  1 
_struct_ref.pdbx_db_accession          O15169 
_struct_ref.pdbx_align_begin           ? 
_struct_ref.pdbx_seq_one_letter_code   ? 
_struct_ref.pdbx_db_isoform            ? 
# 
_struct_ref_seq.align_id                      1 
_struct_ref_seq.ref_id                        1 
_struct_ref_seq.pdbx_PDB_id_code              1DK8 
_struct_ref_seq.pdbx_strand_id                A 
_struct_ref_seq.seq_align_beg                 1 
_struct_ref_seq.pdbx_seq_align_beg_ins_code   ? 
_struct_ref_seq.seq_align_end                 147 
_struct_ref_seq.pdbx_seq_align_end_ins_code   ? 
_struct_ref_seq.pdbx_db_accession             O15169 
_struct_ref_seq.db_align_beg                  111 
_struct_ref_seq.pdbx_db_align_beg_ins_code    ? 
_struct_ref_seq.db_align_end                  257 
_struct_ref_seq.pdbx_db_align_end_ins_code    ? 
_struct_ref_seq.pdbx_auth_seq_align_beg       111 
_struct_ref_seq.pdbx_auth_seq_align_end       257 
# 
_pdbx_struct_assembly.id                   1 
_pdbx_struct_assembly.details              author_defined_assembly 
_pdbx_struct_assembly.method_details       ? 
_pdbx_struct_assembly.oligomeric_details   dimeric 
_pdbx_struct_assembly.oligomeric_count     2 
# 
_pdbx_struct_assembly_gen.assembly_id       1 
_pdbx_struct_assembly_gen.oper_expression   1,2 
_pdbx_struct_assembly_gen.asym_id_list      A,B,C,D,E,F,G,H,I,J,K,L,M,N 
# 
loop_
_pdbx_struct_oper_list.id 
_pdbx_struct_oper_list.type 
_pdbx_struct_oper_list.name 
_pdbx_struct_oper_list.symmetry_operation 
_pdbx_struct_oper_list.matrix[1][1] 
_pdbx_struct_oper_list.matrix[1][2] 
_pdbx_struct_oper_list.matrix[1][3] 
_pdbx_struct_oper_list.vector[1] 
_pdbx_struct_oper_list.matrix[2][1] 
_pdbx_struct_oper_list.matrix[2][2] 
_pdbx_struct_oper_list.matrix[2][3] 
_pdbx_struct_oper_list.vector[2] 
_pdbx_struct_oper_list.matrix[3][1] 
_pdbx_struct_oper_list.matrix[3][2] 
_pdbx_struct_oper_list.matrix[3][3] 
_pdbx_struct_oper_list.vector[3] 
1 'identity operation'         1_555 x,y,z             1.0000000000 0.0000000000 0.0000000000 0.0000000000  0.0000000000 1.0000000000  0.0000000000 0.0000000000  0.0000000000 0.0000000000 1.0000000000  0.0000000000  
2 'crystal symmetry operation' 8_556 x+1/2,-y+1/2,-z+1 0.0990620005 0.8461956415 0.5235834760 10.6481893600 0.8461956415 -0.3484925660 0.4031201653 19.6732189513 0.5235834760 0.4031201653 -0.7505694345 -8.0333986234 
# 
_struct_biol.id                    1 
_struct_biol.details               'full-length Axin exists as a dimer in vivo' 
_struct_biol.pdbx_parent_biol_id   ? 
# 
loop_
_struct_conf.conf_type_id 
_struct_conf.id 
_struct_conf.pdbx_PDB_helix_id 
_struct_conf.beg_label_comp_id 
_struct_conf.beg_label_asym_id 
_struct_conf.beg_label_seq_id 
_struct_conf.pdbx_beg_PDB_ins_code 
_struct_conf.end_label_comp_id 
_struct_conf.end_label_asym_id 
_struct_conf.end_label_seq_id 
_struct_conf.pdbx_end_PDB_ins_code 
_struct_conf.beg_auth_comp_id 
_struct_conf.beg_auth_asym_id 
_struct_conf.beg_auth_seq_id 
_struct_conf.end_auth_comp_id 
_struct_conf.end_auth_asym_id 
_struct_conf.end_auth_seq_id 
_struct_conf.pdbx_PDB_helix_class 
_struct_conf.details 
_struct_conf.pdbx_PDB_helix_length 
HELX_P HELX_P1  1  PRO A 7   ? SER A 15  ? PRO A 117 SER A 125 1 ? 9  
HELX_P HELX_P2  2  SER A 15  ? LEU A 20  ? SER A 125 LEU A 130 1 ? 6  
HELX_P HELX_P3  3  ASP A 22  ? GLN A 35  ? ASP A 132 GLN A 145 1 ? 14 
HELX_P HELX_P4  4  CYS A 38  ? LEU A 54  ? CYS A 148 LEU A 164 1 ? 17 
HELX_P HELX_P5  5  ASN A 60  ? ILE A 76  ? ASN A 170 ILE A 186 1 ? 17 
HELX_P HELX_P6  6  GLY A 81  ? THR A 87  ? GLY A 191 THR A 197 1 ? 7  
HELX_P HELX_P7  7  LYS A 88  ? GLN A 102 ? LYS A 198 GLN A 212 1 ? 15 
HELX_P HELX_P8  8  PHE A 109 ? ASN A 123 ? PHE A 219 ASN A 233 1 ? 15 
HELX_P HELX_P9  9  ASN A 123 ? LEU A 129 ? ASN A 233 LEU A 239 1 ? 7  
HELX_P HELX_P10 10 SER A 131 ? GLU A 136 ? SER A 241 GLU A 246 1 ? 6  
# 
_struct_conf_type.id          HELX_P 
_struct_conf_type.criteria    ? 
_struct_conf_type.reference   ? 
# 
loop_
_struct_site.id 
_struct_site.pdbx_evidence_code 
_struct_site.pdbx_auth_asym_id 
_struct_site.pdbx_auth_comp_id 
_struct_site.pdbx_auth_seq_id 
_struct_site.pdbx_auth_ins_code 
_struct_site.pdbx_num_residues 
_struct_site.details 
AC1 Software A SO4 501 ? 14 'BINDING SITE FOR RESIDUE SO4 A 501' 
AC2 Software A SO4 502 ? 4  'BINDING SITE FOR RESIDUE SO4 A 502' 
AC3 Software A SO4 503 ? 7  'BINDING SITE FOR RESIDUE SO4 A 503' 
AC4 Software A SO4 504 ? 6  'BINDING SITE FOR RESIDUE SO4 A 504' 
AC5 Software A SO4 505 ? 5  'BINDING SITE FOR RESIDUE SO4 A 505' 
AC6 Software A SO4 506 ? 5  'BINDING SITE FOR RESIDUE SO4 A 506' 
AC7 Software A DTT 701 ? 7  'BINDING SITE FOR RESIDUE DTT A 701' 
AC8 Software A GOL 601 ? 8  'BINDING SITE FOR RESIDUE GOL A 601' 
AC9 Software A GOL 602 ? 8  'BINDING SITE FOR RESIDUE GOL A 602' 
BC1 Software A GOL 603 ? 9  'BINDING SITE FOR RESIDUE GOL A 603' 
BC2 Software A GOL 604 ? 3  'BINDING SITE FOR RESIDUE GOL A 604' 
BC3 Software A GOL 605 ? 7  'BINDING SITE FOR RESIDUE GOL A 605' 
# 
loop_
_struct_site_gen.id 
_struct_site_gen.site_id 
_struct_site_gen.pdbx_num_res 
_struct_site_gen.label_comp_id 
_struct_site_gen.label_asym_id 
_struct_site_gen.label_seq_id 
_struct_site_gen.pdbx_auth_ins_code 
_struct_site_gen.auth_comp_id 
_struct_site_gen.auth_asym_id 
_struct_site_gen.auth_seq_id 
_struct_site_gen.label_atom_id 
_struct_site_gen.label_alt_id 
_struct_site_gen.symmetry 
_struct_site_gen.details 
1  AC1 14 PHE A 32  ? PHE A 142 . ? 8_556 ? 
2  AC1 14 LYS A 74  ? LYS A 184 . ? 1_555 ? 
3  AC1 14 TYR A 75  ? TYR A 185 . ? 1_555 ? 
4  AC1 14 LYS A 130 ? LYS A 240 . ? 8_556 ? 
5  AC1 14 SER A 131 ? SER A 241 . ? 8_556 ? 
6  AC1 14 ASP A 132 ? ASP A 242 . ? 8_556 ? 
7  AC1 14 HOH N .   ? HOH A 308 . ? 1_555 ? 
8  AC1 14 HOH N .   ? HOH A 311 . ? 8_556 ? 
9  AC1 14 HOH N .   ? HOH A 314 . ? 8_556 ? 
10 AC1 14 HOH N .   ? HOH A 337 . ? 8_556 ? 
11 AC1 14 HOH N .   ? HOH A 371 . ? 1_555 ? 
12 AC1 14 HOH N .   ? HOH A 405 . ? 1_555 ? 
13 AC1 14 HOH N .   ? HOH A 449 . ? 8_556 ? 
14 AC1 14 HOH N .   ? HOH A 455 . ? 8_556 ? 
15 AC2 4  THR A 6   ? THR A 116 . ? 1_555 ? 
16 AC2 4  LYS A 11  ? LYS A 121 . ? 1_555 ? 
17 AC2 4  LYS A 130 ? LYS A 240 . ? 3_555 ? 
18 AC2 4  HOH N .   ? HOH A 412 . ? 1_555 ? 
19 AC3 7  ARG A 30  ? ARG A 140 . ? 1_555 ? 
20 AC3 7  LYS A 34  ? LYS A 144 . ? 1_555 ? 
21 AC3 7  SER A 127 ? SER A 237 . ? 8_556 ? 
22 AC3 7  HOH N .   ? HOH A 370 . ? 8_556 ? 
23 AC3 7  HOH N .   ? HOH A 410 . ? 1_555 ? 
24 AC3 7  HOH N .   ? HOH A 438 . ? 1_555 ? 
25 AC3 7  HOH N .   ? HOH A 472 . ? 1_555 ? 
26 AC4 6  SER A 27  ? SER A 137 . ? 1_555 ? 
27 AC4 6  ARG A 85  ? ARG A 195 . ? 8_556 ? 
28 AC4 6  GLN A 86  ? GLN A 196 . ? 8_556 ? 
29 AC4 6  HOH N .   ? HOH A 404 . ? 1_555 ? 
30 AC4 6  HOH N .   ? HOH A 443 . ? 1_555 ? 
31 AC4 6  SO4 G .   ? SO4 A 506 . ? 1_555 ? 
32 AC5 5  GLY A 141 ? GLY A 251 . ? 1_555 ? 
33 AC5 5  SER A 142 ? SER A 252 . ? 1_555 ? 
34 AC5 5  HOH N .   ? HOH A 331 . ? 8_556 ? 
35 AC5 5  HOH N .   ? HOH A 350 . ? 1_555 ? 
36 AC5 5  HOH N .   ? HOH A 372 . ? 1_555 ? 
37 AC6 5  THR A 31  ? THR A 141 . ? 1_555 ? 
38 AC6 5  LYS A 34  ? LYS A 144 . ? 1_555 ? 
39 AC6 5  LYS A 53  ? LYS A 163 . ? 8_456 ? 
40 AC6 5  HOH N .   ? HOH A 363 . ? 1_555 ? 
41 AC6 5  SO4 E .   ? SO4 A 504 . ? 1_555 ? 
42 AC7 7  GLU A 14  ? GLU A 124 . ? 1_555 ? 
43 AC7 7  SER A 15  ? SER A 125 . ? 1_555 ? 
44 AC7 7  LEU A 16  ? LEU A 126 . ? 1_555 ? 
45 AC7 7  HIS A 17  ? HIS A 127 . ? 1_555 ? 
46 AC7 7  GLU A 121 ? GLU A 231 . ? 1_555 ? 
47 AC7 7  TYR A 125 ? TYR A 235 . ? 1_555 ? 
48 AC7 7  HOH N .   ? HOH A 398 . ? 3_555 ? 
49 AC8 8  CYS A 57  ? CYS A 167 . ? 8_456 ? 
50 AC8 8  ASP A 58  ? ASP A 168 . ? 8_456 ? 
51 AC8 8  SER A 59  ? SER A 169 . ? 8_456 ? 
52 AC8 8  LYS A 92  ? LYS A 202 . ? 8_556 ? 
53 AC8 8  SER A 93  ? SER A 203 . ? 8_556 ? 
54 AC8 8  LYS A 96  ? LYS A 206 . ? 8_556 ? 
55 AC8 8  HOH N .   ? HOH A 320 . ? 8_556 ? 
56 AC8 8  GOL J .   ? GOL A 602 . ? 1_555 ? 
57 AC9 8  ASP A 58  ? ASP A 168 . ? 8_456 ? 
58 AC9 8  ALA A 90  ? ALA A 200 . ? 5_555 ? 
59 AC9 8  SER A 93  ? SER A 203 . ? 8_556 ? 
60 AC9 8  LYS A 96  ? LYS A 206 . ? 8_556 ? 
61 AC9 8  HOH N .   ? HOH A 457 . ? 5_555 ? 
62 AC9 8  HOH N .   ? HOH A 477 . ? 1_555 ? 
63 AC9 8  GOL I .   ? GOL A 601 . ? 1_555 ? 
64 AC9 8  GOL M .   ? GOL A 605 . ? 8_556 ? 
65 BC1 9  CYS A 98  ? CYS A 208 . ? 4_556 ? 
66 BC1 9  CYS A 98  ? CYS A 208 . ? 1_555 ? 
67 BC1 9  LEU A 103 ? LEU A 213 . ? 1_555 ? 
68 BC1 9  LEU A 103 ? LEU A 213 . ? 4_556 ? 
69 BC1 9  ILE A 104 ? ILE A 214 . ? 4_556 ? 
70 BC1 9  ASP A 105 ? ASP A 215 . ? 1_555 ? 
71 BC1 9  ASP A 105 ? ASP A 215 . ? 4_556 ? 
72 BC1 9  HOH N .   ? HOH A 364 . ? 4_556 ? 
73 BC1 9  HOH N .   ? HOH A 364 . ? 1_555 ? 
74 BC2 3  TYR A 9   ? TYR A 119 . ? 1_555 ? 
75 BC2 3  ARG A 139 ? ARG A 249 . ? 1_555 ? 
76 BC2 3  ARG A 139 ? ARG A 249 . ? 3_555 ? 
77 BC3 7  PRO A 89  ? PRO A 199 . ? 4_556 ? 
78 BC3 7  ALA A 90  ? ALA A 200 . ? 4_556 ? 
79 BC3 7  SER A 93  ? SER A 203 . ? 4_556 ? 
80 BC3 7  SER A 93  ? SER A 203 . ? 1_555 ? 
81 BC3 7  HOH N .   ? HOH A 444 . ? 4_456 ? 
82 BC3 7  HOH N .   ? HOH A 457 . ? 4_556 ? 
83 BC3 7  GOL J .   ? GOL A 602 . ? 8_456 ? 
# 
_pdbx_validate_torsion.id              1 
_pdbx_validate_torsion.PDB_model_num   1 
_pdbx_validate_torsion.auth_comp_id    ASN 
_pdbx_validate_torsion.auth_asym_id    A 
_pdbx_validate_torsion.auth_seq_id     233 
_pdbx_validate_torsion.PDB_ins_code    ? 
_pdbx_validate_torsion.label_alt_id    ? 
_pdbx_validate_torsion.phi             -129.82 
_pdbx_validate_torsion.psi             -74.75 
# 
loop_
_pdbx_struct_special_symmetry.id 
_pdbx_struct_special_symmetry.PDB_model_num 
_pdbx_struct_special_symmetry.auth_asym_id 
_pdbx_struct_special_symmetry.auth_comp_id 
_pdbx_struct_special_symmetry.auth_seq_id 
_pdbx_struct_special_symmetry.PDB_ins_code 
_pdbx_struct_special_symmetry.label_asym_id 
_pdbx_struct_special_symmetry.label_comp_id 
_pdbx_struct_special_symmetry.label_seq_id 
1 1 A GOL 603 ? K GOL . 
2 1 A GOL 605 ? M GOL . 
3 1 A GOL 605 ? M GOL . 
# 
loop_
_chem_comp_atom.comp_id 
_chem_comp_atom.atom_id 
_chem_comp_atom.type_symbol 
_chem_comp_atom.pdbx_aromatic_flag 
_chem_comp_atom.pdbx_stereo_config 
_chem_comp_atom.pdbx_ordinal 
ALA N    N N N 1   
ALA CA   C N S 2   
ALA C    C N N 3   
ALA O    O N N 4   
ALA CB   C N N 5   
ALA OXT  O N N 6   
ALA H    H N N 7   
ALA H2   H N N 8   
ALA HA   H N N 9   
ALA HB1  H N N 10  
ALA HB2  H N N 11  
ALA HB3  H N N 12  
ALA HXT  H N N 13  
ARG N    N N N 14  
ARG CA   C N S 15  
ARG C    C N N 16  
ARG O    O N N 17  
ARG CB   C N N 18  
ARG CG   C N N 19  
ARG CD   C N N 20  
ARG NE   N N N 21  
ARG CZ   C N N 22  
ARG NH1  N N N 23  
ARG NH2  N N N 24  
ARG OXT  O N N 25  
ARG H    H N N 26  
ARG H2   H N N 27  
ARG HA   H N N 28  
ARG HB2  H N N 29  
ARG HB3  H N N 30  
ARG HG2  H N N 31  
ARG HG3  H N N 32  
ARG HD2  H N N 33  
ARG HD3  H N N 34  
ARG HE   H N N 35  
ARG HH11 H N N 36  
ARG HH12 H N N 37  
ARG HH21 H N N 38  
ARG HH22 H N N 39  
ARG HXT  H N N 40  
ASN N    N N N 41  
ASN CA   C N S 42  
ASN C    C N N 43  
ASN O    O N N 44  
ASN CB   C N N 45  
ASN CG   C N N 46  
ASN OD1  O N N 47  
ASN ND2  N N N 48  
ASN OXT  O N N 49  
ASN H    H N N 50  
ASN H2   H N N 51  
ASN HA   H N N 52  
ASN HB2  H N N 53  
ASN HB3  H N N 54  
ASN HD21 H N N 55  
ASN HD22 H N N 56  
ASN HXT  H N N 57  
ASP N    N N N 58  
ASP CA   C N S 59  
ASP C    C N N 60  
ASP O    O N N 61  
ASP CB   C N N 62  
ASP CG   C N N 63  
ASP OD1  O N N 64  
ASP OD2  O N N 65  
ASP OXT  O N N 66  
ASP H    H N N 67  
ASP H2   H N N 68  
ASP HA   H N N 69  
ASP HB2  H N N 70  
ASP HB3  H N N 71  
ASP HD2  H N N 72  
ASP HXT  H N N 73  
CYS N    N N N 74  
CYS CA   C N R 75  
CYS C    C N N 76  
CYS O    O N N 77  
CYS CB   C N N 78  
CYS SG   S N N 79  
CYS OXT  O N N 80  
CYS H    H N N 81  
CYS H2   H N N 82  
CYS HA   H N N 83  
CYS HB2  H N N 84  
CYS HB3  H N N 85  
CYS HG   H N N 86  
CYS HXT  H N N 87  
DTT S1   S N N 88  
DTT C1   C N N 89  
DTT C2   C N R 90  
DTT O2   O N N 91  
DTT C3   C N R 92  
DTT O3   O N N 93  
DTT C4   C N N 94  
DTT S4   S N N 95  
DTT HS1  H N N 96  
DTT H11  H N N 97  
DTT H12  H N N 98  
DTT H2   H N N 99  
DTT HO2  H N N 100 
DTT H3   H N N 101 
DTT HO3  H N N 102 
DTT H41  H N N 103 
DTT H42  H N N 104 
DTT HS2  H N N 105 
GLN N    N N N 106 
GLN CA   C N S 107 
GLN C    C N N 108 
GLN O    O N N 109 
GLN CB   C N N 110 
GLN CG   C N N 111 
GLN CD   C N N 112 
GLN OE1  O N N 113 
GLN NE2  N N N 114 
GLN OXT  O N N 115 
GLN H    H N N 116 
GLN H2   H N N 117 
GLN HA   H N N 118 
GLN HB2  H N N 119 
GLN HB3  H N N 120 
GLN HG2  H N N 121 
GLN HG3  H N N 122 
GLN HE21 H N N 123 
GLN HE22 H N N 124 
GLN HXT  H N N 125 
GLU N    N N N 126 
GLU CA   C N S 127 
GLU C    C N N 128 
GLU O    O N N 129 
GLU CB   C N N 130 
GLU CG   C N N 131 
GLU CD   C N N 132 
GLU OE1  O N N 133 
GLU OE2  O N N 134 
GLU OXT  O N N 135 
GLU H    H N N 136 
GLU H2   H N N 137 
GLU HA   H N N 138 
GLU HB2  H N N 139 
GLU HB3  H N N 140 
GLU HG2  H N N 141 
GLU HG3  H N N 142 
GLU HE2  H N N 143 
GLU HXT  H N N 144 
GLY N    N N N 145 
GLY CA   C N N 146 
GLY C    C N N 147 
GLY O    O N N 148 
GLY OXT  O N N 149 
GLY H    H N N 150 
GLY H2   H N N 151 
GLY HA2  H N N 152 
GLY HA3  H N N 153 
GLY HXT  H N N 154 
GOL C1   C N N 155 
GOL O1   O N N 156 
GOL C2   C N N 157 
GOL O2   O N N 158 
GOL C3   C N N 159 
GOL O3   O N N 160 
GOL H11  H N N 161 
GOL H12  H N N 162 
GOL HO1  H N N 163 
GOL H2   H N N 164 
GOL HO2  H N N 165 
GOL H31  H N N 166 
GOL H32  H N N 167 
GOL HO3  H N N 168 
HIS N    N N N 169 
HIS CA   C N S 170 
HIS C    C N N 171 
HIS O    O N N 172 
HIS CB   C N N 173 
HIS CG   C Y N 174 
HIS ND1  N Y N 175 
HIS CD2  C Y N 176 
HIS CE1  C Y N 177 
HIS NE2  N Y N 178 
HIS OXT  O N N 179 
HIS H    H N N 180 
HIS H2   H N N 181 
HIS HA   H N N 182 
HIS HB2  H N N 183 
HIS HB3  H N N 184 
HIS HD1  H N N 185 
HIS HD2  H N N 186 
HIS HE1  H N N 187 
HIS HE2  H N N 188 
HIS HXT  H N N 189 
HOH O    O N N 190 
HOH H1   H N N 191 
HOH H2   H N N 192 
ILE N    N N N 193 
ILE CA   C N S 194 
ILE C    C N N 195 
ILE O    O N N 196 
ILE CB   C N S 197 
ILE CG1  C N N 198 
ILE CG2  C N N 199 
ILE CD1  C N N 200 
ILE OXT  O N N 201 
ILE H    H N N 202 
ILE H2   H N N 203 
ILE HA   H N N 204 
ILE HB   H N N 205 
ILE HG12 H N N 206 
ILE HG13 H N N 207 
ILE HG21 H N N 208 
ILE HG22 H N N 209 
ILE HG23 H N N 210 
ILE HD11 H N N 211 
ILE HD12 H N N 212 
ILE HD13 H N N 213 
ILE HXT  H N N 214 
LEU N    N N N 215 
LEU CA   C N S 216 
LEU C    C N N 217 
LEU O    O N N 218 
LEU CB   C N N 219 
LEU CG   C N N 220 
LEU CD1  C N N 221 
LEU CD2  C N N 222 
LEU OXT  O N N 223 
LEU H    H N N 224 
LEU H2   H N N 225 
LEU HA   H N N 226 
LEU HB2  H N N 227 
LEU HB3  H N N 228 
LEU HG   H N N 229 
LEU HD11 H N N 230 
LEU HD12 H N N 231 
LEU HD13 H N N 232 
LEU HD21 H N N 233 
LEU HD22 H N N 234 
LEU HD23 H N N 235 
LEU HXT  H N N 236 
LYS N    N N N 237 
LYS CA   C N S 238 
LYS C    C N N 239 
LYS O    O N N 240 
LYS CB   C N N 241 
LYS CG   C N N 242 
LYS CD   C N N 243 
LYS CE   C N N 244 
LYS NZ   N N N 245 
LYS OXT  O N N 246 
LYS H    H N N 247 
LYS H2   H N N 248 
LYS HA   H N N 249 
LYS HB2  H N N 250 
LYS HB3  H N N 251 
LYS HG2  H N N 252 
LYS HG3  H N N 253 
LYS HD2  H N N 254 
LYS HD3  H N N 255 
LYS HE2  H N N 256 
LYS HE3  H N N 257 
LYS HZ1  H N N 258 
LYS HZ2  H N N 259 
LYS HZ3  H N N 260 
LYS HXT  H N N 261 
MET N    N N N 262 
MET CA   C N S 263 
MET C    C N N 264 
MET O    O N N 265 
MET CB   C N N 266 
MET CG   C N N 267 
MET SD   S N N 268 
MET CE   C N N 269 
MET OXT  O N N 270 
MET H    H N N 271 
MET H2   H N N 272 
MET HA   H N N 273 
MET HB2  H N N 274 
MET HB3  H N N 275 
MET HG2  H N N 276 
MET HG3  H N N 277 
MET HE1  H N N 278 
MET HE2  H N N 279 
MET HE3  H N N 280 
MET HXT  H N N 281 
PHE N    N N N 282 
PHE CA   C N S 283 
PHE C    C N N 284 
PHE O    O N N 285 
PHE CB   C N N 286 
PHE CG   C Y N 287 
PHE CD1  C Y N 288 
PHE CD2  C Y N 289 
PHE CE1  C Y N 290 
PHE CE2  C Y N 291 
PHE CZ   C Y N 292 
PHE OXT  O N N 293 
PHE H    H N N 294 
PHE H2   H N N 295 
PHE HA   H N N 296 
PHE HB2  H N N 297 
PHE HB3  H N N 298 
PHE HD1  H N N 299 
PHE HD2  H N N 300 
PHE HE1  H N N 301 
PHE HE2  H N N 302 
PHE HZ   H N N 303 
PHE HXT  H N N 304 
PRO N    N N N 305 
PRO CA   C N S 306 
PRO C    C N N 307 
PRO O    O N N 308 
PRO CB   C N N 309 
PRO CG   C N N 310 
PRO CD   C N N 311 
PRO OXT  O N N 312 
PRO H    H N N 313 
PRO HA   H N N 314 
PRO HB2  H N N 315 
PRO HB3  H N N 316 
PRO HG2  H N N 317 
PRO HG3  H N N 318 
PRO HD2  H N N 319 
PRO HD3  H N N 320 
PRO HXT  H N N 321 
SER N    N N N 322 
SER CA   C N S 323 
SER C    C N N 324 
SER O    O N N 325 
SER CB   C N N 326 
SER OG   O N N 327 
SER OXT  O N N 328 
SER H    H N N 329 
SER H2   H N N 330 
SER HA   H N N 331 
SER HB2  H N N 332 
SER HB3  H N N 333 
SER HG   H N N 334 
SER HXT  H N N 335 
SO4 S    S N N 336 
SO4 O1   O N N 337 
SO4 O2   O N N 338 
SO4 O3   O N N 339 
SO4 O4   O N N 340 
THR N    N N N 341 
THR CA   C N S 342 
THR C    C N N 343 
THR O    O N N 344 
THR CB   C N R 345 
THR OG1  O N N 346 
THR CG2  C N N 347 
THR OXT  O N N 348 
THR H    H N N 349 
THR H2   H N N 350 
THR HA   H N N 351 
THR HB   H N N 352 
THR HG1  H N N 353 
THR HG21 H N N 354 
THR HG22 H N N 355 
THR HG23 H N N 356 
THR HXT  H N N 357 
TRP N    N N N 358 
TRP CA   C N S 359 
TRP C    C N N 360 
TRP O    O N N 361 
TRP CB   C N N 362 
TRP CG   C Y N 363 
TRP CD1  C Y N 364 
TRP CD2  C Y N 365 
TRP NE1  N Y N 366 
TRP CE2  C Y N 367 
TRP CE3  C Y N 368 
TRP CZ2  C Y N 369 
TRP CZ3  C Y N 370 
TRP CH2  C Y N 371 
TRP OXT  O N N 372 
TRP H    H N N 373 
TRP H2   H N N 374 
TRP HA   H N N 375 
TRP HB2  H N N 376 
TRP HB3  H N N 377 
TRP HD1  H N N 378 
TRP HE1  H N N 379 
TRP HE3  H N N 380 
TRP HZ2  H N N 381 
TRP HZ3  H N N 382 
TRP HH2  H N N 383 
TRP HXT  H N N 384 
TYR N    N N N 385 
TYR CA   C N S 386 
TYR C    C N N 387 
TYR O    O N N 388 
TYR CB   C N N 389 
TYR CG   C Y N 390 
TYR CD1  C Y N 391 
TYR CD2  C Y N 392 
TYR CE1  C Y N 393 
TYR CE2  C Y N 394 
TYR CZ   C Y N 395 
TYR OH   O N N 396 
TYR OXT  O N N 397 
TYR H    H N N 398 
TYR H2   H N N 399 
TYR HA   H N N 400 
TYR HB2  H N N 401 
TYR HB3  H N N 402 
TYR HD1  H N N 403 
TYR HD2  H N N 404 
TYR HE1  H N N 405 
TYR HE2  H N N 406 
TYR HH   H N N 407 
TYR HXT  H N N 408 
VAL N    N N N 409 
VAL CA   C N S 410 
VAL C    C N N 411 
VAL O    O N N 412 
VAL CB   C N N 413 
VAL CG1  C N N 414 
VAL CG2  C N N 415 
VAL OXT  O N N 416 
VAL H    H N N 417 
VAL H2   H N N 418 
VAL HA   H N N 419 
VAL HB   H N N 420 
VAL HG11 H N N 421 
VAL HG12 H N N 422 
VAL HG13 H N N 423 
VAL HG21 H N N 424 
VAL HG22 H N N 425 
VAL HG23 H N N 426 
VAL HXT  H N N 427 
# 
loop_
_chem_comp_bond.comp_id 
_chem_comp_bond.atom_id_1 
_chem_comp_bond.atom_id_2 
_chem_comp_bond.value_order 
_chem_comp_bond.pdbx_aromatic_flag 
_chem_comp_bond.pdbx_stereo_config 
_chem_comp_bond.pdbx_ordinal 
ALA N   CA   sing N N 1   
ALA N   H    sing N N 2   
ALA N   H2   sing N N 3   
ALA CA  C    sing N N 4   
ALA CA  CB   sing N N 5   
ALA CA  HA   sing N N 6   
ALA C   O    doub N N 7   
ALA C   OXT  sing N N 8   
ALA CB  HB1  sing N N 9   
ALA CB  HB2  sing N N 10  
ALA CB  HB3  sing N N 11  
ALA OXT HXT  sing N N 12  
ARG N   CA   sing N N 13  
ARG N   H    sing N N 14  
ARG N   H2   sing N N 15  
ARG CA  C    sing N N 16  
ARG CA  CB   sing N N 17  
ARG CA  HA   sing N N 18  
ARG C   O    doub N N 19  
ARG C   OXT  sing N N 20  
ARG CB  CG   sing N N 21  
ARG CB  HB2  sing N N 22  
ARG CB  HB3  sing N N 23  
ARG CG  CD   sing N N 24  
ARG CG  HG2  sing N N 25  
ARG CG  HG3  sing N N 26  
ARG CD  NE   sing N N 27  
ARG CD  HD2  sing N N 28  
ARG CD  HD3  sing N N 29  
ARG NE  CZ   sing N N 30  
ARG NE  HE   sing N N 31  
ARG CZ  NH1  sing N N 32  
ARG CZ  NH2  doub N N 33  
ARG NH1 HH11 sing N N 34  
ARG NH1 HH12 sing N N 35  
ARG NH2 HH21 sing N N 36  
ARG NH2 HH22 sing N N 37  
ARG OXT HXT  sing N N 38  
ASN N   CA   sing N N 39  
ASN N   H    sing N N 40  
ASN N   H2   sing N N 41  
ASN CA  C    sing N N 42  
ASN CA  CB   sing N N 43  
ASN CA  HA   sing N N 44  
ASN C   O    doub N N 45  
ASN C   OXT  sing N N 46  
ASN CB  CG   sing N N 47  
ASN CB  HB2  sing N N 48  
ASN CB  HB3  sing N N 49  
ASN CG  OD1  doub N N 50  
ASN CG  ND2  sing N N 51  
ASN ND2 HD21 sing N N 52  
ASN ND2 HD22 sing N N 53  
ASN OXT HXT  sing N N 54  
ASP N   CA   sing N N 55  
ASP N   H    sing N N 56  
ASP N   H2   sing N N 57  
ASP CA  C    sing N N 58  
ASP CA  CB   sing N N 59  
ASP CA  HA   sing N N 60  
ASP C   O    doub N N 61  
ASP C   OXT  sing N N 62  
ASP CB  CG   sing N N 63  
ASP CB  HB2  sing N N 64  
ASP CB  HB3  sing N N 65  
ASP CG  OD1  doub N N 66  
ASP CG  OD2  sing N N 67  
ASP OD2 HD2  sing N N 68  
ASP OXT HXT  sing N N 69  
CYS N   CA   sing N N 70  
CYS N   H    sing N N 71  
CYS N   H2   sing N N 72  
CYS CA  C    sing N N 73  
CYS CA  CB   sing N N 74  
CYS CA  HA   sing N N 75  
CYS C   O    doub N N 76  
CYS C   OXT  sing N N 77  
CYS CB  SG   sing N N 78  
CYS CB  HB2  sing N N 79  
CYS CB  HB3  sing N N 80  
CYS SG  HG   sing N N 81  
CYS OXT HXT  sing N N 82  
DTT S1  C1   sing N N 83  
DTT S1  HS1  sing N N 84  
DTT C1  C2   sing N N 85  
DTT C1  H11  sing N N 86  
DTT C1  H12  sing N N 87  
DTT C2  O2   sing N N 88  
DTT C2  C3   sing N N 89  
DTT C2  H2   sing N N 90  
DTT O2  HO2  sing N N 91  
DTT C3  O3   sing N N 92  
DTT C3  C4   sing N N 93  
DTT C3  H3   sing N N 94  
DTT O3  HO3  sing N N 95  
DTT C4  S4   sing N N 96  
DTT C4  H41  sing N N 97  
DTT C4  H42  sing N N 98  
DTT S4  HS2  sing N N 99  
GLN N   CA   sing N N 100 
GLN N   H    sing N N 101 
GLN N   H2   sing N N 102 
GLN CA  C    sing N N 103 
GLN CA  CB   sing N N 104 
GLN CA  HA   sing N N 105 
GLN C   O    doub N N 106 
GLN C   OXT  sing N N 107 
GLN CB  CG   sing N N 108 
GLN CB  HB2  sing N N 109 
GLN CB  HB3  sing N N 110 
GLN CG  CD   sing N N 111 
GLN CG  HG2  sing N N 112 
GLN CG  HG3  sing N N 113 
GLN CD  OE1  doub N N 114 
GLN CD  NE2  sing N N 115 
GLN NE2 HE21 sing N N 116 
GLN NE2 HE22 sing N N 117 
GLN OXT HXT  sing N N 118 
GLU N   CA   sing N N 119 
GLU N   H    sing N N 120 
GLU N   H2   sing N N 121 
GLU CA  C    sing N N 122 
GLU CA  CB   sing N N 123 
GLU CA  HA   sing N N 124 
GLU C   O    doub N N 125 
GLU C   OXT  sing N N 126 
GLU CB  CG   sing N N 127 
GLU CB  HB2  sing N N 128 
GLU CB  HB3  sing N N 129 
GLU CG  CD   sing N N 130 
GLU CG  HG2  sing N N 131 
GLU CG  HG3  sing N N 132 
GLU CD  OE1  doub N N 133 
GLU CD  OE2  sing N N 134 
GLU OE2 HE2  sing N N 135 
GLU OXT HXT  sing N N 136 
GLY N   CA   sing N N 137 
GLY N   H    sing N N 138 
GLY N   H2   sing N N 139 
GLY CA  C    sing N N 140 
GLY CA  HA2  sing N N 141 
GLY CA  HA3  sing N N 142 
GLY C   O    doub N N 143 
GLY C   OXT  sing N N 144 
GLY OXT HXT  sing N N 145 
GOL C1  O1   sing N N 146 
GOL C1  C2   sing N N 147 
GOL C1  H11  sing N N 148 
GOL C1  H12  sing N N 149 
GOL O1  HO1  sing N N 150 
GOL C2  O2   sing N N 151 
GOL C2  C3   sing N N 152 
GOL C2  H2   sing N N 153 
GOL O2  HO2  sing N N 154 
GOL C3  O3   sing N N 155 
GOL C3  H31  sing N N 156 
GOL C3  H32  sing N N 157 
GOL O3  HO3  sing N N 158 
HIS N   CA   sing N N 159 
HIS N   H    sing N N 160 
HIS N   H2   sing N N 161 
HIS CA  C    sing N N 162 
HIS CA  CB   sing N N 163 
HIS CA  HA   sing N N 164 
HIS C   O    doub N N 165 
HIS C   OXT  sing N N 166 
HIS CB  CG   sing N N 167 
HIS CB  HB2  sing N N 168 
HIS CB  HB3  sing N N 169 
HIS CG  ND1  sing Y N 170 
HIS CG  CD2  doub Y N 171 
HIS ND1 CE1  doub Y N 172 
HIS ND1 HD1  sing N N 173 
HIS CD2 NE2  sing Y N 174 
HIS CD2 HD2  sing N N 175 
HIS CE1 NE2  sing Y N 176 
HIS CE1 HE1  sing N N 177 
HIS NE2 HE2  sing N N 178 
HIS OXT HXT  sing N N 179 
HOH O   H1   sing N N 180 
HOH O   H2   sing N N 181 
ILE N   CA   sing N N 182 
ILE N   H    sing N N 183 
ILE N   H2   sing N N 184 
ILE CA  C    sing N N 185 
ILE CA  CB   sing N N 186 
ILE CA  HA   sing N N 187 
ILE C   O    doub N N 188 
ILE C   OXT  sing N N 189 
ILE CB  CG1  sing N N 190 
ILE CB  CG2  sing N N 191 
ILE CB  HB   sing N N 192 
ILE CG1 CD1  sing N N 193 
ILE CG1 HG12 sing N N 194 
ILE CG1 HG13 sing N N 195 
ILE CG2 HG21 sing N N 196 
ILE CG2 HG22 sing N N 197 
ILE CG2 HG23 sing N N 198 
ILE CD1 HD11 sing N N 199 
ILE CD1 HD12 sing N N 200 
ILE CD1 HD13 sing N N 201 
ILE OXT HXT  sing N N 202 
LEU N   CA   sing N N 203 
LEU N   H    sing N N 204 
LEU N   H2   sing N N 205 
LEU CA  C    sing N N 206 
LEU CA  CB   sing N N 207 
LEU CA  HA   sing N N 208 
LEU C   O    doub N N 209 
LEU C   OXT  sing N N 210 
LEU CB  CG   sing N N 211 
LEU CB  HB2  sing N N 212 
LEU CB  HB3  sing N N 213 
LEU CG  CD1  sing N N 214 
LEU CG  CD2  sing N N 215 
LEU CG  HG   sing N N 216 
LEU CD1 HD11 sing N N 217 
LEU CD1 HD12 sing N N 218 
LEU CD1 HD13 sing N N 219 
LEU CD2 HD21 sing N N 220 
LEU CD2 HD22 sing N N 221 
LEU CD2 HD23 sing N N 222 
LEU OXT HXT  sing N N 223 
LYS N   CA   sing N N 224 
LYS N   H    sing N N 225 
LYS N   H2   sing N N 226 
LYS CA  C    sing N N 227 
LYS CA  CB   sing N N 228 
LYS CA  HA   sing N N 229 
LYS C   O    doub N N 230 
LYS C   OXT  sing N N 231 
LYS CB  CG   sing N N 232 
LYS CB  HB2  sing N N 233 
LYS CB  HB3  sing N N 234 
LYS CG  CD   sing N N 235 
LYS CG  HG2  sing N N 236 
LYS CG  HG3  sing N N 237 
LYS CD  CE   sing N N 238 
LYS CD  HD2  sing N N 239 
LYS CD  HD3  sing N N 240 
LYS CE  NZ   sing N N 241 
LYS CE  HE2  sing N N 242 
LYS CE  HE3  sing N N 243 
LYS NZ  HZ1  sing N N 244 
LYS NZ  HZ2  sing N N 245 
LYS NZ  HZ3  sing N N 246 
LYS OXT HXT  sing N N 247 
MET N   CA   sing N N 248 
MET N   H    sing N N 249 
MET N   H2   sing N N 250 
MET CA  C    sing N N 251 
MET CA  CB   sing N N 252 
MET CA  HA   sing N N 253 
MET C   O    doub N N 254 
MET C   OXT  sing N N 255 
MET CB  CG   sing N N 256 
MET CB  HB2  sing N N 257 
MET CB  HB3  sing N N 258 
MET CG  SD   sing N N 259 
MET CG  HG2  sing N N 260 
MET CG  HG3  sing N N 261 
MET SD  CE   sing N N 262 
MET CE  HE1  sing N N 263 
MET CE  HE2  sing N N 264 
MET CE  HE3  sing N N 265 
MET OXT HXT  sing N N 266 
PHE N   CA   sing N N 267 
PHE N   H    sing N N 268 
PHE N   H2   sing N N 269 
PHE CA  C    sing N N 270 
PHE CA  CB   sing N N 271 
PHE CA  HA   sing N N 272 
PHE C   O    doub N N 273 
PHE C   OXT  sing N N 274 
PHE CB  CG   sing N N 275 
PHE CB  HB2  sing N N 276 
PHE CB  HB3  sing N N 277 
PHE CG  CD1  doub Y N 278 
PHE CG  CD2  sing Y N 279 
PHE CD1 CE1  sing Y N 280 
PHE CD1 HD1  sing N N 281 
PHE CD2 CE2  doub Y N 282 
PHE CD2 HD2  sing N N 283 
PHE CE1 CZ   doub Y N 284 
PHE CE1 HE1  sing N N 285 
PHE CE2 CZ   sing Y N 286 
PHE CE2 HE2  sing N N 287 
PHE CZ  HZ   sing N N 288 
PHE OXT HXT  sing N N 289 
PRO N   CA   sing N N 290 
PRO N   CD   sing N N 291 
PRO N   H    sing N N 292 
PRO CA  C    sing N N 293 
PRO CA  CB   sing N N 294 
PRO CA  HA   sing N N 295 
PRO C   O    doub N N 296 
PRO C   OXT  sing N N 297 
PRO CB  CG   sing N N 298 
PRO CB  HB2  sing N N 299 
PRO CB  HB3  sing N N 300 
PRO CG  CD   sing N N 301 
PRO CG  HG2  sing N N 302 
PRO CG  HG3  sing N N 303 
PRO CD  HD2  sing N N 304 
PRO CD  HD3  sing N N 305 
PRO OXT HXT  sing N N 306 
SER N   CA   sing N N 307 
SER N   H    sing N N 308 
SER N   H2   sing N N 309 
SER CA  C    sing N N 310 
SER CA  CB   sing N N 311 
SER CA  HA   sing N N 312 
SER C   O    doub N N 313 
SER C   OXT  sing N N 314 
SER CB  OG   sing N N 315 
SER CB  HB2  sing N N 316 
SER CB  HB3  sing N N 317 
SER OG  HG   sing N N 318 
SER OXT HXT  sing N N 319 
SO4 S   O1   doub N N 320 
SO4 S   O2   doub N N 321 
SO4 S   O3   sing N N 322 
SO4 S   O4   sing N N 323 
THR N   CA   sing N N 324 
THR N   H    sing N N 325 
THR N   H2   sing N N 326 
THR CA  C    sing N N 327 
THR CA  CB   sing N N 328 
THR CA  HA   sing N N 329 
THR C   O    doub N N 330 
THR C   OXT  sing N N 331 
THR CB  OG1  sing N N 332 
THR CB  CG2  sing N N 333 
THR CB  HB   sing N N 334 
THR OG1 HG1  sing N N 335 
THR CG2 HG21 sing N N 336 
THR CG2 HG22 sing N N 337 
THR CG2 HG23 sing N N 338 
THR OXT HXT  sing N N 339 
TRP N   CA   sing N N 340 
TRP N   H    sing N N 341 
TRP N   H2   sing N N 342 
TRP CA  C    sing N N 343 
TRP CA  CB   sing N N 344 
TRP CA  HA   sing N N 345 
TRP C   O    doub N N 346 
TRP C   OXT  sing N N 347 
TRP CB  CG   sing N N 348 
TRP CB  HB2  sing N N 349 
TRP CB  HB3  sing N N 350 
TRP CG  CD1  doub Y N 351 
TRP CG  CD2  sing Y N 352 
TRP CD1 NE1  sing Y N 353 
TRP CD1 HD1  sing N N 354 
TRP CD2 CE2  doub Y N 355 
TRP CD2 CE3  sing Y N 356 
TRP NE1 CE2  sing Y N 357 
TRP NE1 HE1  sing N N 358 
TRP CE2 CZ2  sing Y N 359 
TRP CE3 CZ3  doub Y N 360 
TRP CE3 HE3  sing N N 361 
TRP CZ2 CH2  doub Y N 362 
TRP CZ2 HZ2  sing N N 363 
TRP CZ3 CH2  sing Y N 364 
TRP CZ3 HZ3  sing N N 365 
TRP CH2 HH2  sing N N 366 
TRP OXT HXT  sing N N 367 
TYR N   CA   sing N N 368 
TYR N   H    sing N N 369 
TYR N   H2   sing N N 370 
TYR CA  C    sing N N 371 
TYR CA  CB   sing N N 372 
TYR CA  HA   sing N N 373 
TYR C   O    doub N N 374 
TYR C   OXT  sing N N 375 
TYR CB  CG   sing N N 376 
TYR CB  HB2  sing N N 377 
TYR CB  HB3  sing N N 378 
TYR CG  CD1  doub Y N 379 
TYR CG  CD2  sing Y N 380 
TYR CD1 CE1  sing Y N 381 
TYR CD1 HD1  sing N N 382 
TYR CD2 CE2  doub Y N 383 
TYR CD2 HD2  sing N N 384 
TYR CE1 CZ   doub Y N 385 
TYR CE1 HE1  sing N N 386 
TYR CE2 CZ   sing Y N 387 
TYR CE2 HE2  sing N N 388 
TYR CZ  OH   sing N N 389 
TYR OH  HH   sing N N 390 
TYR OXT HXT  sing N N 391 
VAL N   CA   sing N N 392 
VAL N   H    sing N N 393 
VAL N   H2   sing N N 394 
VAL CA  C    sing N N 395 
VAL CA  CB   sing N N 396 
VAL CA  HA   sing N N 397 
VAL C   O    doub N N 398 
VAL C   OXT  sing N N 399 
VAL CB  CG1  sing N N 400 
VAL CB  CG2  sing N N 401 
VAL CB  HB   sing N N 402 
VAL CG1 HG11 sing N N 403 
VAL CG1 HG12 sing N N 404 
VAL CG1 HG13 sing N N 405 
VAL CG2 HG21 sing N N 406 
VAL CG2 HG22 sing N N 407 
VAL CG2 HG23 sing N N 408 
VAL OXT HXT  sing N N 409 
# 
_atom_sites.entry_id                    1DK8 
_atom_sites.fract_transf_matrix[1][1]   0.02276024 
_atom_sites.fract_transf_matrix[1][2]   0.01752369 
_atom_sites.fract_transf_matrix[1][3]   0.01084278 
_atom_sites.fract_transf_matrix[2][1]   0.00208637 
_atom_sites.fract_transf_matrix[2][2]   0.00219343 
_atom_sites.fract_transf_matrix[2][3]   -0.00792447 
_atom_sites.fract_transf_matrix[3][1]   -0.00762494 
_atom_sites.fract_transf_matrix[3][2]   0.00951589 
_atom_sites.fract_transf_matrix[3][3]   0.00062641 
_atom_sites.fract_transf_vector[1]      0.098485 
_atom_sites.fract_transf_vector[2]      0.185480 
_atom_sites.fract_transf_vector[3]      0.449507 
# 
loop_
_atom_type.symbol 
C 
N 
O 
S 
# 
loop_
_atom_site.group_PDB 
_atom_site.id 
_atom_site.type_symbol 
_atom_site.label_atom_id 
_atom_site.label_alt_id 
_atom_site.label_comp_id 
_atom_site.label_asym_id 
_atom_site.label_entity_id 
_atom_site.label_seq_id 
_atom_site.pdbx_PDB_ins_code 
_atom_site.Cartn_x 
_atom_site.Cartn_y 
_atom_site.Cartn_z 
_atom_site.occupancy 
_atom_site.B_iso_or_equiv 
_atom_site.pdbx_formal_charge 
_atom_site.auth_seq_id 
_atom_site.auth_comp_id 
_atom_site.auth_asym_id 
_atom_site.auth_atom_id 
_atom_site.pdbx_PDB_model_num 
ATOM   1    N N   . GLY A 1 1   ? 34.811  -9.228  -10.265 1.00 9.67  ? 111 GLY A N   1 
ATOM   2    C CA  . GLY A 1 1   ? 34.102  -9.120  -11.574 1.00 7.90  ? 111 GLY A CA  1 
ATOM   3    C C   . GLY A 1 1   ? 33.165  -7.932  -11.582 1.00 10.53 ? 111 GLY A C   1 
ATOM   4    O O   . GLY A 1 1   ? 32.854  -7.377  -10.525 1.00 12.35 ? 111 GLY A O   1 
ATOM   5    N N   . SER A 1 2   ? 32.714  -7.524  -12.762 1.00 8.09  ? 112 SER A N   1 
ATOM   6    C CA  . SER A 1 2   ? 31.798  -6.395  -12.844 1.00 11.78 ? 112 SER A CA  1 
ATOM   7    C C   . SER A 1 2   ? 30.372  -6.829  -12.583 1.00 17.72 ? 112 SER A C   1 
ATOM   8    O O   . SER A 1 2   ? 29.921  -7.856  -13.084 1.00 23.76 ? 112 SER A O   1 
ATOM   9    C CB  . SER A 1 2   ? 31.910  -5.722  -14.208 1.00 13.44 ? 112 SER A CB  1 
ATOM   10   O OG  . SER A 1 2   ? 33.162  -5.069  -14.314 1.00 15.49 ? 112 SER A OG  1 
ATOM   11   N N   . ALA A 1 3   ? 29.665  -6.037  -11.785 1.00 20.17 ? 113 ALA A N   1 
ATOM   12   C CA  . ALA A 1 3   ? 28.278  -6.314  -11.410 1.00 25.66 ? 113 ALA A CA  1 
ATOM   13   C C   . ALA A 1 3   ? 27.303  -6.282  -12.578 1.00 26.27 ? 113 ALA A C   1 
ATOM   14   O O   . ALA A 1 3   ? 27.548  -5.636  -13.589 1.00 28.65 ? 113 ALA A O   1 
ATOM   15   C CB  . ALA A 1 3   ? 27.848  -5.322  -10.338 1.00 25.11 ? 113 ALA A CB  1 
ATOM   16   N N   . SER A 1 4   ? 26.194  -6.991  -12.421 1.00 29.63 ? 114 SER A N   1 
ATOM   17   C CA  . SER A 1 4   ? 25.161  -7.019  -13.437 1.00 31.12 ? 114 SER A CA  1 
ATOM   18   C C   . SER A 1 4   ? 23.837  -6.813  -12.719 1.00 28.83 ? 114 SER A C   1 
ATOM   19   O O   . SER A 1 4   ? 23.227  -7.750  -12.215 1.00 32.40 ? 114 SER A O   1 
ATOM   20   C CB  . SER A 1 4   ? 25.143  -8.347  -14.170 1.00 32.79 ? 114 SER A CB  1 
ATOM   21   O OG  . SER A 1 4   ? 26.030  -9.276  -13.589 1.00 20.02 ? 114 SER A OG  1 
ATOM   22   N N   . PRO A 1 5   ? 23.416  -5.558  -12.623 1.00 26.00 ? 115 PRO A N   1 
ATOM   23   C CA  . PRO A 1 5   ? 22.178  -5.146  -11.968 1.00 23.50 ? 115 PRO A CA  1 
ATOM   24   C C   . PRO A 1 5   ? 20.986  -5.843  -12.592 1.00 18.49 ? 115 PRO A C   1 
ATOM   25   O O   . PRO A 1 5   ? 20.958  -6.093  -13.787 1.00 18.35 ? 115 PRO A O   1 
ATOM   26   C CB  . PRO A 1 5   ? 22.142  -3.643  -12.213 1.00 25.04 ? 115 PRO A CB  1 
ATOM   27   C CG  . PRO A 1 5   ? 23.588  -3.276  -12.311 1.00 28.15 ? 115 PRO A CG  1 
ATOM   28   C CD  . PRO A 1 5   ? 24.140  -4.388  -13.143 1.00 27.77 ? 115 PRO A CD  1 
ATOM   29   N N   . THR A 1 6   ? 20.010  -6.174  -11.757 1.00 14.73 ? 116 THR A N   1 
ATOM   30   C CA  . THR A 1 6   ? 18.801  -6.816  -12.246 1.00 11.78 ? 116 THR A CA  1 
ATOM   31   C C   . THR A 1 6   ? 17.920  -5.716  -12.813 1.00 12.08 ? 116 THR A C   1 
ATOM   32   O O   . THR A 1 6   ? 17.753  -4.666  -12.187 1.00 10.37 ? 116 THR A O   1 
ATOM   33   C CB  . THR A 1 6   ? 18.039  -7.487  -11.092 1.00 12.07 ? 116 THR A CB  1 
ATOM   34   O OG1 . THR A 1 6   ? 18.855  -8.514  -10.523 1.00 14.61 ? 116 THR A OG1 1 
ATOM   35   C CG2 . THR A 1 6   ? 16.727  -8.088  -11.592 1.00 11.13 ? 116 THR A CG2 1 
ATOM   36   N N   . PRO A 1 7   ? 17.368  -5.925  -14.020 1.00 9.84  ? 117 PRO A N   1 
ATOM   37   C CA  . PRO A 1 7   ? 16.502  -4.893  -14.601 1.00 11.19 ? 117 PRO A CA  1 
ATOM   38   C C   . PRO A 1 7   ? 15.387  -4.595  -13.605 1.00 9.71  ? 117 PRO A C   1 
ATOM   39   O O   . PRO A 1 7   ? 14.833  -5.504  -12.992 1.00 9.18  ? 117 PRO A O   1 
ATOM   40   C CB  . PRO A 1 7   ? 15.977  -5.560  -15.866 1.00 12.13 ? 117 PRO A CB  1 
ATOM   41   C CG  . PRO A 1 7   ? 17.142  -6.415  -16.284 1.00 11.16 ? 117 PRO A CG  1 
ATOM   42   C CD  . PRO A 1 7   ? 17.586  -7.028  -14.972 1.00 10.81 ? 117 PRO A CD  1 
ATOM   43   N N   . PRO A 1 8   ? 15.047  -3.310  -13.419 1.00 9.14  ? 118 PRO A N   1 
ATOM   44   C CA  . PRO A 1 8   ? 13.988  -2.965  -12.470 1.00 7.96  ? 118 PRO A CA  1 
ATOM   45   C C   . PRO A 1 8   ? 12.702  -3.785  -12.583 1.00 7.87  ? 118 PRO A C   1 
ATOM   46   O O   . PRO A 1 8   ? 12.219  -4.314  -11.585 1.00 8.33  ? 118 PRO A O   1 
ATOM   47   C CB  . PRO A 1 8   ? 13.766  -1.480  -12.743 1.00 9.33  ? 118 PRO A CB  1 
ATOM   48   C CG  . PRO A 1 8   ? 15.155  -1.013  -13.060 1.00 8.75  ? 118 PRO A CG  1 
ATOM   49   C CD  . PRO A 1 8   ? 15.675  -2.099  -13.979 1.00 10.59 ? 118 PRO A CD  1 
ATOM   50   N N   . TYR A 1 9   ? 12.152  -3.910  -13.786 1.00 9.16  ? 119 TYR A N   1 
ATOM   51   C CA  . TYR A 1 9   ? 10.903  -4.649  -13.945 1.00 10.30 ? 119 TYR A CA  1 
ATOM   52   C C   . TYR A 1 9   ? 11.003  -6.062  -13.391 1.00 9.39  ? 119 TYR A C   1 
ATOM   53   O O   . TYR A 1 9   ? 10.041  -6.588  -12.841 1.00 8.51  ? 119 TYR A O   1 
ATOM   54   C CB  . TYR A 1 9   ? 10.485  -4.708  -15.424 1.00 9.76  ? 119 TYR A CB  1 
ATOM   55   C CG  . TYR A 1 9   ? 11.136  -5.820  -16.220 1.00 9.23  ? 119 TYR A CG  1 
ATOM   56   C CD1 . TYR A 1 9   ? 10.580  -7.104  -16.258 1.00 9.17  ? 119 TYR A CD1 1 
ATOM   57   C CD2 . TYR A 1 9   ? 12.332  -5.603  -16.900 1.00 9.31  ? 119 TYR A CD2 1 
ATOM   58   C CE1 . TYR A 1 9   ? 11.207  -8.138  -16.953 1.00 8.84  ? 119 TYR A CE1 1 
ATOM   59   C CE2 . TYR A 1 9   ? 12.960  -6.629  -17.596 1.00 9.01  ? 119 TYR A CE2 1 
ATOM   60   C CZ  . TYR A 1 9   ? 12.392  -7.893  -17.616 1.00 10.37 ? 119 TYR A CZ  1 
ATOM   61   O OH  . TYR A 1 9   ? 13.019  -8.905  -18.305 1.00 10.36 ? 119 TYR A OH  1 
ATOM   62   N N   . LEU A 1 10  ? 12.175  -6.672  -13.526 1.00 8.53  ? 120 LEU A N   1 
ATOM   63   C CA  . LEU A 1 10  ? 12.357  -8.040  -13.059 1.00 8.77  ? 120 LEU A CA  1 
ATOM   64   C C   . LEU A 1 10  ? 12.447  -8.053  -11.534 1.00 8.15  ? 120 LEU A C   1 
ATOM   65   O O   . LEU A 1 10  ? 11.951  -8.974  -10.882 1.00 8.40  ? 120 LEU A O   1 
ATOM   66   C CB  . LEU A 1 10  ? 13.602  -8.645  -13.718 1.00 10.17 ? 120 LEU A CB  1 
ATOM   67   C CG  A LEU A 1 10  ? 13.758  -10.166 -13.657 0.50 11.80 ? 120 LEU A CG  1 
ATOM   68   C CG  B LEU A 1 10  ? 13.670  -10.170 -13.825 0.50 10.89 ? 120 LEU A CG  1 
ATOM   69   C CD1 A LEU A 1 10  ? 12.474  -10.844 -14.108 0.50 11.83 ? 120 LEU A CD1 1 
ATOM   70   C CD1 B LEU A 1 10  ? 14.703  -10.552 -14.876 0.50 11.40 ? 120 LEU A CD1 1 
ATOM   71   C CD2 A LEU A 1 10  ? 14.920  -10.582 -14.545 0.50 13.96 ? 120 LEU A CD2 1 
ATOM   72   C CD2 B LEU A 1 10  ? 14.003  -10.773 -12.473 0.50 12.15 ? 120 LEU A CD2 1 
ATOM   73   N N   . LYS A 1 11  ? 13.052  -7.017  -10.958 1.00 8.19  ? 121 LYS A N   1 
ATOM   74   C CA  . LYS A 1 11  ? 13.124  -6.938  -9.506  1.00 6.62  ? 121 LYS A CA  1 
ATOM   75   C C   . LYS A 1 11  ? 11.701  -6.861  -8.952  1.00 7.85  ? 121 LYS A C   1 
ATOM   76   O O   . LYS A 1 11  ? 11.400  -7.446  -7.908  1.00 6.91  ? 121 LYS A O   1 
ATOM   77   C CB  . LYS A 1 11  ? 13.907  -5.699  -9.062  1.00 11.30 ? 121 LYS A CB  1 
ATOM   78   C CG  . LYS A 1 11  ? 15.378  -5.736  -9.416  1.00 11.10 ? 121 LYS A CG  1 
ATOM   79   C CD  . LYS A 1 11  ? 16.107  -4.518  -8.858  1.00 16.07 ? 121 LYS A CD  1 
ATOM   80   C CE  . LYS A 1 11  ? 16.038  -4.475  -7.343  1.00 19.99 ? 121 LYS A CE  1 
ATOM   81   N NZ  . LYS A 1 11  ? 16.653  -5.683  -6.726  1.00 27.32 ? 121 LYS A NZ  1 
ATOM   82   N N   . TRP A 1 12  ? 10.821  -6.144  -9.646  1.00 7.18  ? 122 TRP A N   1 
ATOM   83   C CA  . TRP A 1 12  ? 9.447   -6.019  -9.161  1.00 7.63  ? 122 TRP A CA  1 
ATOM   84   C C   . TRP A 1 12  ? 8.726   -7.351  -9.162  1.00 7.25  ? 122 TRP A C   1 
ATOM   85   O O   . TRP A 1 12  ? 7.822   -7.566  -8.359  1.00 9.17  ? 122 TRP A O   1 
ATOM   86   C CB  . TRP A 1 12  ? 8.634   -5.037  -10.008 1.00 6.61  ? 122 TRP A CB  1 
ATOM   87   C CG  . TRP A 1 12  ? 9.292   -3.721  -10.248 1.00 7.56  ? 122 TRP A CG  1 
ATOM   88   C CD1 . TRP A 1 12  ? 10.349  -3.178  -9.564  1.00 9.45  ? 122 TRP A CD1 1 
ATOM   89   C CD2 . TRP A 1 12  ? 8.949   -2.784  -11.270 1.00 8.35  ? 122 TRP A CD2 1 
ATOM   90   N NE1 . TRP A 1 12  ? 10.687  -1.958  -10.112 1.00 9.96  ? 122 TRP A NE1 1 
ATOM   91   C CE2 . TRP A 1 12  ? 9.842   -1.695  -11.161 1.00 9.66  ? 122 TRP A CE2 1 
ATOM   92   C CE3 . TRP A 1 12  ? 7.972   -2.762  -12.278 1.00 9.40  ? 122 TRP A CE3 1 
ATOM   93   C CZ2 . TRP A 1 12  ? 9.789   -0.591  -12.024 1.00 9.59  ? 122 TRP A CZ2 1 
ATOM   94   C CZ3 . TRP A 1 12  ? 7.918   -1.669  -13.132 1.00 9.68  ? 122 TRP A CZ3 1 
ATOM   95   C CH2 . TRP A 1 12  ? 8.823   -0.600  -12.999 1.00 8.85  ? 122 TRP A CH2 1 
ATOM   96   N N   . ALA A 1 13  ? 9.103   -8.238  -10.077 1.00 6.59  ? 123 ALA A N   1 
ATOM   97   C CA  . ALA A 1 13  ? 8.466   -9.545  -10.149 1.00 6.38  ? 123 ALA A CA  1 
ATOM   98   C C   . ALA A 1 13  ? 8.966   -10.448 -9.024  1.00 6.28  ? 123 ALA A C   1 
ATOM   99   O O   . ALA A 1 13  ? 8.285   -11.394 -8.626  1.00 6.33  ? 123 ALA A O   1 
ATOM   100  C CB  . ALA A 1 13  ? 8.752   -10.188 -11.500 1.00 6.88  ? 123 ALA A CB  1 
ATOM   101  N N   . GLU A 1 14  ? 10.147  -10.138 -8.500  1.00 7.90  ? 124 GLU A N   1 
ATOM   102  C CA  . GLU A 1 14  ? 10.736  -10.950 -7.443  1.00 7.40  ? 124 GLU A CA  1 
ATOM   103  C C   . GLU A 1 14  ? 10.050  -10.815 -6.096  1.00 8.02  ? 124 GLU A C   1 
ATOM   104  O O   . GLU A 1 14  ? 9.964   -11.783 -5.338  1.00 9.70  ? 124 GLU A O   1 
ATOM   105  C CB  . GLU A 1 14  ? 12.235  -10.644 -7.352  1.00 7.01  ? 124 GLU A CB  1 
ATOM   106  C CG  . GLU A 1 14  ? 12.916  -10.973 -8.679  1.00 10.58 ? 124 GLU A CG  1 
ATOM   107  C CD  . GLU A 1 14  ? 14.389  -10.640 -8.743  1.00 9.39  ? 124 GLU A CD  1 
ATOM   108  O OE1 . GLU A 1 14  ? 14.849  -9.750  -7.999  1.00 10.75 ? 124 GLU A OE1 1 
ATOM   109  O OE2 . GLU A 1 14  ? 15.084  -11.269 -9.576  1.00 12.29 ? 124 GLU A OE2 1 
ATOM   110  N N   . SER A 1 15  ? 9.545   -9.623  -5.790  1.00 8.17  ? 125 SER A N   1 
ATOM   111  C CA  . SER A 1 15  ? 8.841   -9.421  -4.533  1.00 9.08  ? 125 SER A CA  1 
ATOM   112  C C   . SER A 1 15  ? 8.057   -8.123  -4.532  1.00 6.12  ? 125 SER A C   1 
ATOM   113  O O   . SER A 1 15  ? 8.433   -7.162  -5.203  1.00 8.08  ? 125 SER A O   1 
ATOM   114  C CB  . SER A 1 15  ? 9.813   -9.409  -3.352  1.00 9.77  ? 125 SER A CB  1 
ATOM   115  O OG  . SER A 1 15  ? 10.586  -8.228  -3.344  1.00 10.98 ? 125 SER A OG  1 
ATOM   116  N N   . LEU A 1 16  ? 6.961   -8.098  -3.783  1.00 7.95  ? 126 LEU A N   1 
ATOM   117  C CA  . LEU A 1 16  ? 6.158   -6.886  -3.689  1.00 6.51  ? 126 LEU A CA  1 
ATOM   118  C C   . LEU A 1 16  ? 7.013   -5.818  -3.015  1.00 8.33  ? 126 LEU A C   1 
ATOM   119  O O   . LEU A 1 16  ? 6.880   -4.632  -3.303  1.00 8.19  ? 126 LEU A O   1 
ATOM   120  C CB  . LEU A 1 16  ? 4.889   -7.144  -2.873  1.00 9.36  ? 126 LEU A CB  1 
ATOM   121  C CG  . LEU A 1 16  ? 3.974   -5.938  -2.626  1.00 7.46  ? 126 LEU A CG  1 
ATOM   122  C CD1 . LEU A 1 16  ? 3.568   -5.298  -3.955  1.00 9.15  ? 126 LEU A CD1 1 
ATOM   123  C CD2 . LEU A 1 16  ? 2.745   -6.389  -1.853  1.00 10.16 ? 126 LEU A CD2 1 
ATOM   124  N N   . HIS A 1 17  ? 7.901   -6.247  -2.123  1.00 10.10 ? 127 HIS A N   1 
ATOM   125  C CA  . HIS A 1 17  ? 8.780   -5.313  -1.432  1.00 11.45 ? 127 HIS A CA  1 
ATOM   126  C C   . HIS A 1 17  ? 9.635   -4.549  -2.438  1.00 9.42  ? 127 HIS A C   1 
ATOM   127  O O   . HIS A 1 17  ? 9.797   -3.331  -2.328  1.00 10.03 ? 127 HIS A O   1 
ATOM   128  C CB  . HIS A 1 17  ? 9.677   -6.065  -0.440  1.00 16.51 ? 127 HIS A CB  1 
ATOM   129  C CG  A HIS A 1 17  ? 10.695  -5.194  0.228   0.50 18.88 ? 127 HIS A CG  1 
ATOM   130  C CG  B HIS A 1 17  ? 10.568  -5.164  0.357   0.50 20.86 ? 127 HIS A CG  1 
ATOM   131  N ND1 A HIS A 1 17  ? 11.866  -4.809  -0.384  0.50 19.36 ? 127 HIS A ND1 1 
ATOM   132  N ND1 B HIS A 1 17  ? 10.093  -4.353  1.367   0.50 23.21 ? 127 HIS A ND1 1 
ATOM   133  C CD2 A HIS A 1 17  ? 10.702  -4.613  1.455   0.50 19.77 ? 127 HIS A CD2 1 
ATOM   134  C CD2 B HIS A 1 17  ? 11.896  -4.920  0.274   0.50 21.89 ? 127 HIS A CD2 1 
ATOM   135  C CE1 A HIS A 1 17  ? 12.551  -4.027  0.432   0.50 21.11 ? 127 HIS A CE1 1 
ATOM   136  C CE1 B HIS A 1 17  ? 11.092  -3.647  1.867   0.50 23.69 ? 127 HIS A CE1 1 
ATOM   137  N NE2 A HIS A 1 17  ? 11.869  -3.894  1.550   0.50 21.49 ? 127 HIS A NE2 1 
ATOM   138  N NE2 B HIS A 1 17  ? 12.196  -3.973  1.221   0.50 24.54 ? 127 HIS A NE2 1 
ATOM   139  N N   . SER A 1 18  ? 10.182  -5.259  -3.423  1.00 9.50  ? 128 SER A N   1 
ATOM   140  C CA  . SER A 1 18  ? 11.011  -4.616  -4.436  1.00 8.29  ? 128 SER A CA  1 
ATOM   141  C C   . SER A 1 18  ? 10.187  -3.664  -5.293  1.00 8.08  ? 128 SER A C   1 
ATOM   142  O O   . SER A 1 18  ? 10.648  -2.587  -5.643  1.00 9.72  ? 128 SER A O   1 
ATOM   143  C CB  . SER A 1 18  ? 11.686  -5.661  -5.328  1.00 9.85  ? 128 SER A CB  1 
ATOM   144  O OG  . SER A 1 18  ? 12.724  -6.326  -4.629  1.00 14.10 ? 128 SER A OG  1 
ATOM   145  N N   . LEU A 1 19  ? 8.969   -4.064  -5.636  1.00 8.83  ? 129 LEU A N   1 
ATOM   146  C CA  . LEU A 1 19  ? 8.110   -3.210  -6.446  1.00 8.20  ? 129 LEU A CA  1 
ATOM   147  C C   . LEU A 1 19  ? 7.812   -1.909  -5.706  1.00 10.04 ? 129 LEU A C   1 
ATOM   148  O O   . LEU A 1 19  ? 7.870   -0.824  -6.290  1.00 11.43 ? 129 LEU A O   1 
ATOM   149  C CB  . LEU A 1 19  ? 6.795   -3.926  -6.764  1.00 9.19  ? 129 LEU A CB  1 
ATOM   150  C CG  . LEU A 1 19  ? 5.733   -3.095  -7.508  1.00 9.50  ? 129 LEU A CG  1 
ATOM   151  C CD1 . LEU A 1 19  ? 6.244   -2.652  -8.864  1.00 13.13 ? 129 LEU A CD1 1 
ATOM   152  C CD2 . LEU A 1 19  ? 4.478   -3.928  -7.669  1.00 11.54 ? 129 LEU A CD2 1 
ATOM   153  N N   . LEU A 1 20  ? 7.516   -2.019  -4.415  1.00 7.86  ? 130 LEU A N   1 
ATOM   154  C CA  . LEU A 1 20  ? 7.177   -0.843  -3.621  1.00 9.42  ? 130 LEU A CA  1 
ATOM   155  C C   . LEU A 1 20  ? 8.367   -0.015  -3.157  1.00 12.00 ? 130 LEU A C   1 
ATOM   156  O O   . LEU A 1 20  ? 8.199   0.964   -2.429  1.00 12.94 ? 130 LEU A O   1 
ATOM   157  C CB  . LEU A 1 20  ? 6.313   -1.255  -2.423  1.00 11.07 ? 130 LEU A CB  1 
ATOM   158  C CG  . LEU A 1 20  ? 5.014   -1.960  -2.830  1.00 12.36 ? 130 LEU A CG  1 
ATOM   159  C CD1 . LEU A 1 20  ? 4.179   -2.262  -1.590  1.00 14.65 ? 130 LEU A CD1 1 
ATOM   160  C CD2 . LEU A 1 20  ? 4.237   -1.087  -3.810  1.00 15.37 ? 130 LEU A CD2 1 
ATOM   161  N N   . ASP A 1 21  ? 9.564   -0.396  -3.590  1.00 11.89 ? 131 ASP A N   1 
ATOM   162  C CA  . ASP A 1 21  ? 10.779  0.327   -3.226  1.00 14.04 ? 131 ASP A CA  1 
ATOM   163  C C   . ASP A 1 21  ? 11.266  1.166   -4.404  1.00 14.43 ? 131 ASP A C   1 
ATOM   164  O O   . ASP A 1 21  ? 12.243  1.902   -4.290  1.00 15.11 ? 131 ASP A O   1 
ATOM   165  C CB  . ASP A 1 21  ? 11.878  -0.665  -2.836  1.00 17.56 ? 131 ASP A CB  1 
ATOM   166  C CG  A ASP A 1 21  ? 11.945  -0.909  -1.345  0.50 18.60 ? 131 ASP A CG  1 
ATOM   167  C CG  B ASP A 1 21  ? 13.046  0.005   -2.139  0.50 18.04 ? 131 ASP A CG  1 
ATOM   168  O OD1 A ASP A 1 21  ? 10.910  -0.760  -0.667  0.50 21.72 ? 131 ASP A OD1 1 
ATOM   169  O OD1 B ASP A 1 21  ? 12.816  0.684   -1.116  0.50 21.68 ? 131 ASP A OD1 1 
ATOM   170  O OD2 A ASP A 1 21  ? 13.036  -1.259  -0.854  0.50 21.39 ? 131 ASP A OD2 1 
ATOM   171  O OD2 B ASP A 1 21  ? 14.191  -0.149  -2.611  0.50 21.48 ? 131 ASP A OD2 1 
ATOM   172  N N   . ASP A 1 22  ? 10.552  1.064   -5.520  1.00 10.03 ? 132 ASP A N   1 
ATOM   173  C CA  . ASP A 1 22  ? 10.907  1.738   -6.766  1.00 9.75  ? 132 ASP A CA  1 
ATOM   174  C C   . ASP A 1 22  ? 9.821   2.736   -7.178  1.00 7.26  ? 132 ASP A C   1 
ATOM   175  O O   . ASP A 1 22  ? 8.657   2.359   -7.328  1.00 7.07  ? 132 ASP A O   1 
ATOM   176  C CB  . ASP A 1 22  ? 11.064  0.651   -7.836  1.00 11.11 ? 132 ASP A CB  1 
ATOM   177  C CG  . ASP A 1 22  ? 11.607  1.168   -9.148  1.00 15.66 ? 132 ASP A CG  1 
ATOM   178  O OD1 . ASP A 1 22  ? 11.076  2.159   -9.679  1.00 17.85 ? 132 ASP A OD1 1 
ATOM   179  O OD2 . ASP A 1 22  ? 12.568  0.556   -9.664  1.00 20.55 ? 132 ASP A OD2 1 
ATOM   180  N N   . GLN A 1 23  ? 10.186  4.003   -7.356  1.00 6.22  ? 133 GLN A N   1 
ATOM   181  C CA  . GLN A 1 23  ? 9.199   5.005   -7.759  1.00 5.21  ? 133 GLN A CA  1 
ATOM   182  C C   . GLN A 1 23  ? 8.479   4.619   -9.046  1.00 5.87  ? 133 GLN A C   1 
ATOM   183  O O   . GLN A 1 23  ? 7.262   4.770   -9.153  1.00 5.94  ? 133 GLN A O   1 
ATOM   184  C CB  . GLN A 1 23  ? 9.854   6.380   -7.950  1.00 5.67  ? 133 GLN A CB  1 
ATOM   185  C CG  . GLN A 1 23  ? 10.206  7.067   -6.647  1.00 6.77  ? 133 GLN A CG  1 
ATOM   186  C CD  . GLN A 1 23  ? 8.982   7.328   -5.800  1.00 5.23  ? 133 GLN A CD  1 
ATOM   187  O OE1 . GLN A 1 23  ? 8.195   8.228   -6.091  1.00 8.75  ? 133 GLN A OE1 1 
ATOM   188  N NE2 . GLN A 1 23  ? 8.802   6.527   -4.751  1.00 7.41  ? 133 GLN A NE2 1 
ATOM   189  N N   . ASP A 1 24  ? 9.231   4.137   -10.033 1.00 6.75  ? 134 ASP A N   1 
ATOM   190  C CA  . ASP A 1 24  ? 8.617   3.743   -11.299 1.00 5.84  ? 134 ASP A CA  1 
ATOM   191  C C   . ASP A 1 24  ? 7.615   2.615   -11.059 1.00 6.32  ? 134 ASP A C   1 
ATOM   192  O O   . ASP A 1 24  ? 6.520   2.619   -11.621 1.00 6.73  ? 134 ASP A O   1 
ATOM   193  C CB  . ASP A 1 24  ? 9.674   3.245   -12.291 1.00 7.35  ? 134 ASP A CB  1 
ATOM   194  C CG  . ASP A 1 24  ? 10.569  4.352   -12.827 1.00 7.97  ? 134 ASP A CG  1 
ATOM   195  O OD1 . ASP A 1 24  ? 10.390  5.540   -12.477 1.00 8.00  ? 134 ASP A OD1 1 
ATOM   196  O OD2 . ASP A 1 24  ? 11.467  4.005   -13.621 1.00 8.49  ? 134 ASP A OD2 1 
ATOM   197  N N   . GLY A 1 25  ? 7.996   1.645   -10.229 1.00 4.93  ? 135 GLY A N   1 
ATOM   198  C CA  . GLY A 1 25  ? 7.110   0.527   -9.957  1.00 4.24  ? 135 GLY A CA  1 
ATOM   199  C C   . GLY A 1 25  ? 5.849   0.941   -9.228  1.00 5.71  ? 135 GLY A C   1 
ATOM   200  O O   . GLY A 1 25  ? 4.750   0.492   -9.553  1.00 6.66  ? 135 GLY A O   1 
ATOM   201  N N   . ILE A 1 26  ? 6.002   1.796   -8.225  1.00 5.24  ? 136 ILE A N   1 
ATOM   202  C CA  . ILE A 1 26  ? 4.845   2.255   -7.473  1.00 4.85  ? 136 ILE A CA  1 
ATOM   203  C C   . ILE A 1 26  ? 3.856   2.971   -8.380  1.00 7.22  ? 136 ILE A C   1 
ATOM   204  O O   . ILE A 1 26  ? 2.651   2.733   -8.308  1.00 7.88  ? 136 ILE A O   1 
ATOM   205  C CB  . ILE A 1 26  ? 5.263   3.206   -6.342  1.00 5.41  ? 136 ILE A CB  1 
ATOM   206  C CG1 . ILE A 1 26  ? 6.103   2.441   -5.319  1.00 5.72  ? 136 ILE A CG1 1 
ATOM   207  C CG2 . ILE A 1 26  ? 4.017   3.803   -5.680  1.00 6.71  ? 136 ILE A CG2 1 
ATOM   208  C CD1 . ILE A 1 26  ? 6.861   3.343   -4.355  1.00 5.57  ? 136 ILE A CD1 1 
ATOM   209  N N   . SER A 1 27  ? 4.366   3.858   -9.228  1.00 6.82  ? 137 SER A N   1 
ATOM   210  C CA  . SER A 1 27  ? 3.509   4.598   -10.141 1.00 7.45  ? 137 SER A CA  1 
ATOM   211  C C   . SER A 1 27  ? 2.741   3.685   -11.084 1.00 7.06  ? 137 SER A C   1 
ATOM   212  O O   . SER A 1 27  ? 1.532   3.831   -11.249 1.00 8.02  ? 137 SER A O   1 
ATOM   213  C CB  . SER A 1 27  ? 4.337   5.583   -10.966 1.00 10.63 ? 137 SER A CB  1 
ATOM   214  O OG  . SER A 1 27  ? 3.515   6.262   -11.903 1.00 14.84 ? 137 SER A OG  1 
ATOM   215  N N   . LEU A 1 28  ? 3.444   2.741   -11.702 1.00 5.58  ? 138 LEU A N   1 
ATOM   216  C CA  . LEU A 1 28  ? 2.812   1.832   -12.642 1.00 5.14  ? 138 LEU A CA  1 
ATOM   217  C C   . LEU A 1 28  ? 1.808   0.917   -11.951 1.00 5.67  ? 138 LEU A C   1 
ATOM   218  O O   . LEU A 1 28  ? 0.717   0.686   -12.467 1.00 6.27  ? 138 LEU A O   1 
ATOM   219  C CB  . LEU A 1 28  ? 3.882   1.015   -13.370 1.00 5.82  ? 138 LEU A CB  1 
ATOM   220  C CG  . LEU A 1 28  ? 4.702   1.871   -14.345 1.00 5.79  ? 138 LEU A CG  1 
ATOM   221  C CD1 . LEU A 1 28  ? 5.985   1.153   -14.739 1.00 6.48  ? 138 LEU A CD1 1 
ATOM   222  C CD2 . LEU A 1 28  ? 3.860   2.173   -15.581 1.00 10.47 ? 138 LEU A CD2 1 
ATOM   223  N N   . PHE A 1 29  ? 2.174   0.411   -10.777 1.00 5.96  ? 139 PHE A N   1 
ATOM   224  C CA  . PHE A 1 29  ? 1.282   -0.468  -10.029 1.00 4.30  ? 139 PHE A CA  1 
ATOM   225  C C   . PHE A 1 29  ? 0.056   0.313   -9.546  1.00 5.39  ? 139 PHE A C   1 
ATOM   226  O O   . PHE A 1 29  ? -1.071  -0.177  -9.601  1.00 5.44  ? 139 PHE A O   1 
ATOM   227  C CB  . PHE A 1 29  ? 2.038   -1.083  -8.844  1.00 6.64  ? 139 PHE A CB  1 
ATOM   228  C CG  . PHE A 1 29  ? 1.219   -2.032  -8.010  1.00 7.19  ? 139 PHE A CG  1 
ATOM   229  C CD1 . PHE A 1 29  ? 0.420   -3.004  -8.603  1.00 6.94  ? 139 PHE A CD1 1 
ATOM   230  C CD2 . PHE A 1 29  ? 1.292   -1.984  -6.619  1.00 8.06  ? 139 PHE A CD2 1 
ATOM   231  C CE1 . PHE A 1 29  ? -0.292  -3.919  -7.822  1.00 8.89  ? 139 PHE A CE1 1 
ATOM   232  C CE2 . PHE A 1 29  ? 0.582   -2.895  -5.832  1.00 8.00  ? 139 PHE A CE2 1 
ATOM   233  C CZ  . PHE A 1 29  ? -0.210  -3.863  -6.439  1.00 7.19  ? 139 PHE A CZ  1 
ATOM   234  N N   . ARG A 1 30  ? 0.272   1.536   -9.082  1.00 4.64  ? 140 ARG A N   1 
ATOM   235  C CA  . ARG A 1 30  ? -0.841  2.345   -8.603  1.00 4.36  ? 140 ARG A CA  1 
ATOM   236  C C   . ARG A 1 30  ? -1.836  2.656   -9.709  1.00 7.51  ? 140 ARG A C   1 
ATOM   237  O O   . ARG A 1 30  ? -3.046  2.626   -9.482  1.00 8.19  ? 140 ARG A O   1 
ATOM   238  C CB  . ARG A 1 30  ? -0.332  3.637   -7.963  1.00 6.16  ? 140 ARG A CB  1 
ATOM   239  C CG  . ARG A 1 30  ? -1.431  4.406   -7.240  1.00 8.09  ? 140 ARG A CG  1 
ATOM   240  C CD  . ARG A 1 30  ? -0.873  5.419   -6.246  1.00 6.03  ? 140 ARG A CD  1 
ATOM   241  N NE  . ARG A 1 30  ? -1.964  6.061   -5.518  1.00 7.43  ? 140 ARG A NE  1 
ATOM   242  C CZ  . ARG A 1 30  ? -2.659  7.098   -5.971  1.00 8.10  ? 140 ARG A CZ  1 
ATOM   243  N NH1 . ARG A 1 30  ? -2.367  7.640   -7.148  1.00 8.90  ? 140 ARG A NH1 1 
ATOM   244  N NH2 . ARG A 1 30  ? -3.680  7.564   -5.269  1.00 7.80  ? 140 ARG A NH2 1 
ATOM   245  N N   . THR A 1 31  ? -1.338  2.940   -10.908 1.00 6.19  ? 141 THR A N   1 
ATOM   246  C CA  . THR A 1 31  ? -2.231  3.228   -12.021 1.00 8.72  ? 141 THR A CA  1 
ATOM   247  C C   . THR A 1 31  ? -3.000  1.970   -12.392 1.00 7.00  ? 141 THR A C   1 
ATOM   248  O O   . THR A 1 31  ? -4.191  2.030   -12.690 1.00 7.42  ? 141 THR A O   1 
ATOM   249  C CB  . THR A 1 31  ? -1.458  3.746   -13.226 1.00 10.20 ? 141 THR A CB  1 
ATOM   250  O OG1 . THR A 1 31  ? -0.871  5.009   -12.889 1.00 12.29 ? 141 THR A OG1 1 
ATOM   251  C CG2 . THR A 1 31  ? -2.395  3.923   -14.428 1.00 12.10 ? 141 THR A CG2 1 
ATOM   252  N N   . PHE A 1 32  ? -2.320  0.827   -12.364 1.00 5.58  ? 142 PHE A N   1 
ATOM   253  C CA  . PHE A 1 32  ? -2.973  -0.443  -12.660 1.00 5.67  ? 142 PHE A CA  1 
ATOM   254  C C   . PHE A 1 32  ? -4.126  -0.643  -11.669 1.00 6.44  ? 142 PHE A C   1 
ATOM   255  O O   . PHE A 1 32  ? -5.245  -1.012  -12.048 1.00 6.75  ? 142 PHE A O   1 
ATOM   256  C CB  . PHE A 1 32  ? -1.964  -1.587  -12.527 1.00 5.58  ? 142 PHE A CB  1 
ATOM   257  C CG  . PHE A 1 32  ? -2.588  -2.957  -12.522 1.00 7.57  ? 142 PHE A CG  1 
ATOM   258  C CD1 . PHE A 1 32  ? -2.944  -3.580  -13.714 1.00 8.76  ? 142 PHE A CD1 1 
ATOM   259  C CD2 . PHE A 1 32  ? -2.833  -3.617  -11.321 1.00 7.41  ? 142 PHE A CD2 1 
ATOM   260  C CE1 . PHE A 1 32  ? -3.538  -4.850  -13.711 1.00 8.24  ? 142 PHE A CE1 1 
ATOM   261  C CE2 . PHE A 1 32  ? -3.428  -4.885  -11.310 1.00 7.83  ? 142 PHE A CE2 1 
ATOM   262  C CZ  . PHE A 1 32  ? -3.780  -5.497  -12.512 1.00 8.70  ? 142 PHE A CZ  1 
ATOM   263  N N   . LEU A 1 33  ? -3.850  -0.397  -10.393 1.00 5.60  ? 143 LEU A N   1 
ATOM   264  C CA  . LEU A 1 33  ? -4.866  -0.550  -9.353  1.00 4.89  ? 143 LEU A CA  1 
ATOM   265  C C   . LEU A 1 33  ? -6.030  0.423   -9.540  1.00 5.51  ? 143 LEU A C   1 
ATOM   266  O O   . LEU A 1 33  ? -7.194  0.046   -9.379  1.00 4.93  ? 143 LEU A O   1 
ATOM   267  C CB  . LEU A 1 33  ? -4.245  -0.337  -7.968  1.00 4.94  ? 143 LEU A CB  1 
ATOM   268  C CG  . LEU A 1 33  ? -3.238  -1.378  -7.472  1.00 4.66  ? 143 LEU A CG  1 
ATOM   269  C CD1 . LEU A 1 33  ? -2.623  -0.882  -6.166  1.00 5.06  ? 143 LEU A CD1 1 
ATOM   270  C CD2 . LEU A 1 33  ? -3.923  -2.718  -7.256  1.00 6.32  ? 143 LEU A CD2 1 
ATOM   271  N N   . LYS A 1 34  ? -5.720  1.673   -9.871  1.00 5.27  ? 144 LYS A N   1 
ATOM   272  C CA  . LYS A 1 34  ? -6.768  2.678   -10.055 1.00 6.35  ? 144 LYS A CA  1 
ATOM   273  C C   . LYS A 1 34  ? -7.770  2.266   -11.126 1.00 6.47  ? 144 LYS A C   1 
ATOM   274  O O   . LYS A 1 34  ? -8.965  2.536   -11.003 1.00 7.38  ? 144 LYS A O   1 
ATOM   275  C CB  . LYS A 1 34  ? -6.154  4.033   -10.427 1.00 7.35  ? 144 LYS A CB  1 
ATOM   276  C CG  . LYS A 1 34  ? -5.483  4.751   -9.268  1.00 10.73 ? 144 LYS A CG  1 
ATOM   277  C CD  . LYS A 1 34  ? -4.842  6.060   -9.717  1.00 14.66 ? 144 LYS A CD  1 
ATOM   278  C CE  . LYS A 1 34  ? -5.856  7.035   -10.290 1.00 18.78 ? 144 LYS A CE  1 
ATOM   279  N NZ  . LYS A 1 34  ? -5.198  8.311   -10.718 1.00 20.60 ? 144 LYS A NZ  1 
ATOM   280  N N   . GLN A 1 35  ? -7.277  1.607   -12.170 1.00 6.84  ? 145 GLN A N   1 
ATOM   281  C CA  . GLN A 1 35  ? -8.130  1.176   -13.272 1.00 7.45  ? 145 GLN A CA  1 
ATOM   282  C C   . GLN A 1 35  ? -9.066  0.039   -12.887 1.00 8.48  ? 145 GLN A C   1 
ATOM   283  O O   . GLN A 1 35  ? -10.016 -0.258  -13.615 1.00 9.56  ? 145 GLN A O   1 
ATOM   284  C CB  . GLN A 1 35  ? -7.271  0.760   -14.470 1.00 8.51  ? 145 GLN A CB  1 
ATOM   285  C CG  . GLN A 1 35  ? -6.373  1.873   -14.981 1.00 10.78 ? 145 GLN A CG  1 
ATOM   286  C CD  . GLN A 1 35  ? -5.490  1.433   -16.126 1.00 12.09 ? 145 GLN A CD  1 
ATOM   287  O OE1 . GLN A 1 35  ? -5.068  0.279   -16.188 1.00 16.69 ? 145 GLN A OE1 1 
ATOM   288  N NE2 . GLN A 1 35  ? -5.183  2.359   -17.026 1.00 14.19 ? 145 GLN A NE2 1 
ATOM   289  N N   . GLU A 1 36  ? -8.792  -0.605  -11.756 1.00 7.01  ? 146 GLU A N   1 
ATOM   290  C CA  . GLU A 1 36  ? -9.638  -1.696  -11.280 1.00 8.05  ? 146 GLU A CA  1 
ATOM   291  C C   . GLU A 1 36  ? -10.363 -1.284  -9.998  1.00 8.29  ? 146 GLU A C   1 
ATOM   292  O O   . GLU A 1 36  ? -11.053 -2.096  -9.383  1.00 8.85  ? 146 GLU A O   1 
ATOM   293  C CB  . GLU A 1 36  ? -8.808  -2.955  -11.008 1.00 9.49  ? 146 GLU A CB  1 
ATOM   294  C CG  . GLU A 1 36  ? -8.018  -3.445  -12.199 1.00 14.14 ? 146 GLU A CG  1 
ATOM   295  C CD  . GLU A 1 36  ? -7.444  -4.825  -11.967 1.00 13.63 ? 146 GLU A CD  1 
ATOM   296  O OE1 . GLU A 1 36  ? -7.135  -5.150  -10.800 1.00 16.65 ? 146 GLU A OE1 1 
ATOM   297  O OE2 . GLU A 1 36  ? -7.294  -5.578  -12.946 1.00 17.42 ? 146 GLU A OE2 1 
ATOM   298  N N   . GLY A 1 37  ? -10.205 -0.023  -9.606  1.00 7.77  ? 147 GLY A N   1 
ATOM   299  C CA  . GLY A 1 37  ? -10.851 0.465   -8.396  1.00 8.31  ? 147 GLY A CA  1 
ATOM   300  C C   . GLY A 1 37  ? -10.248 -0.127  -7.136  1.00 10.20 ? 147 GLY A C   1 
ATOM   301  O O   . GLY A 1 37  ? -10.924 -0.244  -6.109  1.00 8.15  ? 147 GLY A O   1 
ATOM   302  N N   . CYS A 1 38  ? -8.966  -0.482  -7.214  1.00 7.53  ? 148 CYS A N   1 
ATOM   303  C CA  . CYS A 1 38  ? -8.264  -1.098  -6.091  1.00 8.91  ? 148 CYS A CA  1 
ATOM   304  C C   . CYS A 1 38  ? -7.124  -0.278  -5.505  1.00 6.64  ? 148 CYS A C   1 
ATOM   305  O O   . CYS A 1 38  ? -6.393  -0.775  -4.650  1.00 7.73  ? 148 CYS A O   1 
ATOM   306  C CB  . CYS A 1 38  ? -7.694  -2.454  -6.516  1.00 7.70  ? 148 CYS A CB  1 
ATOM   307  S SG  . CYS A 1 38  ? -8.936  -3.697  -6.877  1.00 12.16 ? 148 CYS A SG  1 
ATOM   308  N N   . ALA A 1 39  ? -6.971  0.967   -5.939  1.00 6.57  ? 149 ALA A N   1 
ATOM   309  C CA  . ALA A 1 39  ? -5.871  1.788   -5.444  1.00 5.91  ? 149 ALA A CA  1 
ATOM   310  C C   . ALA A 1 39  ? -5.859  2.005   -3.937  1.00 5.46  ? 149 ALA A C   1 
ATOM   311  O O   . ALA A 1 39  ? -4.798  2.247   -3.356  1.00 5.90  ? 149 ALA A O   1 
ATOM   312  C CB  . ALA A 1 39  ? -5.842  3.134   -6.172  1.00 6.86  ? 149 ALA A CB  1 
ATOM   313  N N   . ASP A 1 40  ? -7.025  1.925   -3.301  1.00 5.00  ? 150 ASP A N   1 
ATOM   314  C CA  . ASP A 1 40  ? -7.090  2.097   -1.856  1.00 6.08  ? 150 ASP A CA  1 
ATOM   315  C C   . ASP A 1 40  ? -6.243  1.058   -1.130  1.00 6.34  ? 150 ASP A C   1 
ATOM   316  O O   . ASP A 1 40  ? -5.784  1.311   -0.021  1.00 6.36  ? 150 ASP A O   1 
ATOM   317  C CB  . ASP A 1 40  ? -8.522  1.980   -1.351  1.00 6.36  ? 150 ASP A CB  1 
ATOM   318  C CG  . ASP A 1 40  ? -9.368  3.198   -1.669  1.00 7.86  ? 150 ASP A CG  1 
ATOM   319  O OD1 . ASP A 1 40  ? -10.587 3.097   -1.459  1.00 7.43  ? 150 ASP A OD1 1 
ATOM   320  O OD2 . ASP A 1 40  ? -8.840  4.245   -2.111  1.00 8.77  ? 150 ASP A OD2 1 
ATOM   321  N N   . LEU A 1 41  ? -6.046  -0.112  -1.731  1.00 5.24  ? 151 LEU A N   1 
ATOM   322  C CA  . LEU A 1 41  ? -5.229  -1.130  -1.072  1.00 5.95  ? 151 LEU A CA  1 
ATOM   323  C C   . LEU A 1 41  ? -3.827  -0.571  -0.845  1.00 7.59  ? 151 LEU A C   1 
ATOM   324  O O   . LEU A 1 41  ? -3.279  -0.643  0.257   1.00 7.20  ? 151 LEU A O   1 
ATOM   325  C CB  . LEU A 1 41  ? -5.116  -2.392  -1.932  1.00 7.04  ? 151 LEU A CB  1 
ATOM   326  C CG  . LEU A 1 41  ? -6.416  -3.138  -2.223  1.00 5.94  ? 151 LEU A CG  1 
ATOM   327  C CD1 . LEU A 1 41  ? -6.131  -4.257  -3.217  1.00 7.09  ? 151 LEU A CD1 1 
ATOM   328  C CD2 . LEU A 1 41  ? -7.018  -3.676  -0.938  1.00 7.58  ? 151 LEU A CD2 1 
ATOM   329  N N   . LEU A 1 42  ? -3.251  -0.008  -1.899  1.00 4.56  ? 152 LEU A N   1 
ATOM   330  C CA  . LEU A 1 42  ? -1.907  0.546   -1.808  1.00 4.37  ? 152 LEU A CA  1 
ATOM   331  C C   . LEU A 1 42  ? -1.853  1.831   -0.996  1.00 6.46  ? 152 LEU A C   1 
ATOM   332  O O   . LEU A 1 42  ? -0.949  2.007   -0.177  1.00 5.88  ? 152 LEU A O   1 
ATOM   333  C CB  . LEU A 1 42  ? -1.344  0.797   -3.209  1.00 8.24  ? 152 LEU A CB  1 
ATOM   334  C CG  . LEU A 1 42  ? 0.088   1.336   -3.288  1.00 6.57  ? 152 LEU A CG  1 
ATOM   335  C CD1 . LEU A 1 42  ? 1.074   0.349   -2.650  1.00 8.24  ? 152 LEU A CD1 1 
ATOM   336  C CD2 . LEU A 1 42  ? 0.444   1.554   -4.741  1.00 9.68  ? 152 LEU A CD2 1 
ATOM   337  N N   . ASP A 1 43  ? -2.811  2.731   -1.216  1.00 4.44  ? 153 ASP A N   1 
ATOM   338  C CA  . ASP A 1 43  ? -2.819  3.988   -0.477  1.00 5.03  ? 153 ASP A CA  1 
ATOM   339  C C   . ASP A 1 43  ? -2.985  3.749   1.020   1.00 5.27  ? 153 ASP A C   1 
ATOM   340  O O   . ASP A 1 43  ? -2.350  4.421   1.830   1.00 6.54  ? 153 ASP A O   1 
ATOM   341  C CB  . ASP A 1 43  ? -3.926  4.920   -0.983  1.00 5.34  ? 153 ASP A CB  1 
ATOM   342  C CG  . ASP A 1 43  ? -3.709  5.360   -2.417  1.00 7.35  ? 153 ASP A CG  1 
ATOM   343  O OD1 . ASP A 1 43  ? -2.597  5.135   -2.950  1.00 9.15  ? 153 ASP A OD1 1 
ATOM   344  O OD2 . ASP A 1 43  ? -4.652  5.940   -2.998  1.00 7.70  ? 153 ASP A OD2 1 
ATOM   345  N N   . PHE A 1 44  ? -3.840  2.801   1.390   1.00 6.16  ? 154 PHE A N   1 
ATOM   346  C CA  . PHE A 1 44  ? -4.027  2.486   2.806   1.00 5.60  ? 154 PHE A CA  1 
ATOM   347  C C   . PHE A 1 44  ? -2.746  1.875   3.362   1.00 7.13  ? 154 PHE A C   1 
ATOM   348  O O   . PHE A 1 44  ? -2.317  2.208   4.467   1.00 6.42  ? 154 PHE A O   1 
ATOM   349  C CB  . PHE A 1 44  ? -5.178  1.497   2.995   1.00 5.90  ? 154 PHE A CB  1 
ATOM   350  C CG  . PHE A 1 44  ? -5.340  1.013   4.411   1.00 7.04  ? 154 PHE A CG  1 
ATOM   351  C CD1 . PHE A 1 44  ? -5.805  1.867   5.404   1.00 6.05  ? 154 PHE A CD1 1 
ATOM   352  C CD2 . PHE A 1 44  ? -5.032  -0.306  4.747   1.00 6.57  ? 154 PHE A CD2 1 
ATOM   353  C CE1 . PHE A 1 44  ? -5.969  1.415   6.720   1.00 6.25  ? 154 PHE A CE1 1 
ATOM   354  C CE2 . PHE A 1 44  ? -5.189  -0.771  6.053   1.00 7.29  ? 154 PHE A CE2 1 
ATOM   355  C CZ  . PHE A 1 44  ? -5.658  0.089   7.043   1.00 6.86  ? 154 PHE A CZ  1 
ATOM   356  N N   . TRP A 1 45  ? -2.143  0.969   2.600   1.00 5.81  ? 155 TRP A N   1 
ATOM   357  C CA  . TRP A 1 45  ? -0.918  0.331   3.043   1.00 7.12  ? 155 TRP A CA  1 
ATOM   358  C C   . TRP A 1 45  ? 0.134   1.400   3.367   1.00 7.42  ? 155 TRP A C   1 
ATOM   359  O O   . TRP A 1 45  ? 0.770   1.358   4.426   1.00 7.12  ? 155 TRP A O   1 
ATOM   360  C CB  . TRP A 1 45  ? -0.408  -0.634  1.965   1.00 8.00  ? 155 TRP A CB  1 
ATOM   361  C CG  . TRP A 1 45  ? 0.759   -1.439  2.418   1.00 9.71  ? 155 TRP A CG  1 
ATOM   362  C CD1 . TRP A 1 45  ? 0.735   -2.587  3.161   1.00 10.38 ? 155 TRP A CD1 1 
ATOM   363  C CD2 . TRP A 1 45  ? 2.134   -1.133  2.194   1.00 11.70 ? 155 TRP A CD2 1 
ATOM   364  N NE1 . TRP A 1 45  ? 2.018   -3.013  3.413   1.00 11.49 ? 155 TRP A NE1 1 
ATOM   365  C CE2 . TRP A 1 45  ? 2.896   -2.139  2.830   1.00 12.38 ? 155 TRP A CE2 1 
ATOM   366  C CE3 . TRP A 1 45  ? 2.801   -0.106  1.518   1.00 12.18 ? 155 TRP A CE3 1 
ATOM   367  C CZ2 . TRP A 1 45  ? 4.294   -2.143  2.810   1.00 14.45 ? 155 TRP A CZ2 1 
ATOM   368  C CZ3 . TRP A 1 45  ? 4.188   -0.108  1.500   1.00 14.01 ? 155 TRP A CZ3 1 
ATOM   369  C CH2 . TRP A 1 45  ? 4.919   -1.122  2.141   1.00 16.74 ? 155 TRP A CH2 1 
ATOM   370  N N   . PHE A 1 46  ? 0.307   2.372   2.475   1.00 6.24  ? 156 PHE A N   1 
ATOM   371  C CA  . PHE A 1 46  ? 1.281   3.427   2.726   1.00 7.40  ? 156 PHE A CA  1 
ATOM   372  C C   . PHE A 1 46  ? 0.870   4.319   3.888   1.00 7.62  ? 156 PHE A C   1 
ATOM   373  O O   . PHE A 1 46  ? 1.724   4.774   4.647   1.00 8.92  ? 156 PHE A O   1 
ATOM   374  C CB  . PHE A 1 46  ? 1.497   4.283   1.476   1.00 7.58  ? 156 PHE A CB  1 
ATOM   375  C CG  . PHE A 1 46  ? 2.585   3.775   0.578   1.00 7.35  ? 156 PHE A CG  1 
ATOM   376  C CD1 . PHE A 1 46  ? 2.303   3.390   -0.729  1.00 9.83  ? 156 PHE A CD1 1 
ATOM   377  C CD2 . PHE A 1 46  ? 3.899   3.700   1.031   1.00 9.88  ? 156 PHE A CD2 1 
ATOM   378  C CE1 . PHE A 1 46  ? 3.317   2.940   -1.575  1.00 8.41  ? 156 PHE A CE1 1 
ATOM   379  C CE2 . PHE A 1 46  ? 4.921   3.252   0.195   1.00 10.39 ? 156 PHE A CE2 1 
ATOM   380  C CZ  . PHE A 1 46  ? 4.626   2.872   -1.109  1.00 9.38  ? 156 PHE A CZ  1 
ATOM   381  N N   . ALA A 1 47  ? -0.428  4.567   4.037   1.00 8.20  ? 157 ALA A N   1 
ATOM   382  C CA  . ALA A 1 47  ? -0.889  5.417   5.134   1.00 6.89  ? 157 ALA A CA  1 
ATOM   383  C C   . ALA A 1 47  ? -0.511  4.788   6.467   1.00 7.85  ? 157 ALA A C   1 
ATOM   384  O O   . ALA A 1 47  ? -0.124  5.485   7.407   1.00 8.82  ? 157 ALA A O   1 
ATOM   385  C CB  . ALA A 1 47  ? -2.405  5.615   5.061   1.00 7.27  ? 157 ALA A CB  1 
ATOM   386  N N   . CYS A 1 48  ? -0.625  3.467   6.548   1.00 7.86  ? 158 CYS A N   1 
ATOM   387  C CA  . CYS A 1 48  ? -0.289  2.762   7.779   1.00 7.41  ? 158 CYS A CA  1 
ATOM   388  C C   . CYS A 1 48  ? 1.204   2.842   8.051   1.00 9.24  ? 158 CYS A C   1 
ATOM   389  O O   . CYS A 1 48  ? 1.620   3.027   9.193   1.00 10.85 ? 158 CYS A O   1 
ATOM   390  C CB  . CYS A 1 48  ? -0.714  1.296   7.693   1.00 6.87  ? 158 CYS A CB  1 
ATOM   391  S SG  . CYS A 1 48  ? -2.508  1.035   7.649   1.00 10.28 ? 158 CYS A SG  1 
ATOM   392  N N   . THR A 1 49  ? 2.009   2.697   7.005   1.00 10.97 ? 159 THR A N   1 
ATOM   393  C CA  . THR A 1 49  ? 3.457   2.764   7.169   1.00 12.93 ? 159 THR A CA  1 
ATOM   394  C C   . THR A 1 49  ? 3.871   4.133   7.702   1.00 13.65 ? 159 THR A C   1 
ATOM   395  O O   . THR A 1 49  ? 4.739   4.235   8.572   1.00 13.99 ? 159 THR A O   1 
ATOM   396  C CB  . THR A 1 49  ? 4.186   2.501   5.838   1.00 14.92 ? 159 THR A CB  1 
ATOM   397  O OG1 A THR A 1 49  ? 4.003   1.130   5.463   0.50 16.65 ? 159 THR A OG1 1 
ATOM   398  O OG1 B THR A 1 49  ? 3.848   3.522   4.892   0.50 16.81 ? 159 THR A OG1 1 
ATOM   399  C CG2 A THR A 1 49  ? 5.675   2.796   5.976   0.50 12.01 ? 159 THR A CG2 1 
ATOM   400  C CG2 B THR A 1 49  ? 3.793   1.152   5.272   0.50 16.47 ? 159 THR A CG2 1 
ATOM   401  N N   . GLY A 1 50  ? 3.243   5.183   7.181   1.00 10.19 ? 160 GLY A N   1 
ATOM   402  C CA  . GLY A 1 50  ? 3.562   6.529   7.627   1.00 9.85  ? 160 GLY A CA  1 
ATOM   403  C C   . GLY A 1 50  ? 3.077   6.807   9.036   1.00 11.48 ? 160 GLY A C   1 
ATOM   404  O O   . GLY A 1 50  ? 3.770   7.459   9.816   1.00 14.16 ? 160 GLY A O   1 
ATOM   405  N N   . PHE A 1 51  ? 1.892   6.315   9.373   1.00 8.82  ? 161 PHE A N   1 
ATOM   406  C CA  . PHE A 1 51  ? 1.341   6.539   10.701  1.00 9.61  ? 161 PHE A CA  1 
ATOM   407  C C   . PHE A 1 51  ? 2.187   5.870   11.780  1.00 10.75 ? 161 PHE A C   1 
ATOM   408  O O   . PHE A 1 51  ? 2.464   6.464   12.826  1.00 9.52  ? 161 PHE A O   1 
ATOM   409  C CB  . PHE A 1 51  ? -0.093  5.999   10.786  1.00 8.94  ? 161 PHE A CB  1 
ATOM   410  C CG  . PHE A 1 51  ? -0.729  6.212   12.126  1.00 8.46  ? 161 PHE A CG  1 
ATOM   411  C CD1 . PHE A 1 51  ? -1.295  7.440   12.454  1.00 11.00 ? 161 PHE A CD1 1 
ATOM   412  C CD2 . PHE A 1 51  ? -0.717  5.200   13.082  1.00 9.19  ? 161 PHE A CD2 1 
ATOM   413  C CE1 . PHE A 1 51  ? -1.842  7.656   13.721  1.00 10.60 ? 161 PHE A CE1 1 
ATOM   414  C CE2 . PHE A 1 51  ? -1.258  5.408   14.345  1.00 10.78 ? 161 PHE A CE2 1 
ATOM   415  C CZ  . PHE A 1 51  ? -1.819  6.635   14.662  1.00 9.97  ? 161 PHE A CZ  1 
ATOM   416  N N   . ARG A 1 52  ? 2.597   4.631   11.528  1.00 11.44 ? 162 ARG A N   1 
ATOM   417  C CA  . ARG A 1 52  ? 3.385   3.886   12.499  1.00 12.66 ? 162 ARG A CA  1 
ATOM   418  C C   . ARG A 1 52  ? 4.719   4.545   12.827  1.00 13.52 ? 162 ARG A C   1 
ATOM   419  O O   . ARG A 1 52  ? 5.280   4.307   13.895  1.00 12.35 ? 162 ARG A O   1 
ATOM   420  C CB  . ARG A 1 52  ? 3.601   2.446   12.011  1.00 16.33 ? 162 ARG A CB  1 
ATOM   421  C CG  A ARG A 1 52  ? 4.314   1.563   13.038  0.50 19.89 ? 162 ARG A CG  1 
ATOM   422  C CG  B ARG A 1 52  ? 4.643   1.641   12.784  0.50 20.38 ? 162 ARG A CG  1 
ATOM   423  C CD  A ARG A 1 52  ? 4.308   0.080   12.676  0.50 22.76 ? 162 ARG A CD  1 
ATOM   424  C CD  B ARG A 1 52  ? 4.270   1.485   14.247  0.50 22.49 ? 162 ARG A CD  1 
ATOM   425  N NE  A ARG A 1 52  ? 3.813   -0.193  11.330  0.50 25.63 ? 162 ARG A NE  1 
ATOM   426  N NE  B ARG A 1 52  ? 5.251   0.679   14.966  0.50 25.51 ? 162 ARG A NE  1 
ATOM   427  C CZ  A ARG A 1 52  ? 4.468   0.095   10.211  0.50 26.35 ? 162 ARG A CZ  1 
ATOM   428  C CZ  B ARG A 1 52  ? 5.246   0.490   16.282  0.50 26.59 ? 162 ARG A CZ  1 
ATOM   429  N NH1 A ARG A 1 52  ? 5.660   0.671   10.266  0.50 27.58 ? 162 ARG A NH1 1 
ATOM   430  N NH1 B ARG A 1 52  ? 4.309   1.054   17.029  0.50 28.63 ? 162 ARG A NH1 1 
ATOM   431  N NH2 A ARG A 1 52  ? 3.930   -0.194  9.035   0.50 27.75 ? 162 ARG A NH2 1 
ATOM   432  N NH2 B ARG A 1 52  ? 6.179   -0.259  16.850  0.50 28.68 ? 162 ARG A NH2 1 
ATOM   433  N N   . LYS A 1 53  ? 5.220   5.387   11.927  1.00 11.48 ? 163 LYS A N   1 
ATOM   434  C CA  . LYS A 1 53  ? 6.496   6.057   12.167  1.00 15.57 ? 163 LYS A CA  1 
ATOM   435  C C   . LYS A 1 53  ? 6.374   7.195   13.171  1.00 14.32 ? 163 LYS A C   1 
ATOM   436  O O   . LYS A 1 53  ? 7.360   7.574   13.811  1.00 16.11 ? 163 LYS A O   1 
ATOM   437  C CB  . LYS A 1 53  ? 7.071   6.610   10.861  1.00 15.79 ? 163 LYS A CB  1 
ATOM   438  C CG  . LYS A 1 53  ? 7.536   5.559   9.871   1.00 18.77 ? 163 LYS A CG  1 
ATOM   439  C CD  . LYS A 1 53  ? 8.070   6.236   8.615   1.00 20.58 ? 163 LYS A CD  1 
ATOM   440  C CE  . LYS A 1 53  ? 8.442   5.236   7.541   1.00 24.25 ? 163 LYS A CE  1 
ATOM   441  N NZ  . LYS A 1 53  ? 9.003   5.928   6.348   1.00 26.28 ? 163 LYS A NZ  1 
ATOM   442  N N   . LEU A 1 54  ? 5.175   7.751   13.304  1.00 12.14 ? 164 LEU A N   1 
ATOM   443  C CA  . LEU A 1 54  ? 4.963   8.844   14.240  1.00 12.02 ? 164 LEU A CA  1 
ATOM   444  C C   . LEU A 1 54  ? 4.928   8.263   15.648  1.00 13.31 ? 164 LEU A C   1 
ATOM   445  O O   . LEU A 1 54  ? 4.304   7.228   15.890  1.00 14.72 ? 164 LEU A O   1 
ATOM   446  C CB  . LEU A 1 54  ? 3.653   9.571   13.916  1.00 11.83 ? 164 LEU A CB  1 
ATOM   447  C CG  . LEU A 1 54  ? 3.602   10.210  12.520  1.00 10.36 ? 164 LEU A CG  1 
ATOM   448  C CD1 . LEU A 1 54  ? 2.194   10.708  12.224  1.00 12.95 ? 164 LEU A CD1 1 
ATOM   449  C CD2 . LEU A 1 54  ? 4.609   11.355  12.442  1.00 10.40 ? 164 LEU A CD2 1 
ATOM   450  N N   . GLU A 1 55  ? 5.617   8.918   16.572  1.00 12.42 ? 165 GLU A N   1 
ATOM   451  C CA  . GLU A 1 55  ? 5.672   8.442   17.945  1.00 13.16 ? 165 GLU A CA  1 
ATOM   452  C C   . GLU A 1 55  ? 4.953   9.458   18.831  1.00 11.86 ? 165 GLU A C   1 
ATOM   453  O O   . GLU A 1 55  ? 4.991   10.658  18.575  1.00 12.98 ? 165 GLU A O   1 
ATOM   454  C CB  . GLU A 1 55  ? 7.137   8.254   18.354  1.00 15.59 ? 165 GLU A CB  1 
ATOM   455  C CG  A GLU A 1 55  ? 7.915   7.375   17.372  0.50 14.18 ? 165 GLU A CG  1 
ATOM   456  C CG  B GLU A 1 55  ? 7.369   7.145   19.373  0.50 21.21 ? 165 GLU A CG  1 
ATOM   457  C CD  A GLU A 1 55  ? 9.399   7.280   17.682  0.50 16.48 ? 165 GLU A CD  1 
ATOM   458  C CD  B GLU A 1 55  ? 6.894   5.782   18.886  0.50 21.87 ? 165 GLU A CD  1 
ATOM   459  O OE1 A GLU A 1 55  ? 10.060  8.334   17.815  0.50 14.21 ? 165 GLU A OE1 1 
ATOM   460  O OE1 B GLU A 1 55  ? 7.272   5.380   17.765  0.50 25.30 ? 165 GLU A OE1 1 
ATOM   461  O OE2 A GLU A 1 55  ? 9.910   6.144   17.781  0.50 19.74 ? 165 GLU A OE2 1 
ATOM   462  O OE2 B GLU A 1 55  ? 6.150   5.109   19.631  0.50 22.35 ? 165 GLU A OE2 1 
ATOM   463  N N   . PRO A 1 56  ? 4.276   8.985   19.882  1.00 12.71 ? 166 PRO A N   1 
ATOM   464  C CA  . PRO A 1 56  ? 3.534   9.856   20.793  1.00 12.92 ? 166 PRO A CA  1 
ATOM   465  C C   . PRO A 1 56  ? 4.332   10.760  21.729  1.00 11.32 ? 166 PRO A C   1 
ATOM   466  O O   . PRO A 1 56  ? 5.272   10.318  22.385  1.00 13.18 ? 166 PRO A O   1 
ATOM   467  C CB  . PRO A 1 56  ? 2.677   8.875   21.601  1.00 15.04 ? 166 PRO A CB  1 
ATOM   468  C CG  . PRO A 1 56  ? 2.765   7.564   20.833  1.00 15.61 ? 166 PRO A CG  1 
ATOM   469  C CD  . PRO A 1 56  ? 4.147   7.578   20.292  1.00 13.60 ? 166 PRO A CD  1 
ATOM   470  N N   . CYS A 1 57  ? 3.949   12.029  21.780  1.00 11.50 ? 167 CYS A N   1 
ATOM   471  C CA  . CYS A 1 57  ? 4.553   12.973  22.718  1.00 12.36 ? 167 CYS A CA  1 
ATOM   472  C C   . CYS A 1 57  ? 3.397   13.883  23.132  1.00 13.99 ? 167 CYS A C   1 
ATOM   473  O O   . CYS A 1 57  ? 2.360   13.899  22.463  1.00 14.23 ? 167 CYS A O   1 
ATOM   474  C CB  . CYS A 1 57  ? 5.735   13.741  22.099  1.00 13.49 ? 167 CYS A CB  1 
ATOM   475  S SG  . CYS A 1 57  ? 5.393   14.899  20.786  1.00 13.53 ? 167 CYS A SG  1 
ATOM   476  N N   . ASP A 1 58  ? 3.547   14.622  24.226  1.00 15.89 ? 168 ASP A N   1 
ATOM   477  C CA  . ASP A 1 58  ? 2.442   15.451  24.706  1.00 17.09 ? 168 ASP A CA  1 
ATOM   478  C C   . ASP A 1 58  ? 2.097   16.694  23.907  1.00 17.87 ? 168 ASP A C   1 
ATOM   479  O O   . ASP A 1 58  ? 1.304   17.522  24.360  1.00 21.07 ? 168 ASP A O   1 
ATOM   480  C CB  . ASP A 1 58  ? 2.649   15.820  26.186  1.00 21.22 ? 168 ASP A CB  1 
ATOM   481  C CG  . ASP A 1 58  ? 3.621   16.967  26.393  1.00 24.36 ? 168 ASP A CG  1 
ATOM   482  O OD1 . ASP A 1 58  ? 4.349   17.339  25.449  1.00 24.13 ? 168 ASP A OD1 1 
ATOM   483  O OD2 . ASP A 1 58  ? 3.660   17.496  27.528  1.00 26.55 ? 168 ASP A OD2 1 
ATOM   484  N N   . SER A 1 59  ? 2.670   16.831  22.716  1.00 13.21 ? 169 SER A N   1 
ATOM   485  C CA  . SER A 1 59  ? 2.362   17.991  21.894  1.00 12.53 ? 169 SER A CA  1 
ATOM   486  C C   . SER A 1 59  ? 1.808   17.610  20.529  1.00 11.84 ? 169 SER A C   1 
ATOM   487  O O   . SER A 1 59  ? 1.393   18.482  19.770  1.00 11.98 ? 169 SER A O   1 
ATOM   488  C CB  . SER A 1 59  ? 3.592   18.893  21.731  1.00 12.38 ? 169 SER A CB  1 
ATOM   489  O OG  . SER A 1 59  ? 4.638   18.243  21.034  1.00 12.86 ? 169 SER A OG  1 
ATOM   490  N N   . ASN A 1 60  ? 1.795   16.317  20.207  1.00 11.90 ? 170 ASN A N   1 
ATOM   491  C CA  . ASN A 1 60  ? 1.255   15.887  18.912  1.00 10.83 ? 170 ASN A CA  1 
ATOM   492  C C   . ASN A 1 60  ? 0.099   14.915  19.086  1.00 12.56 ? 170 ASN A C   1 
ATOM   493  O O   . ASN A 1 60  ? -0.242  14.175  18.165  1.00 11.56 ? 170 ASN A O   1 
ATOM   494  C CB  . ASN A 1 60  ? 2.343   15.242  18.033  1.00 11.35 ? 170 ASN A CB  1 
ATOM   495  C CG  . ASN A 1 60  ? 2.779   13.862  18.523  1.00 11.90 ? 170 ASN A CG  1 
ATOM   496  O OD1 . ASN A 1 60  ? 2.275   13.350  19.517  1.00 12.96 ? 170 ASN A OD1 1 
ATOM   497  N ND2 . ASN A 1 60  ? 3.726   13.257  17.813  1.00 14.15 ? 170 ASN A ND2 1 
ATOM   498  N N   . GLU A 1 61  ? -0.516  14.942  20.265  1.00 13.51 ? 171 GLU A N   1 
ATOM   499  C CA  . GLU A 1 61  ? -1.627  14.049  20.586  1.00 15.34 ? 171 GLU A CA  1 
ATOM   500  C C   . GLU A 1 61  ? -2.830  14.217  19.659  1.00 12.48 ? 171 GLU A C   1 
ATOM   501  O O   . GLU A 1 61  ? -3.310  13.246  19.074  1.00 12.54 ? 171 GLU A O   1 
ATOM   502  C CB  . GLU A 1 61  ? -2.067  14.272  22.037  1.00 20.94 ? 171 GLU A CB  1 
ATOM   503  C CG  . GLU A 1 61  ? -0.913  14.345  23.033  1.00 28.56 ? 171 GLU A CG  1 
ATOM   504  C CD  . GLU A 1 61  ? -1.380  14.501  24.469  1.00 32.36 ? 171 GLU A CD  1 
ATOM   505  O OE1 . GLU A 1 61  ? -2.258  15.353  24.724  1.00 34.17 ? 171 GLU A OE1 1 
ATOM   506  O OE2 . GLU A 1 61  ? -0.861  13.776  25.346  1.00 35.11 ? 171 GLU A OE2 1 
ATOM   507  N N   . GLU A 1 62  ? -3.329  15.443  19.535  1.00 11.17 ? 172 GLU A N   1 
ATOM   508  C CA  . GLU A 1 62  ? -4.483  15.698  18.681  1.00 13.18 ? 172 GLU A CA  1 
ATOM   509  C C   . GLU A 1 62  ? -4.128  15.462  17.216  1.00 11.32 ? 172 GLU A C   1 
ATOM   510  O O   . GLU A 1 62  ? -4.950  14.954  16.457  1.00 10.86 ? 172 GLU A O   1 
ATOM   511  C CB  . GLU A 1 62  ? -4.989  17.130  18.884  1.00 14.21 ? 172 GLU A CB  1 
ATOM   512  C CG  . GLU A 1 62  ? -6.341  17.436  18.242  1.00 17.19 ? 172 GLU A CG  1 
ATOM   513  C CD  . GLU A 1 62  ? -7.477  16.585  18.786  1.00 19.79 ? 172 GLU A CD  1 
ATOM   514  O OE1 . GLU A 1 62  ? -7.396  16.140  19.950  1.00 20.66 ? 172 GLU A OE1 1 
ATOM   515  O OE2 . GLU A 1 62  ? -8.467  16.374  18.051  1.00 25.11 ? 172 GLU A OE2 1 
ATOM   516  N N   . LYS A 1 63  ? -2.913  15.830  16.816  1.00 8.35  ? 173 LYS A N   1 
ATOM   517  C CA  . LYS A 1 63  ? -2.485  15.619  15.434  1.00 8.36  ? 173 LYS A CA  1 
ATOM   518  C C   . LYS A 1 63  ? -2.568  14.130  15.093  1.00 9.35  ? 173 LYS A C   1 
ATOM   519  O O   . LYS A 1 63  ? -3.132  13.745  14.066  1.00 8.51  ? 173 LYS A O   1 
ATOM   520  C CB  . LYS A 1 63  ? -1.042  16.115  15.232  1.00 11.06 ? 173 LYS A CB  1 
ATOM   521  C CG  . LYS A 1 63  ? -0.876  17.624  15.370  1.00 13.12 ? 173 LYS A CG  1 
ATOM   522  C CD  . LYS A 1 63  ? 0.594   18.029  15.349  1.00 11.65 ? 173 LYS A CD  1 
ATOM   523  C CE  . LYS A 1 63  ? 1.169   18.095  13.943  1.00 13.30 ? 173 LYS A CE  1 
ATOM   524  N NZ  . LYS A 1 63  ? 0.733   19.344  13.240  1.00 12.81 ? 173 LYS A NZ  1 
ATOM   525  N N   . ARG A 1 64  ? -2.013  13.289  15.960  1.00 9.85  ? 174 ARG A N   1 
ATOM   526  C CA  . ARG A 1 64  ? -2.040  11.851  15.716  1.00 8.37  ? 174 ARG A CA  1 
ATOM   527  C C   . ARG A 1 64  ? -3.457  11.286  15.764  1.00 8.91  ? 174 ARG A C   1 
ATOM   528  O O   . ARG A 1 64  ? -3.790  10.386  14.990  1.00 7.31  ? 174 ARG A O   1 
ATOM   529  C CB  . ARG A 1 64  ? -1.145  11.123  16.723  1.00 8.09  ? 174 ARG A CB  1 
ATOM   530  C CG  . ARG A 1 64  ? 0.337   11.427  16.531  1.00 10.81 ? 174 ARG A CG  1 
ATOM   531  C CD  . ARG A 1 64  ? 1.227   10.627  17.475  1.00 11.58 ? 174 ARG A CD  1 
ATOM   532  N NE  . ARG A 1 64  ? 1.074   9.188   17.285  1.00 11.26 ? 174 ARG A NE  1 
ATOM   533  C CZ  . ARG A 1 64  ? 0.421   8.387   18.122  1.00 11.43 ? 174 ARG A CZ  1 
ATOM   534  N NH1 . ARG A 1 64  ? -0.140  8.880   19.219  1.00 10.71 ? 174 ARG A NH1 1 
ATOM   535  N NH2 . ARG A 1 64  ? 0.323   7.092   17.852  1.00 11.51 ? 174 ARG A NH2 1 
ATOM   536  N N   . LEU A 1 65  ? -4.288  11.811  16.662  1.00 7.73  ? 175 LEU A N   1 
ATOM   537  C CA  . LEU A 1 65  ? -5.661  11.332  16.767  1.00 8.62  ? 175 LEU A CA  1 
ATOM   538  C C   . LEU A 1 65  ? -6.431  11.675  15.502  1.00 7.65  ? 175 LEU A C   1 
ATOM   539  O O   . LEU A 1 65  ? -7.158  10.838  14.964  1.00 8.96  ? 175 LEU A O   1 
ATOM   540  C CB  . LEU A 1 65  ? -6.369  11.955  17.974  1.00 8.91  ? 175 LEU A CB  1 
ATOM   541  C CG  . LEU A 1 65  ? -7.871  11.652  18.082  1.00 10.03 ? 175 LEU A CG  1 
ATOM   542  C CD1 . LEU A 1 65  ? -8.110  10.152  18.171  1.00 11.38 ? 175 LEU A CD1 1 
ATOM   543  C CD2 . LEU A 1 65  ? -8.438  12.351  19.307  1.00 11.54 ? 175 LEU A CD2 1 
ATOM   544  N N   . LYS A 1 66  ? -6.272  12.904  15.024  1.00 8.35  ? 176 LYS A N   1 
ATOM   545  C CA  . LYS A 1 66  ? -6.979  13.316  13.825  1.00 8.88  ? 176 LYS A CA  1 
ATOM   546  C C   . LYS A 1 66  ? -6.528  12.514  12.613  1.00 6.95  ? 176 LYS A C   1 
ATOM   547  O O   . LYS A 1 66  ? -7.344  12.175  11.758  1.00 7.74  ? 176 LYS A O   1 
ATOM   548  C CB  . LYS A 1 66  ? -6.800  14.817  13.593  1.00 12.18 ? 176 LYS A CB  1 
ATOM   549  C CG  . LYS A 1 66  ? -7.503  15.646  14.659  1.00 15.75 ? 176 LYS A CG  1 
ATOM   550  C CD  . LYS A 1 66  ? -8.253  16.824  14.067  1.00 18.85 ? 176 LYS A CD  1 
ATOM   551  C CE  . LYS A 1 66  ? -9.074  17.537  15.130  1.00 19.62 ? 176 LYS A CE  1 
ATOM   552  N NZ  . LYS A 1 66  ? -9.784  18.724  14.578  1.00 23.62 ? 176 LYS A NZ  1 
ATOM   553  N N   . LEU A 1 67  ? -5.239  12.194  12.540  1.00 7.43  ? 177 LEU A N   1 
ATOM   554  C CA  . LEU A 1 67  ? -4.744  11.406  11.420  1.00 7.25  ? 177 LEU A CA  1 
ATOM   555  C C   . LEU A 1 67  ? -5.292  9.986   11.503  1.00 7.18  ? 177 LEU A C   1 
ATOM   556  O O   . LEU A 1 67  ? -5.725  9.425   10.496  1.00 8.25  ? 177 LEU A O   1 
ATOM   557  C CB  . LEU A 1 67  ? -3.209  11.366  11.402  1.00 7.70  ? 177 LEU A CB  1 
ATOM   558  C CG  . LEU A 1 67  ? -2.617  10.526  10.260  1.00 8.38  ? 177 LEU A CG  1 
ATOM   559  C CD1 . LEU A 1 67  ? -3.087  11.063  8.905   1.00 7.25  ? 177 LEU A CD1 1 
ATOM   560  C CD2 . LEU A 1 67  ? -1.098  10.551  10.343  1.00 8.33  ? 177 LEU A CD2 1 
ATOM   561  N N   . ALA A 1 68  ? -5.276  9.401   12.699  1.00 6.95  ? 178 ALA A N   1 
ATOM   562  C CA  . ALA A 1 68  ? -5.795  8.044   12.867  1.00 7.55  ? 178 ALA A CA  1 
ATOM   563  C C   . ALA A 1 68  ? -7.277  8.001   12.501  1.00 8.03  ? 178 ALA A C   1 
ATOM   564  O O   . ALA A 1 68  ? -7.737  7.066   11.844  1.00 8.03  ? 178 ALA A O   1 
ATOM   565  C CB  . ALA A 1 68  ? -5.594  7.572   14.310  1.00 8.47  ? 178 ALA A CB  1 
ATOM   566  N N   . ARG A 1 69  ? -8.024  9.013   12.929  1.00 8.01  ? 179 ARG A N   1 
ATOM   567  C CA  . ARG A 1 69  ? -9.447  9.082   12.628  1.00 9.13  ? 179 ARG A CA  1 
ATOM   568  C C   . ARG A 1 69  ? -9.649  9.186   11.124  1.00 7.54  ? 179 ARG A C   1 
ATOM   569  O O   . ARG A 1 69  ? -10.572 8.594   10.566  1.00 8.34  ? 179 ARG A O   1 
ATOM   570  C CB  . ARG A 1 69  ? -10.080 10.313  13.278  1.00 10.41 ? 179 ARG A CB  1 
ATOM   571  C CG  A ARG A 1 69  ? -10.296 10.225  14.778  0.50 11.31 ? 179 ARG A CG  1 
ATOM   572  C CG  B ARG A 1 69  ? -11.596 10.275  13.323  0.50 13.90 ? 179 ARG A CG  1 
ATOM   573  C CD  A ARG A 1 69  ? -10.893 11.525  15.300  0.50 15.76 ? 179 ARG A CD  1 
ATOM   574  C CD  B ARG A 1 69  ? -12.153 11.576  13.877  0.50 17.92 ? 179 ARG A CD  1 
ATOM   575  N NE  A ARG A 1 69  ? -11.255 11.450  16.712  0.50 15.86 ? 179 ARG A NE  1 
ATOM   576  N NE  B ARG A 1 69  ? -11.429 12.018  15.061  0.50 21.87 ? 179 ARG A NE  1 
ATOM   577  C CZ  A ARG A 1 69  ? -11.629 12.494  17.445  0.50 15.97 ? 179 ARG A CZ  1 
ATOM   578  C CZ  B ARG A 1 69  ? -11.771 13.069  15.800  0.50 22.63 ? 179 ARG A CZ  1 
ATOM   579  N NH1 A ARG A 1 69  ? -11.692 13.703  16.902  0.50 19.87 ? 179 ARG A NH1 1 
ATOM   580  N NH1 B ARG A 1 69  ? -12.836 13.790  15.481  0.50 25.16 ? 179 ARG A NH1 1 
ATOM   581  N NH2 A ARG A 1 69  ? -11.941 12.328  18.722  0.50 17.87 ? 179 ARG A NH2 1 
ATOM   582  N NH2 B ARG A 1 69  ? -11.039 13.403  16.855  0.50 24.17 ? 179 ARG A NH2 1 
ATOM   583  N N   . ALA A 1 70  ? -8.787  9.958   10.475  1.00 6.59  ? 180 ALA A N   1 
ATOM   584  C CA  . ALA A 1 70  ? -8.878  10.156  9.033   1.00 6.52  ? 180 ALA A CA  1 
ATOM   585  C C   . ALA A 1 70  ? -8.648  8.862   8.260   1.00 7.29  ? 180 ALA A C   1 
ATOM   586  O O   . ALA A 1 70  ? -9.367  8.569   7.307   1.00 8.60  ? 180 ALA A O   1 
ATOM   587  C CB  . ALA A 1 70  ? -7.868  11.219  8.593   1.00 7.32  ? 180 ALA A CB  1 
ATOM   588  N N   . ILE A 1 71  ? -7.640  8.098   8.665   1.00 7.30  ? 181 ILE A N   1 
ATOM   589  C CA  . ILE A 1 71  ? -7.336  6.836   8.001   1.00 6.37  ? 181 ILE A CA  1 
ATOM   590  C C   . ILE A 1 71  ? -8.504  5.878   8.198   1.00 7.91  ? 181 ILE A C   1 
ATOM   591  O O   . ILE A 1 71  ? -8.938  5.205   7.265   1.00 6.74  ? 181 ILE A O   1 
ATOM   592  C CB  . ILE A 1 71  ? -6.043  6.228   8.578   1.00 6.17  ? 181 ILE A CB  1 
ATOM   593  C CG1 . ILE A 1 71  ? -4.867  7.152   8.238   1.00 7.03  ? 181 ILE A CG1 1 
ATOM   594  C CG2 . ILE A 1 71  ? -5.817  4.827   8.028   1.00 7.52  ? 181 ILE A CG2 1 
ATOM   595  C CD1 . ILE A 1 71  ? -3.549  6.731   8.860   1.00 7.54  ? 181 ILE A CD1 1 
ATOM   596  N N   . TYR A 1 72  ? -9.011  5.836   9.424   1.00 5.75  ? 182 TYR A N   1 
ATOM   597  C CA  . TYR A 1 72  ? -10.141 4.991   9.784   1.00 6.01  ? 182 TYR A CA  1 
ATOM   598  C C   . TYR A 1 72  ? -11.384 5.344   8.960   1.00 7.62  ? 182 TYR A C   1 
ATOM   599  O O   . TYR A 1 72  ? -12.005 4.474   8.346   1.00 6.80  ? 182 TYR A O   1 
ATOM   600  C CB  . TYR A 1 72  ? -10.416 5.164   11.283  1.00 5.98  ? 182 TYR A CB  1 
ATOM   601  C CG  . TYR A 1 72  ? -11.721 4.584   11.776  1.00 8.78  ? 182 TYR A CG  1 
ATOM   602  C CD1 . TYR A 1 72  ? -12.732 5.413   12.257  1.00 9.30  ? 182 TYR A CD1 1 
ATOM   603  C CD2 . TYR A 1 72  ? -11.935 3.211   11.777  1.00 7.76  ? 182 TYR A CD2 1 
ATOM   604  C CE1 . TYR A 1 72  ? -13.931 4.879   12.733  1.00 11.19 ? 182 TYR A CE1 1 
ATOM   605  C CE2 . TYR A 1 72  ? -13.126 2.668   12.245  1.00 9.71  ? 182 TYR A CE2 1 
ATOM   606  C CZ  . TYR A 1 72  ? -14.117 3.502   12.719  1.00 12.63 ? 182 TYR A CZ  1 
ATOM   607  O OH  . TYR A 1 72  ? -15.296 2.950   13.164  1.00 16.63 ? 182 TYR A OH  1 
ATOM   608  N N   . ARG A 1 73  ? -11.734 6.622   8.934   1.00 7.17  ? 183 ARG A N   1 
ATOM   609  C CA  . ARG A 1 73  ? -12.905 7.060   8.189   1.00 7.85  ? 183 ARG A CA  1 
ATOM   610  C C   . ARG A 1 73  ? -12.785 6.831   6.692   1.00 8.75  ? 183 ARG A C   1 
ATOM   611  O O   . ARG A 1 73  ? -13.735 6.386   6.045   1.00 10.55 ? 183 ARG A O   1 
ATOM   612  C CB  . ARG A 1 73  ? -13.173 8.541   8.446   1.00 11.85 ? 183 ARG A CB  1 
ATOM   613  C CG  . ARG A 1 73  ? -13.718 8.813   9.826   1.00 16.34 ? 183 ARG A CG  1 
ATOM   614  C CD  . ARG A 1 73  ? -13.882 10.297  10.082  1.00 22.99 ? 183 ARG A CD  1 
ATOM   615  N NE  . ARG A 1 73  ? -14.535 10.543  11.366  1.00 27.09 ? 183 ARG A NE  1 
ATOM   616  C CZ  . ARG A 1 73  ? -14.621 11.734  11.948  1.00 29.82 ? 183 ARG A CZ  1 
ATOM   617  N NH1 . ARG A 1 73  ? -14.090 12.801  11.363  1.00 32.29 ? 183 ARG A NH1 1 
ATOM   618  N NH2 . ARG A 1 73  ? -15.238 11.858  13.115  1.00 30.65 ? 183 ARG A NH2 1 
ATOM   619  N N   . LYS A 1 74  ? -11.613 7.122   6.145   1.00 6.68  ? 184 LYS A N   1 
ATOM   620  C CA  . LYS A 1 74  ? -11.411 6.981   4.707   1.00 6.18  ? 184 LYS A CA  1 
ATOM   621  C C   . LYS A 1 74  ? -11.421 5.550   4.200   1.00 7.22  ? 184 LYS A C   1 
ATOM   622  O O   . LYS A 1 74  ? -12.065 5.256   3.189   1.00 7.81  ? 184 LYS A O   1 
ATOM   623  C CB  . LYS A 1 74  ? -10.090 7.643   4.290   1.00 6.46  ? 184 LYS A CB  1 
ATOM   624  C CG  . LYS A 1 74  ? -9.789  7.537   2.790   1.00 7.37  ? 184 LYS A CG  1 
ATOM   625  C CD  . LYS A 1 74  ? -8.609  8.410   2.370   1.00 9.74  ? 184 LYS A CD  1 
ATOM   626  C CE  A LYS A 1 74  ? -8.987  9.882   2.425   0.50 10.58 ? 184 LYS A CE  1 
ATOM   627  C CE  B LYS A 1 74  ? -8.921  9.892   2.515   0.50 11.13 ? 184 LYS A CE  1 
ATOM   628  N NZ  A LYS A 1 74  ? -7.863  10.757  2.015   0.50 11.22 ? 184 LYS A NZ  1 
ATOM   629  N NZ  B LYS A 1 74  ? -10.020 10.310  1.608   0.50 12.24 ? 184 LYS A NZ  1 
ATOM   630  N N   . TYR A 1 75  ? -10.732 4.661   4.909   1.00 6.47  ? 185 TYR A N   1 
ATOM   631  C CA  . TYR A 1 75  ? -10.599 3.275   4.462   1.00 6.38  ? 185 TYR A CA  1 
ATOM   632  C C   . TYR A 1 75  ? -11.319 2.172   5.215   1.00 7.84  ? 185 TYR A C   1 
ATOM   633  O O   . TYR A 1 75  ? -11.823 1.233   4.605   1.00 9.43  ? 185 TYR A O   1 
ATOM   634  C CB  . TYR A 1 75  ? -9.113  2.908   4.405   1.00 6.54  ? 185 TYR A CB  1 
ATOM   635  C CG  . TYR A 1 75  ? -8.287  3.841   3.556   1.00 7.70  ? 185 TYR A CG  1 
ATOM   636  C CD1 . TYR A 1 75  ? -7.443  4.788   4.138   1.00 5.33  ? 185 TYR A CD1 1 
ATOM   637  C CD2 . TYR A 1 75  ? -8.348  3.781   2.169   1.00 6.95  ? 185 TYR A CD2 1 
ATOM   638  C CE1 . TYR A 1 75  ? -6.677  5.649   3.349   1.00 5.12  ? 185 TYR A CE1 1 
ATOM   639  C CE2 . TYR A 1 75  ? -7.593  4.636   1.376   1.00 6.18  ? 185 TYR A CE2 1 
ATOM   640  C CZ  . TYR A 1 75  ? -6.758  5.565   1.968   1.00 7.09  ? 185 TYR A CZ  1 
ATOM   641  O OH  . TYR A 1 75  ? -6.003  6.395   1.171   1.00 8.06  ? 185 TYR A OH  1 
ATOM   642  N N   . ILE A 1 76  ? -11.357 2.267   6.536   1.00 6.70  ? 186 ILE A N   1 
ATOM   643  C CA  . ILE A 1 76  ? -11.993 1.223   7.326   1.00 7.88  ? 186 ILE A CA  1 
ATOM   644  C C   . ILE A 1 76  ? -13.505 1.356   7.361   1.00 10.06 ? 186 ILE A C   1 
ATOM   645  O O   . ILE A 1 76  ? -14.226 0.369   7.196   1.00 11.34 ? 186 ILE A O   1 
ATOM   646  C CB  . ILE A 1 76  ? -11.453 1.240   8.774   1.00 8.57  ? 186 ILE A CB  1 
ATOM   647  C CG1 . ILE A 1 76  ? -9.935  1.032   8.766   1.00 9.28  ? 186 ILE A CG1 1 
ATOM   648  C CG2 . ILE A 1 76  ? -12.136 0.162   9.613   1.00 8.92  ? 186 ILE A CG2 1 
ATOM   649  C CD1 . ILE A 1 76  ? -9.471  -0.305  8.207   1.00 10.73 ? 186 ILE A CD1 1 
ATOM   650  N N   . LEU A 1 77  ? -13.978 2.579   7.556   1.00 9.83  ? 187 LEU A N   1 
ATOM   651  C CA  . LEU A 1 77  ? -15.409 2.845   7.658   1.00 9.69  ? 187 LEU A CA  1 
ATOM   652  C C   . LEU A 1 77  ? -16.177 2.878   6.336   1.00 9.60  ? 187 LEU A C   1 
ATOM   653  O O   . LEU A 1 77  ? -17.402 2.714   6.322   1.00 10.58 ? 187 LEU A O   1 
ATOM   654  C CB  . LEU A 1 77  ? -15.620 4.162   8.405   1.00 12.72 ? 187 LEU A CB  1 
ATOM   655  C CG  . LEU A 1 77  ? -17.038 4.512   8.851   1.00 17.16 ? 187 LEU A CG  1 
ATOM   656  C CD1 . LEU A 1 77  ? -17.586 3.423   9.768   1.00 17.40 ? 187 LEU A CD1 1 
ATOM   657  C CD2 . LEU A 1 77  ? -17.010 5.851   9.576   1.00 20.93 ? 187 LEU A CD2 1 
ATOM   658  N N   . ASP A 1 78  ? -15.475 3.098   5.229   1.00 8.15  ? 188 ASP A N   1 
ATOM   659  C CA  . ASP A 1 78  ? -16.137 3.158   3.928   1.00 7.48  ? 188 ASP A CA  1 
ATOM   660  C C   . ASP A 1 78  ? -16.566 1.765   3.490   1.00 6.80  ? 188 ASP A C   1 
ATOM   661  O O   . ASP A 1 78  ? -15.789 1.015   2.890   1.00 6.65  ? 188 ASP A O   1 
ATOM   662  C CB  . ASP A 1 78  ? -15.209 3.772   2.886   1.00 6.95  ? 188 ASP A CB  1 
ATOM   663  C CG  . ASP A 1 78  ? -15.811 3.753   1.499   1.00 8.58  ? 188 ASP A CG  1 
ATOM   664  O OD1 . ASP A 1 78  ? -17.048 3.595   1.395   1.00 7.97  ? 188 ASP A OD1 1 
ATOM   665  O OD2 . ASP A 1 78  ? -15.055 3.916   0.521   1.00 8.95  ? 188 ASP A OD2 1 
ATOM   666  N N   . ASN A 1 79  ? -17.817 1.431   3.784   1.00 7.75  ? 189 ASN A N   1 
ATOM   667  C CA  . ASN A 1 79  ? -18.329 0.115   3.456   1.00 7.16  ? 189 ASN A CA  1 
ATOM   668  C C   . ASN A 1 79  ? -18.565 -0.139  1.979   1.00 7.74  ? 189 ASN A C   1 
ATOM   669  O O   . ASN A 1 79  ? -18.901 -1.254  1.586   1.00 10.32 ? 189 ASN A O   1 
ATOM   670  C CB  . ASN A 1 79  ? -19.585 -0.175  4.278   1.00 8.73  ? 189 ASN A CB  1 
ATOM   671  C CG  . ASN A 1 79  ? -19.251 -0.493  5.725   1.00 9.91  ? 189 ASN A CG  1 
ATOM   672  O OD1 . ASN A 1 79  ? -18.315 -1.244  5.995   1.00 10.78 ? 189 ASN A OD1 1 
ATOM   673  N ND2 . ASN A 1 79  ? -20.007 0.074   6.658   1.00 9.34  ? 189 ASN A ND2 1 
ATOM   674  N N   . ASN A 1 80  ? -18.384 0.887   1.158   1.00 7.54  ? 190 ASN A N   1 
ATOM   675  C CA  . ASN A 1 80  ? -18.526 0.700   -0.282  1.00 6.95  ? 190 ASN A CA  1 
ATOM   676  C C   . ASN A 1 80  ? -17.127 0.597   -0.882  1.00 8.67  ? 190 ASN A C   1 
ATOM   677  O O   . ASN A 1 80  ? -16.969 0.558   -2.101  1.00 10.14 ? 190 ASN A O   1 
ATOM   678  C CB  . ASN A 1 80  ? -19.287 1.868   -0.921  1.00 7.98  ? 190 ASN A CB  1 
ATOM   679  C CG  . ASN A 1 80  ? -20.747 1.891   -0.527  1.00 8.60  ? 190 ASN A CG  1 
ATOM   680  O OD1 . ASN A 1 80  ? -21.347 0.846   -0.276  1.00 10.81 ? 190 ASN A OD1 1 
ATOM   681  N ND2 . ASN A 1 80  ? -21.334 3.084   -0.483  1.00 12.51 ? 190 ASN A ND2 1 
ATOM   682  N N   . GLY A 1 81  ? -16.122 0.525   -0.009  1.00 6.52  ? 191 GLY A N   1 
ATOM   683  C CA  . GLY A 1 81  ? -14.736 0.457   -0.446  1.00 7.76  ? 191 GLY A CA  1 
ATOM   684  C C   . GLY A 1 81  ? -14.054 -0.890  -0.266  1.00 6.71  ? 191 GLY A C   1 
ATOM   685  O O   . GLY A 1 81  ? -14.448 -1.708  0.568   1.00 6.63  ? 191 GLY A O   1 
ATOM   686  N N   . ILE A 1 82  ? -12.997 -1.112  -1.037  1.00 5.52  ? 192 ILE A N   1 
ATOM   687  C CA  . ILE A 1 82  ? -12.295 -2.386  -0.987  1.00 5.75  ? 192 ILE A CA  1 
ATOM   688  C C   . ILE A 1 82  ? -11.568 -2.701  0.321   1.00 6.10  ? 192 ILE A C   1 
ATOM   689  O O   . ILE A 1 82  ? -11.531 -3.859  0.743   1.00 7.55  ? 192 ILE A O   1 
ATOM   690  C CB  . ILE A 1 82  ? -11.309 -2.519  -2.180  1.00 5.86  ? 192 ILE A CB  1 
ATOM   691  C CG1 . ILE A 1 82  ? -10.775 -3.949  -2.260  1.00 9.92  ? 192 ILE A CG1 1 
ATOM   692  C CG2 . ILE A 1 82  ? -10.160 -1.522  -2.036  1.00 7.93  ? 192 ILE A CG2 1 
ATOM   693  C CD1 . ILE A 1 82  ? -10.079 -4.251  -3.569  1.00 14.01 ? 192 ILE A CD1 1 
ATOM   694  N N   . VAL A 1 83  ? -11.003 -1.695  0.981   1.00 6.05  ? 193 VAL A N   1 
ATOM   695  C CA  . VAL A 1 83  ? -10.299 -1.973  2.227   1.00 5.88  ? 193 VAL A CA  1 
ATOM   696  C C   . VAL A 1 83  ? -11.265 -2.527  3.274   1.00 5.79  ? 193 VAL A C   1 
ATOM   697  O O   . VAL A 1 83  ? -10.921 -3.452  4.013   1.00 7.19  ? 193 VAL A O   1 
ATOM   698  C CB  . VAL A 1 83  ? -9.578  -0.719  2.772   1.00 7.40  ? 193 VAL A CB  1 
ATOM   699  C CG1 . VAL A 1 83  ? -9.013  -0.998  4.162   1.00 7.99  ? 193 VAL A CG1 1 
ATOM   700  C CG2 . VAL A 1 83  ? -8.438  -0.342  1.826   1.00 9.17  ? 193 VAL A CG2 1 
ATOM   701  N N   . SER A 1 84  ? -12.477 -1.981  3.326   1.00 4.91  ? 194 SER A N   1 
ATOM   702  C CA  . SER A 1 84  ? -13.469 -2.460  4.284   1.00 7.04  ? 194 SER A CA  1 
ATOM   703  C C   . SER A 1 84  ? -13.821 -3.921  4.014   1.00 6.87  ? 194 SER A C   1 
ATOM   704  O O   . SER A 1 84  ? -14.122 -4.676  4.940   1.00 9.17  ? 194 SER A O   1 
ATOM   705  C CB  . SER A 1 84  ? -14.739 -1.608  4.209   1.00 8.58  ? 194 SER A CB  1 
ATOM   706  O OG  A SER A 1 84  ? -15.785 -2.201  4.960   0.50 10.50 ? 194 SER A OG  1 
ATOM   707  O OG  B SER A 1 84  ? -15.508 -1.924  3.063   0.50 6.98  ? 194 SER A OG  1 
ATOM   708  N N   . ARG A 1 85  ? -13.778 -4.314  2.744   1.00 6.66  ? 195 ARG A N   1 
ATOM   709  C CA  . ARG A 1 85  ? -14.103 -5.680  2.353   1.00 7.35  ? 195 ARG A CA  1 
ATOM   710  C C   . ARG A 1 85  ? -12.959 -6.662  2.544   1.00 10.44 ? 195 ARG A C   1 
ATOM   711  O O   . ARG A 1 85  ? -13.182 -7.877  2.631   1.00 14.31 ? 195 ARG A O   1 
ATOM   712  C CB  . ARG A 1 85  ? -14.536 -5.729  0.884   1.00 10.64 ? 195 ARG A CB  1 
ATOM   713  C CG  . ARG A 1 85  ? -15.821 -4.987  0.563   1.00 11.84 ? 195 ARG A CG  1 
ATOM   714  C CD  . ARG A 1 85  ? -16.300 -5.333  -0.839  1.00 13.84 ? 195 ARG A CD  1 
ATOM   715  N NE  . ARG A 1 85  ? -15.336 -4.964  -1.874  1.00 16.43 ? 195 ARG A NE  1 
ATOM   716  C CZ  . ARG A 1 85  ? -15.368 -3.822  -2.552  1.00 18.16 ? 195 ARG A CZ  1 
ATOM   717  N NH1 . ARG A 1 85  ? -16.321 -2.933  -2.311  1.00 17.87 ? 195 ARG A NH1 1 
ATOM   718  N NH2 . ARG A 1 85  ? -14.440 -3.560  -3.463  1.00 17.93 ? 195 ARG A NH2 1 
ATOM   719  N N   . GLN A 1 86  ? -11.739 -6.140  2.620   1.00 7.60  ? 196 GLN A N   1 
ATOM   720  C CA  . GLN A 1 86  ? -10.563 -6.985  2.745   1.00 8.20  ? 196 GLN A CA  1 
ATOM   721  C C   . GLN A 1 86  ? -9.917  -7.010  4.120   1.00 9.27  ? 196 GLN A C   1 
ATOM   722  O O   . GLN A 1 86  ? -8.837  -7.577  4.289   1.00 10.07 ? 196 GLN A O   1 
ATOM   723  C CB  . GLN A 1 86  ? -9.543  -6.589  1.680   1.00 10.23 ? 196 GLN A CB  1 
ATOM   724  C CG  . GLN A 1 86  ? -10.083 -6.746  0.264   1.00 11.29 ? 196 GLN A CG  1 
ATOM   725  C CD  . GLN A 1 86  ? -10.382 -8.191  -0.083  1.00 16.47 ? 196 GLN A CD  1 
ATOM   726  O OE1 . GLN A 1 86  ? -11.255 -8.476  -0.904  1.00 21.24 ? 196 GLN A OE1 1 
ATOM   727  N NE2 . GLN A 1 86  ? -9.649  -9.114  0.532   1.00 17.07 ? 196 GLN A NE2 1 
ATOM   728  N N   . THR A 1 87  ? -10.567 -6.379  5.096   1.00 9.01  ? 197 THR A N   1 
ATOM   729  C CA  . THR A 1 87  ? -10.077 -6.403  6.473   1.00 9.19  ? 197 THR A CA  1 
ATOM   730  C C   . THR A 1 87  ? -11.157 -7.094  7.309   1.00 9.59  ? 197 THR A C   1 
ATOM   731  O O   . THR A 1 87  ? -12.346 -6.835  7.136   1.00 10.05 ? 197 THR A O   1 
ATOM   732  C CB  . THR A 1 87  ? -9.772  -4.984  7.033   1.00 10.74 ? 197 THR A CB  1 
ATOM   733  O OG1 . THR A 1 87  ? -10.864 -4.098  6.773   1.00 13.40 ? 197 THR A OG1 1 
ATOM   734  C CG2 . THR A 1 87  ? -8.518  -4.420  6.383   1.00 12.07 ? 197 THR A CG2 1 
ATOM   735  N N   . LYS A 1 88  ? -10.737 -7.980  8.207   1.00 8.53  ? 198 LYS A N   1 
ATOM   736  C CA  . LYS A 1 88  ? -11.678 -8.733  9.034   1.00 9.64  ? 198 LYS A CA  1 
ATOM   737  C C   . LYS A 1 88  ? -12.486 -7.886  10.006  1.00 9.48  ? 198 LYS A C   1 
ATOM   738  O O   . LYS A 1 88  ? -12.029 -6.842  10.459  1.00 8.07  ? 198 LYS A O   1 
ATOM   739  C CB  . LYS A 1 88  ? -10.929 -9.805  9.828   1.00 11.19 ? 198 LYS A CB  1 
ATOM   740  C CG  . LYS A 1 88  ? -10.309 -10.893 8.976   1.00 17.34 ? 198 LYS A CG  1 
ATOM   741  C CD  . LYS A 1 88  ? -11.380 -11.701 8.258   1.00 23.12 ? 198 LYS A CD  1 
ATOM   742  C CE  . LYS A 1 88  ? -10.761 -12.802 7.406   1.00 25.14 ? 198 LYS A CE  1 
ATOM   743  N NZ  . LYS A 1 88  ? -11.781 -13.515 6.588   1.00 27.59 ? 198 LYS A NZ  1 
ATOM   744  N N   . PRO A 1 89  ? -13.703 -8.339  10.347  1.00 9.12  ? 199 PRO A N   1 
ATOM   745  C CA  . PRO A 1 89  ? -14.554 -7.602  11.282  1.00 8.76  ? 199 PRO A CA  1 
ATOM   746  C C   . PRO A 1 89  ? -13.841 -7.299  12.599  1.00 8.30  ? 199 PRO A C   1 
ATOM   747  O O   . PRO A 1 89  ? -13.900 -6.174  13.093  1.00 10.50 ? 199 PRO A O   1 
ATOM   748  C CB  . PRO A 1 89  ? -15.745 -8.537  11.464  1.00 10.63 ? 199 PRO A CB  1 
ATOM   749  C CG  . PRO A 1 89  ? -15.890 -9.126  10.098  1.00 11.18 ? 199 PRO A CG  1 
ATOM   750  C CD  . PRO A 1 89  ? -14.452 -9.447  9.722   1.00 11.53 ? 199 PRO A CD  1 
ATOM   751  N N   . ALA A 1 90  ? -13.160 -8.294  13.162  1.00 8.07  ? 200 ALA A N   1 
ATOM   752  C CA  . ALA A 1 90  ? -12.452 -8.099  14.429  1.00 7.72  ? 200 ALA A CA  1 
ATOM   753  C C   . ALA A 1 90  ? -11.328 -7.075  14.292  1.00 8.69  ? 200 ALA A C   1 
ATOM   754  O O   . ALA A 1 90  ? -11.040 -6.322  15.222  1.00 7.88  ? 200 ALA A O   1 
ATOM   755  C CB  . ALA A 1 90  ? -11.891 -9.422  14.923  1.00 10.43 ? 200 ALA A CB  1 
ATOM   756  N N   . THR A 1 91  ? -10.683 -7.069  13.133  1.00 9.46  ? 201 THR A N   1 
ATOM   757  C CA  . THR A 1 91  ? -9.594  -6.144  12.871  1.00 8.33  ? 201 THR A CA  1 
ATOM   758  C C   . THR A 1 91  ? -10.134 -4.718  12.809  1.00 8.34  ? 201 THR A C   1 
ATOM   759  O O   . THR A 1 91  ? -9.573  -3.800  13.415  1.00 6.95  ? 201 THR A O   1 
ATOM   760  C CB  . THR A 1 91  ? -8.912  -6.511  11.553  1.00 8.42  ? 201 THR A CB  1 
ATOM   761  O OG1 . THR A 1 91  ? -8.443  -7.860  11.635  1.00 8.26  ? 201 THR A OG1 1 
ATOM   762  C CG2 . THR A 1 91  ? -7.736  -5.588  11.271  1.00 9.19  ? 201 THR A CG2 1 
ATOM   763  N N   . LYS A 1 92  ? -11.231 -4.537  12.083  1.00 7.49  ? 202 LYS A N   1 
ATOM   764  C CA  . LYS A 1 92  ? -11.844 -3.222  11.968  1.00 7.31  ? 202 LYS A CA  1 
ATOM   765  C C   . LYS A 1 92  ? -12.419 -2.774  13.304  1.00 7.90  ? 202 LYS A C   1 
ATOM   766  O O   . LYS A 1 92  ? -12.357 -1.598  13.644  1.00 8.78  ? 202 LYS A O   1 
ATOM   767  C CB  . LYS A 1 92  ? -12.941 -3.239  10.903  1.00 6.64  ? 202 LYS A CB  1 
ATOM   768  C CG  . LYS A 1 92  ? -12.411 -3.596  9.521   1.00 7.67  ? 202 LYS A CG  1 
ATOM   769  C CD  . LYS A 1 92  ? -13.445 -3.391  8.424   1.00 6.01  ? 202 LYS A CD  1 
ATOM   770  C CE  . LYS A 1 92  ? -14.599 -4.382  8.507   1.00 7.35  ? 202 LYS A CE  1 
ATOM   771  N NZ  . LYS A 1 92  ? -15.541 -4.180  7.366   1.00 8.84  ? 202 LYS A NZ  1 
ATOM   772  N N   . SER A 1 93  ? -12.974 -3.716  14.061  1.00 7.75  ? 203 SER A N   1 
ATOM   773  C CA  . SER A 1 93  ? -13.552 -3.398  15.362  1.00 8.59  ? 203 SER A CA  1 
ATOM   774  C C   . SER A 1 93  ? -12.482 -2.899  16.330  1.00 9.32  ? 203 SER A C   1 
ATOM   775  O O   . SER A 1 93  ? -12.732 -1.993  17.120  1.00 8.48  ? 203 SER A O   1 
ATOM   776  C CB  . SER A 1 93  ? -14.249 -4.633  15.940  1.00 8.56  ? 203 SER A CB  1 
ATOM   777  O OG  . SER A 1 93  ? -14.873 -4.346  17.179  1.00 11.20 ? 203 SER A OG  1 
ATOM   778  N N   . PHE A 1 94  ? -11.291 -3.486  16.263  1.00 8.15  ? 204 PHE A N   1 
ATOM   779  C CA  . PHE A 1 94  ? -10.206 -3.066  17.143  1.00 7.85  ? 204 PHE A CA  1 
ATOM   780  C C   . PHE A 1 94  ? -9.835  -1.620  16.844  1.00 7.76  ? 204 PHE A C   1 
ATOM   781  O O   . PHE A 1 94  ? -9.654  -0.807  17.751  1.00 8.07  ? 204 PHE A O   1 
ATOM   782  C CB  . PHE A 1 94  ? -8.976  -3.950  16.945  1.00 7.38  ? 204 PHE A CB  1 
ATOM   783  C CG  . PHE A 1 94  ? -7.796  -3.518  17.759  1.00 6.04  ? 204 PHE A CG  1 
ATOM   784  C CD1 . PHE A 1 94  ? -7.703  -3.855  19.104  1.00 8.32  ? 204 PHE A CD1 1 
ATOM   785  C CD2 . PHE A 1 94  ? -6.784  -2.757  17.185  1.00 7.01  ? 204 PHE A CD2 1 
ATOM   786  C CE1 . PHE A 1 94  ? -6.615  -3.440  19.872  1.00 7.84  ? 204 PHE A CE1 1 
ATOM   787  C CE2 . PHE A 1 94  ? -5.696  -2.336  17.939  1.00 8.24  ? 204 PHE A CE2 1 
ATOM   788  C CZ  . PHE A 1 94  ? -5.609  -2.680  19.286  1.00 6.13  ? 204 PHE A CZ  1 
ATOM   789  N N   . ILE A 1 95  ? -9.727  -1.301  15.561  1.00 7.21  ? 205 ILE A N   1 
ATOM   790  C CA  . ILE A 1 95  ? -9.376  0.050   15.159  1.00 8.18  ? 205 ILE A CA  1 
ATOM   791  C C   . ILE A 1 95  ? -10.455 1.027   15.596  1.00 8.37  ? 205 ILE A C   1 
ATOM   792  O O   . ILE A 1 95  ? -10.153 2.106   16.106  1.00 8.52  ? 205 ILE A O   1 
ATOM   793  C CB  . ILE A 1 95  ? -9.177  0.123   13.633  1.00 7.30  ? 205 ILE A CB  1 
ATOM   794  C CG1 . ILE A 1 95  ? -7.953  -0.707  13.242  1.00 7.98  ? 205 ILE A CG1 1 
ATOM   795  C CG2 . ILE A 1 95  ? -9.003  1.567   13.194  1.00 9.58  ? 205 ILE A CG2 1 
ATOM   796  C CD1 . ILE A 1 95  ? -7.785  -0.898  11.744  1.00 7.77  ? 205 ILE A CD1 1 
ATOM   797  N N   . LYS A 1 96  ? -11.712 0.647   15.400  1.00 8.48  ? 206 LYS A N   1 
ATOM   798  C CA  . LYS A 1 96  ? -12.812 1.507   15.806  1.00 8.72  ? 206 LYS A CA  1 
ATOM   799  C C   . LYS A 1 96  ? -12.708 1.771   17.309  1.00 7.64  ? 206 LYS A C   1 
ATOM   800  O O   . LYS A 1 96  ? -12.912 2.894   17.763  1.00 8.45  ? 206 LYS A O   1 
ATOM   801  C CB  . LYS A 1 96  ? -14.146 0.845   15.470  1.00 9.37  ? 206 LYS A CB  1 
ATOM   802  C CG  A LYS A 1 96  ? -15.337 1.677   15.890  0.50 13.03 ? 206 LYS A CG  1 
ATOM   803  C CG  B LYS A 1 96  ? -15.373 1.496   16.099  0.50 12.10 ? 206 LYS A CG  1 
ATOM   804  C CD  A LYS A 1 96  ? -16.597 0.852   15.867  0.50 12.09 ? 206 LYS A CD  1 
ATOM   805  C CD  B LYS A 1 96  ? -15.578 0.991   17.514  0.50 12.09 ? 206 LYS A CD  1 
ATOM   806  C CE  A LYS A 1 96  ? -16.524 -0.272  16.877  0.50 17.64 ? 206 LYS A CE  1 
ATOM   807  C CE  B LYS A 1 96  ? -15.671 -0.525  17.529  0.50 14.90 ? 206 LYS A CE  1 
ATOM   808  N NZ  A LYS A 1 96  ? -17.798 -1.017  16.904  0.50 17.43 ? 206 LYS A NZ  1 
ATOM   809  N NZ  B LYS A 1 96  ? -15.438 -1.082  18.880  0.50 12.06 ? 206 LYS A NZ  1 
ATOM   810  N N   . GLY A 1 97  ? -12.379 0.732   18.072  1.00 8.80  ? 207 GLY A N   1 
ATOM   811  C CA  . GLY A 1 97  ? -12.244 0.882   19.510  1.00 7.57  ? 207 GLY A CA  1 
ATOM   812  C C   . GLY A 1 97  ? -11.149 1.871   19.855  1.00 8.07  ? 207 GLY A C   1 
ATOM   813  O O   . GLY A 1 97  ? -11.331 2.734   20.710  1.00 8.48  ? 207 GLY A O   1 
ATOM   814  N N   . CYS A 1 98  ? -10.002 1.744   19.196  1.00 8.24  ? 208 CYS A N   1 
ATOM   815  C CA  . CYS A 1 98  ? -8.895  2.665   19.428  1.00 9.03  ? 208 CYS A CA  1 
ATOM   816  C C   . CYS A 1 98  ? -9.349  4.098   19.182  1.00 9.78  ? 208 CYS A C   1 
ATOM   817  O O   . CYS A 1 98  ? -9.072  4.994   19.978  1.00 9.49  ? 208 CYS A O   1 
ATOM   818  C CB  . CYS A 1 98  ? -7.732  2.362   18.481  1.00 9.13  ? 208 CYS A CB  1 
ATOM   819  S SG  . CYS A 1 98  ? -6.855  0.838   18.836  1.00 9.73  ? 208 CYS A SG  1 
ATOM   820  N N   . ILE A 1 99  ? -10.039 4.313   18.064  1.00 9.03  ? 209 ILE A N   1 
ATOM   821  C CA  . ILE A 1 99  ? -10.500 5.651   17.719  1.00 9.40  ? 209 ILE A CA  1 
ATOM   822  C C   . ILE A 1 99  ? -11.505 6.209   18.724  1.00 8.99  ? 209 ILE A C   1 
ATOM   823  O O   . ILE A 1 99  ? -11.347 7.330   19.210  1.00 10.79 ? 209 ILE A O   1 
ATOM   824  C CB  . ILE A 1 99  ? -11.144 5.680   16.309  1.00 9.62  ? 209 ILE A CB  1 
ATOM   825  C CG1 . ILE A 1 99  ? -10.121 5.246   15.257  1.00 10.83 ? 209 ILE A CG1 1 
ATOM   826  C CG2 . ILE A 1 99  ? -11.662 7.084   16.003  1.00 10.60 ? 209 ILE A CG2 1 
ATOM   827  C CD1 . ILE A 1 99  ? -8.884  6.132   15.184  1.00 9.91  ? 209 ILE A CD1 1 
ATOM   828  N N   . MET A 1 100 ? -12.534 5.432   19.041  1.00 10.53 ? 210 MET A N   1 
ATOM   829  C CA  . MET A 1 100 ? -13.554 5.893   19.973  1.00 11.64 ? 210 MET A CA  1 
ATOM   830  C C   . MET A 1 100 ? -13.040 6.098   21.396  1.00 10.33 ? 210 MET A C   1 
ATOM   831  O O   . MET A 1 100 ? -13.499 7.003   22.095  1.00 13.35 ? 210 MET A O   1 
ATOM   832  C CB  . MET A 1 100 ? -14.751 4.933   19.951  1.00 14.41 ? 210 MET A CB  1 
ATOM   833  C CG  A MET A 1 100 ? -15.431 4.813   18.602  0.50 18.12 ? 210 MET A CG  1 
ATOM   834  C CG  B MET A 1 100 ? -15.413 4.894   18.569  0.50 14.53 ? 210 MET A CG  1 
ATOM   835  S SD  A MET A 1 100 ? -16.091 6.386   18.032  0.50 22.74 ? 210 MET A SD  1 
ATOM   836  S SD  B MET A 1 100 ? -17.017 4.068   18.434  0.50 15.25 ? 210 MET A SD  1 
ATOM   837  C CE  A MET A 1 100 ? -14.821 6.909   16.913  0.50 22.64 ? 210 MET A CE  1 
ATOM   838  C CE  B MET A 1 100 ? -18.121 5.406   18.882  0.50 16.15 ? 210 MET A CE  1 
ATOM   839  N N   . LYS A 1 101 ? -12.082 5.276   21.817  1.00 9.46  ? 211 LYS A N   1 
ATOM   840  C CA  . LYS A 1 101 ? -11.509 5.380   23.163  1.00 7.90  ? 211 LYS A CA  1 
ATOM   841  C C   . LYS A 1 101 ? -10.358 6.375   23.186  1.00 9.86  ? 211 LYS A C   1 
ATOM   842  O O   . LYS A 1 101 ? -9.849  6.727   24.255  1.00 10.48 ? 211 LYS A O   1 
ATOM   843  C CB  . LYS A 1 101 ? -10.954 4.028   23.613  1.00 10.70 ? 211 LYS A CB  1 
ATOM   844  C CG  . LYS A 1 101 ? -11.946 2.887   23.593  1.00 10.06 ? 211 LYS A CG  1 
ATOM   845  C CD  . LYS A 1 101 ? -11.203 1.561   23.545  1.00 9.54  ? 211 LYS A CD  1 
ATOM   846  C CE  . LYS A 1 101 ? -12.146 0.391   23.297  1.00 10.20 ? 211 LYS A CE  1 
ATOM   847  N NZ  . LYS A 1 101 ? -13.123 0.230   24.410  1.00 9.56  ? 211 LYS A NZ  1 
ATOM   848  N N   . GLN A 1 102 ? -9.949  6.811   22.002  1.00 10.11 ? 212 GLN A N   1 
ATOM   849  C CA  . GLN A 1 102 ? -8.830  7.727   21.846  1.00 9.97  ? 212 GLN A CA  1 
ATOM   850  C C   . GLN A 1 102 ? -7.533  7.133   22.403  1.00 10.01 ? 212 GLN A C   1 
ATOM   851  O O   . GLN A 1 102 ? -6.727  7.822   23.026  1.00 12.91 ? 212 GLN A O   1 
ATOM   852  C CB  . GLN A 1 102 ? -9.153  9.081   22.488  1.00 10.40 ? 212 GLN A CB  1 
ATOM   853  C CG  . GLN A 1 102 ? -10.211 9.834   21.707  1.00 12.79 ? 212 GLN A CG  1 
ATOM   854  C CD  . GLN A 1 102 ? -10.500 11.215  22.254  1.00 15.80 ? 212 GLN A CD  1 
ATOM   855  O OE1 . GLN A 1 102 ? -9.607  11.906  22.738  1.00 18.94 ? 212 GLN A OE1 1 
ATOM   856  N NE2 . GLN A 1 102 ? -11.753 11.635  22.155  1.00 20.29 ? 212 GLN A NE2 1 
ATOM   857  N N   . LEU A 1 103 ? -7.356  5.832   22.170  1.00 9.22  ? 213 LEU A N   1 
ATOM   858  C CA  . LEU A 1 103 ? -6.157  5.102   22.584  1.00 9.53  ? 213 LEU A CA  1 
ATOM   859  C C   . LEU A 1 103 ? -5.482  4.817   21.254  1.00 9.33  ? 213 LEU A C   1 
ATOM   860  O O   . LEU A 1 103 ? -5.810  3.847   20.566  1.00 11.81 ? 213 LEU A O   1 
ATOM   861  C CB  . LEU A 1 103 ? -6.526  3.793   23.292  1.00 11.08 ? 213 LEU A CB  1 
ATOM   862  C CG  . LEU A 1 103 ? -7.393  3.929   24.548  1.00 12.46 ? 213 LEU A CG  1 
ATOM   863  C CD1 . LEU A 1 103 ? -7.455  2.586   25.271  1.00 14.20 ? 213 LEU A CD1 1 
ATOM   864  C CD2 . LEU A 1 103 ? -6.809  4.997   25.465  1.00 13.60 ? 213 LEU A CD2 1 
ATOM   865  N N   . ILE A 1 104 ? -4.534  5.682   20.909  1.00 9.03  ? 214 ILE A N   1 
ATOM   866  C CA  . ILE A 1 104 ? -3.846  5.642   19.625  1.00 10.32 ? 214 ILE A CA  1 
ATOM   867  C C   . ILE A 1 104 ? -2.381  5.222   19.643  1.00 11.40 ? 214 ILE A C   1 
ATOM   868  O O   . ILE A 1 104 ? -1.485  6.071   19.607  1.00 14.38 ? 214 ILE A O   1 
ATOM   869  C CB  . ILE A 1 104 ? -3.938  7.036   18.972  1.00 12.49 ? 214 ILE A CB  1 
ATOM   870  C CG1 . ILE A 1 104 ? -5.378  7.548   19.053  1.00 13.75 ? 214 ILE A CG1 1 
ATOM   871  C CG2 . ILE A 1 104 ? -3.489  6.974   17.521  1.00 14.02 ? 214 ILE A CG2 1 
ATOM   872  C CD1 . ILE A 1 104 ? -6.380  6.680   18.311  1.00 12.96 ? 214 ILE A CD1 1 
ATOM   873  N N   . ASP A 1 105 ? -2.130  3.921   19.690  1.00 9.48  ? 215 ASP A N   1 
ATOM   874  C CA  . ASP A 1 105 ? -0.755  3.440   19.691  1.00 9.94  ? 215 ASP A CA  1 
ATOM   875  C C   . ASP A 1 105 ? -0.261  3.486   18.252  1.00 10.18 ? 215 ASP A C   1 
ATOM   876  O O   . ASP A 1 105 ? -1.025  3.239   17.326  1.00 8.79  ? 215 ASP A O   1 
ATOM   877  C CB  . ASP A 1 105 ? -0.691  2.003   20.221  1.00 12.36 ? 215 ASP A CB  1 
ATOM   878  C CG  . ASP A 1 105 ? 0.735   1.514   20.416  1.00 12.74 ? 215 ASP A CG  1 
ATOM   879  O OD1 . ASP A 1 105 ? 1.395   1.129   19.424  1.00 12.00 ? 215 ASP A OD1 1 
ATOM   880  O OD2 . ASP A 1 105 ? 1.202   1.522   21.574  1.00 14.53 ? 215 ASP A OD2 1 
ATOM   881  N N   . PRO A 1 106 ? 1.018   3.823   18.044  1.00 9.11  ? 216 PRO A N   1 
ATOM   882  C CA  . PRO A 1 106 ? 1.584   3.893   16.694  1.00 10.04 ? 216 PRO A CA  1 
ATOM   883  C C   . PRO A 1 106 ? 1.397   2.615   15.883  1.00 9.25  ? 216 PRO A C   1 
ATOM   884  O O   . PRO A 1 106 ? 1.353   2.649   14.655  1.00 9.73  ? 216 PRO A O   1 
ATOM   885  C CB  . PRO A 1 106 ? 3.055   4.191   16.960  1.00 12.20 ? 216 PRO A CB  1 
ATOM   886  C CG  . PRO A 1 106 ? 2.988   5.055   18.185  1.00 11.89 ? 216 PRO A CG  1 
ATOM   887  C CD  . PRO A 1 106 ? 1.983   4.321   19.045  1.00 10.38 ? 216 PRO A CD  1 
ATOM   888  N N   . ALA A 1 107 ? 1.278   1.486   16.570  1.00 8.24  ? 217 ALA A N   1 
ATOM   889  C CA  . ALA A 1 107 ? 1.122   0.209   15.888  1.00 8.79  ? 217 ALA A CA  1 
ATOM   890  C C   . ALA A 1 107 ? -0.322  -0.264  15.751  1.00 7.89  ? 217 ALA A C   1 
ATOM   891  O O   . ALA A 1 107 ? -0.555  -1.392  15.336  1.00 8.78  ? 217 ALA A O   1 
ATOM   892  C CB  . ALA A 1 107 ? 1.945   -0.863  16.611  1.00 9.53  ? 217 ALA A CB  1 
ATOM   893  N N   . MET A 1 108 ? -1.288  0.593   16.059  1.00 7.87  ? 218 MET A N   1 
ATOM   894  C CA  . MET A 1 108 ? -2.687  0.169   15.998  1.00 6.11  ? 218 MET A CA  1 
ATOM   895  C C   . MET A 1 108 ? -3.169  -0.371  14.648  1.00 6.96  ? 218 MET A C   1 
ATOM   896  O O   . MET A 1 108 ? -4.017  -1.262  14.607  1.00 8.29  ? 218 MET A O   1 
ATOM   897  C CB  . MET A 1 108 ? -3.608  1.305   16.457  1.00 7.34  ? 218 MET A CB  1 
ATOM   898  C CG  . MET A 1 108 ? -3.569  2.546   15.575  1.00 7.91  ? 218 MET A CG  1 
ATOM   899  S SD  . MET A 1 108 ? -4.809  3.761   16.083  1.00 9.15  ? 218 MET A SD  1 
ATOM   900  C CE  . MET A 1 108 ? -6.255  3.088   15.279  1.00 11.75 ? 218 MET A CE  1 
ATOM   901  N N   . PHE A 1 109 ? -2.632  0.151   13.548  1.00 9.49  ? 219 PHE A N   1 
ATOM   902  C CA  . PHE A 1 109 ? -3.049  -0.297  12.218  1.00 7.56  ? 219 PHE A CA  1 
ATOM   903  C C   . PHE A 1 109 ? -2.265  -1.504  11.685  1.00 9.11  ? 219 PHE A C   1 
ATOM   904  O O   . PHE A 1 109 ? -2.524  -1.969  10.573  1.00 9.05  ? 219 PHE A O   1 
ATOM   905  C CB  . PHE A 1 109 ? -2.914  0.853   11.203  1.00 6.85  ? 219 PHE A CB  1 
ATOM   906  C CG  . PHE A 1 109 ? -3.883  1.985   11.412  1.00 8.46  ? 219 PHE A CG  1 
ATOM   907  C CD1 . PHE A 1 109 ? -5.226  1.853   11.059  1.00 8.80  ? 219 PHE A CD1 1 
ATOM   908  C CD2 . PHE A 1 109 ? -3.452  3.187   11.960  1.00 9.46  ? 219 PHE A CD2 1 
ATOM   909  C CE1 . PHE A 1 109 ? -6.128  2.915   11.251  1.00 8.54  ? 219 PHE A CE1 1 
ATOM   910  C CE2 . PHE A 1 109 ? -4.339  4.243   12.155  1.00 7.36  ? 219 PHE A CE2 1 
ATOM   911  C CZ  . PHE A 1 109 ? -5.679  4.106   11.801  1.00 7.90  ? 219 PHE A CZ  1 
ATOM   912  N N   . ASP A 1 110 ? -1.316  -2.016  12.465  1.00 7.88  ? 220 ASP A N   1 
ATOM   913  C CA  . ASP A 1 110 ? -0.501  -3.142  12.008  1.00 8.68  ? 220 ASP A CA  1 
ATOM   914  C C   . ASP A 1 110 ? -1.260  -4.342  11.450  1.00 9.62  ? 220 ASP A C   1 
ATOM   915  O O   . ASP A 1 110 ? -0.923  -4.843  10.374  1.00 9.38  ? 220 ASP A O   1 
ATOM   916  C CB  . ASP A 1 110 ? 0.429   -3.620  13.130  1.00 9.81  ? 220 ASP A CB  1 
ATOM   917  C CG  . ASP A 1 110 ? 1.646   -2.731  13.306  1.00 12.96 ? 220 ASP A CG  1 
ATOM   918  O OD1 . ASP A 1 110 ? 1.701   -1.646  12.692  1.00 13.27 ? 220 ASP A OD1 1 
ATOM   919  O OD2 . ASP A 1 110 ? 2.554   -3.121  14.072  1.00 14.01 ? 220 ASP A OD2 1 
ATOM   920  N N   . GLN A 1 111 ? -2.278  -4.811  12.167  1.00 7.68  ? 221 GLN A N   1 
ATOM   921  C CA  . GLN A 1 111 ? -3.030  -5.976  11.708  1.00 6.85  ? 221 GLN A CA  1 
ATOM   922  C C   . GLN A 1 111 ? -3.744  -5.711  10.387  1.00 7.40  ? 221 GLN A C   1 
ATOM   923  O O   . GLN A 1 111 ? -3.686  -6.531  9.468   1.00 7.24  ? 221 GLN A O   1 
ATOM   924  C CB  . GLN A 1 111 ? -4.032  -6.413  12.786  1.00 7.48  ? 221 GLN A CB  1 
ATOM   925  C CG  . GLN A 1 111 ? -4.838  -7.666  12.452  1.00 8.96  ? 221 GLN A CG  1 
ATOM   926  C CD  . GLN A 1 111 ? -3.970  -8.880  12.166  1.00 10.76 ? 221 GLN A CD  1 
ATOM   927  O OE1 . GLN A 1 111 ? -2.981  -9.132  12.861  1.00 14.53 ? 221 GLN A OE1 1 
ATOM   928  N NE2 . GLN A 1 111 ? -4.345  -9.650  11.150  1.00 11.19 ? 221 GLN A NE2 1 
ATOM   929  N N   . ALA A 1 112 ? -4.405  -4.564  10.283  1.00 7.80  ? 222 ALA A N   1 
ATOM   930  C CA  . ALA A 1 112 ? -5.106  -4.228  9.049   1.00 6.89  ? 222 ALA A CA  1 
ATOM   931  C C   . ALA A 1 112 ? -4.098  -4.097  7.907   1.00 8.37  ? 222 ALA A C   1 
ATOM   932  O O   . ALA A 1 112 ? -4.360  -4.525  6.779   1.00 8.65  ? 222 ALA A O   1 
ATOM   933  C CB  . ALA A 1 112 ? -5.886  -2.925  9.228   1.00 5.28  ? 222 ALA A CB  1 
ATOM   934  N N   . GLN A 1 113 ? -2.941  -3.510  8.200   1.00 8.81  ? 223 GLN A N   1 
ATOM   935  C CA  . GLN A 1 113 ? -1.914  -3.348  7.175   1.00 7.32  ? 223 GLN A CA  1 
ATOM   936  C C   . GLN A 1 113 ? -1.438  -4.721  6.700   1.00 9.52  ? 223 GLN A C   1 
ATOM   937  O O   . GLN A 1 113 ? -1.214  -4.941  5.508   1.00 7.73  ? 223 GLN A O   1 
ATOM   938  C CB  . GLN A 1 113 ? -0.728  -2.545  7.721   1.00 9.71  ? 223 GLN A CB  1 
ATOM   939  C CG  . GLN A 1 113 ? 0.380   -2.375  6.696   1.00 12.03 ? 223 GLN A CG  1 
ATOM   940  C CD  . GLN A 1 113 ? 1.521   -1.531  7.198   1.00 15.57 ? 223 GLN A CD  1 
ATOM   941  O OE1 . GLN A 1 113 ? 1.980   -1.690  8.327   1.00 19.25 ? 223 GLN A OE1 1 
ATOM   942  N NE2 . GLN A 1 113 ? 1.998   -0.627  6.355   1.00 17.52 ? 223 GLN A NE2 1 
ATOM   943  N N   . THR A 1 114 ? -1.292  -5.647  7.637   1.00 8.93  ? 224 THR A N   1 
ATOM   944  C CA  . THR A 1 114 ? -0.856  -6.998  7.311   1.00 9.55  ? 224 THR A CA  1 
ATOM   945  C C   . THR A 1 114 ? -1.880  -7.677  6.410   1.00 11.07 ? 224 THR A C   1 
ATOM   946  O O   . THR A 1 114 ? -1.525  -8.328  5.423   1.00 9.89  ? 224 THR A O   1 
ATOM   947  C CB  . THR A 1 114 ? -0.674  -7.824  8.599   1.00 10.76 ? 224 THR A CB  1 
ATOM   948  O OG1 . THR A 1 114 ? 0.436   -7.303  9.336   1.00 12.38 ? 224 THR A OG1 1 
ATOM   949  C CG2 . THR A 1 114 ? -0.422  -9.291  8.279   1.00 12.28 ? 224 THR A CG2 1 
ATOM   950  N N   . GLU A 1 115 ? -3.154  -7.519  6.747   1.00 8.55  ? 225 GLU A N   1 
ATOM   951  C CA  . GLU A 1 115 ? -4.221  -8.126  5.967   1.00 7.42  ? 225 GLU A CA  1 
ATOM   952  C C   . GLU A 1 115 ? -4.289  -7.554  4.561   1.00 8.27  ? 225 GLU A C   1 
ATOM   953  O O   . GLU A 1 115 ? -4.497  -8.287  3.596   1.00 8.29  ? 225 GLU A O   1 
ATOM   954  C CB  . GLU A 1 115 ? -5.559  -7.943  6.688   1.00 8.30  ? 225 GLU A CB  1 
ATOM   955  C CG  . GLU A 1 115 ? -5.696  -8.870  7.887   1.00 8.10  ? 225 GLU A CG  1 
ATOM   956  C CD  . GLU A 1 115 ? -6.930  -8.593  8.719   1.00 9.26  ? 225 GLU A CD  1 
ATOM   957  O OE1 . GLU A 1 115 ? -7.928  -8.106  8.157   1.00 11.16 ? 225 GLU A OE1 1 
ATOM   958  O OE2 . GLU A 1 115 ? -6.901  -8.882  9.932   1.00 9.69  ? 225 GLU A OE2 1 
ATOM   959  N N   . ILE A 1 116 ? -4.108  -6.244  4.441   1.00 8.72  ? 226 ILE A N   1 
ATOM   960  C CA  . ILE A 1 116 ? -4.148  -5.621  3.127   1.00 7.52  ? 226 ILE A CA  1 
ATOM   961  C C   . ILE A 1 116 ? -2.891  -5.978  2.339   1.00 9.16  ? 226 ILE A C   1 
ATOM   962  O O   . ILE A 1 116 ? -2.937  -6.126  1.121   1.00 8.73  ? 226 ILE A O   1 
ATOM   963  C CB  . ILE A 1 116 ? -4.331  -4.092  3.250   1.00 8.72  ? 226 ILE A CB  1 
ATOM   964  C CG1 . ILE A 1 116 ? -5.706  -3.802  3.865   1.00 7.77  ? 226 ILE A CG1 1 
ATOM   965  C CG2 . ILE A 1 116 ? -4.216  -3.422  1.882   1.00 8.09  ? 226 ILE A CG2 1 
ATOM   966  C CD1 . ILE A 1 116 ? -6.883  -4.416  3.089   1.00 8.13  ? 226 ILE A CD1 1 
ATOM   967  N N   . GLN A 1 117 ? -1.764  -6.122  3.026   1.00 8.46  ? 227 GLN A N   1 
ATOM   968  C CA  . GLN A 1 117 ? -0.542  -6.519  2.335   1.00 7.45  ? 227 GLN A CA  1 
ATOM   969  C C   . GLN A 1 117 ? -0.780  -7.916  1.765   1.00 10.15 ? 227 GLN A C   1 
ATOM   970  O O   . GLN A 1 117 ? -0.406  -8.208  0.629   1.00 8.30  ? 227 GLN A O   1 
ATOM   971  C CB  . GLN A 1 117 ? 0.636   -6.553  3.305   1.00 9.24  ? 227 GLN A CB  1 
ATOM   972  C CG  . GLN A 1 117 ? 1.950   -6.941  2.659   1.00 11.71 ? 227 GLN A CG  1 
ATOM   973  C CD  . GLN A 1 117 ? 3.113   -6.730  3.597   1.00 17.36 ? 227 GLN A CD  1 
ATOM   974  O OE1 . GLN A 1 117 ? 3.285   -5.641  4.145   1.00 20.18 ? 227 GLN A OE1 1 
ATOM   975  N NE2 . GLN A 1 117 ? 3.916   -7.768  3.791   1.00 20.32 ? 227 GLN A NE2 1 
ATOM   976  N N   . ALA A 1 118 ? -1.424  -8.771  2.555   1.00 8.61  ? 228 ALA A N   1 
ATOM   977  C CA  . ALA A 1 118 ? -1.708  -10.132 2.120   1.00 9.78  ? 228 ALA A CA  1 
ATOM   978  C C   . ALA A 1 118 ? -2.641  -10.153 0.917   1.00 10.39 ? 228 ALA A C   1 
ATOM   979  O O   . ALA A 1 118 ? -2.460  -10.960 0.006   1.00 11.07 ? 228 ALA A O   1 
ATOM   980  C CB  . ALA A 1 118 ? -2.316  -10.938 3.262   1.00 10.26 ? 228 ALA A CB  1 
ATOM   981  N N   . THR A 1 119 ? -3.641  -9.274  0.899   1.00 8.68  ? 229 THR A N   1 
ATOM   982  C CA  . THR A 1 119 ? -4.564  -9.263  -0.230  1.00 9.76  ? 229 THR A CA  1 
ATOM   983  C C   . THR A 1 119 ? -3.839  -8.841  -1.496  1.00 8.77  ? 229 THR A C   1 
ATOM   984  O O   . THR A 1 119 ? -4.106  -9.377  -2.568  1.00 9.88  ? 229 THR A O   1 
ATOM   985  C CB  . THR A 1 119 ? -5.781  -8.326  -0.022  1.00 13.24 ? 229 THR A CB  1 
ATOM   986  O OG1 A THR A 1 119 ? -6.642  -8.416  -1.165  0.50 18.76 ? 229 THR A OG1 1 
ATOM   987  O OG1 B THR A 1 119 ? -6.320  -8.503  1.295   0.50 11.26 ? 229 THR A OG1 1 
ATOM   988  C CG2 A THR A 1 119 ? -5.346  -6.894  0.142   0.50 14.50 ? 229 THR A CG2 1 
ATOM   989  C CG2 B THR A 1 119 ? -6.867  -8.664  -1.040  0.50 16.56 ? 229 THR A CG2 1 
ATOM   990  N N   . MET A 1 120 ? -2.917  -7.888  -1.383  1.00 7.71  ? 230 MET A N   1 
ATOM   991  C CA  . MET A 1 120 ? -2.178  -7.458  -2.566  1.00 6.67  ? 230 MET A CA  1 
ATOM   992  C C   . MET A 1 120 ? -1.321  -8.612  -3.074  1.00 9.01  ? 230 MET A C   1 
ATOM   993  O O   . MET A 1 120 ? -1.316  -8.915  -4.269  1.00 9.65  ? 230 MET A O   1 
ATOM   994  C CB  . MET A 1 120 ? -1.309  -6.232  -2.255  1.00 6.80  ? 230 MET A CB  1 
ATOM   995  C CG  . MET A 1 120 ? -2.114  -4.939  -2.138  1.00 7.58  ? 230 MET A CG  1 
ATOM   996  S SD  . MET A 1 120 ? -1.080  -3.446  -2.139  1.00 8.79  ? 230 MET A SD  1 
ATOM   997  C CE  . MET A 1 120 ? -0.372  -3.523  -0.495  1.00 8.29  ? 230 MET A CE  1 
ATOM   998  N N   . GLU A 1 121 ? -0.618  -9.265  -2.157  1.00 8.72  ? 231 GLU A N   1 
ATOM   999  C CA  . GLU A 1 121 ? 0.244   -10.396 -2.489  1.00 11.37 ? 231 GLU A CA  1 
ATOM   1000 C C   . GLU A 1 121 ? -0.503  -11.526 -3.195  1.00 13.60 ? 231 GLU A C   1 
ATOM   1001 O O   . GLU A 1 121 ? 0.017   -12.141 -4.131  1.00 15.08 ? 231 GLU A O   1 
ATOM   1002 C CB  . GLU A 1 121 ? 0.872   -10.954 -1.211  1.00 13.62 ? 231 GLU A CB  1 
ATOM   1003 C CG  . GLU A 1 121 ? 1.783   -9.982  -0.497  1.00 17.58 ? 231 GLU A CG  1 
ATOM   1004 C CD  . GLU A 1 121 ? 3.202   -10.067 -0.990  1.00 19.64 ? 231 GLU A CD  1 
ATOM   1005 O OE1 . GLU A 1 121 ? 3.395   -10.532 -2.132  1.00 21.03 ? 231 GLU A OE1 1 
ATOM   1006 O OE2 . GLU A 1 121 ? 4.116   -9.667  -0.243  1.00 20.08 ? 231 GLU A OE2 1 
ATOM   1007 N N   . GLU A 1 122 ? -1.722  -11.794 -2.748  1.00 13.18 ? 232 GLU A N   1 
ATOM   1008 C CA  . GLU A 1 122 ? -2.508  -12.889 -3.302  1.00 17.44 ? 232 GLU A CA  1 
ATOM   1009 C C   . GLU A 1 122 ? -3.239  -12.600 -4.599  1.00 14.78 ? 232 GLU A C   1 
ATOM   1010 O O   . GLU A 1 122 ? -3.498  -13.516 -5.383  1.00 16.69 ? 232 GLU A O   1 
ATOM   1011 C CB  . GLU A 1 122 ? -3.536  -13.363 -2.269  1.00 23.42 ? 232 GLU A CB  1 
ATOM   1012 C CG  . GLU A 1 122 ? -4.473  -14.451 -2.792  1.00 30.88 ? 232 GLU A CG  1 
ATOM   1013 C CD  . GLU A 1 122 ? -5.714  -14.639 -1.935  1.00 35.38 ? 232 GLU A CD  1 
ATOM   1014 O OE1 . GLU A 1 122 ? -6.535  -15.523 -2.270  1.00 38.19 ? 232 GLU A OE1 1 
ATOM   1015 O OE2 . GLU A 1 122 ? -5.875  -13.905 -0.935  1.00 37.74 ? 232 GLU A OE2 1 
ATOM   1016 N N   . ASN A 1 123 ? -3.559  -11.335 -4.848  1.00 10.95 ? 233 ASN A N   1 
ATOM   1017 C CA  . ASN A 1 123 ? -4.337  -11.015 -6.028  1.00 10.51 ? 233 ASN A CA  1 
ATOM   1018 C C   . ASN A 1 123 ? -3.843  -9.914  -6.953  1.00 11.06 ? 233 ASN A C   1 
ATOM   1019 O O   . ASN A 1 123 ? -3.332  -10.201 -8.037  1.00 10.39 ? 233 ASN A O   1 
ATOM   1020 C CB  . ASN A 1 123 ? -5.772  -10.715 -5.588  1.00 15.81 ? 233 ASN A CB  1 
ATOM   1021 C CG  . ASN A 1 123 ? -6.349  -11.813 -4.705  1.00 21.85 ? 233 ASN A CG  1 
ATOM   1022 O OD1 . ASN A 1 123 ? -6.469  -12.964 -5.128  1.00 25.79 ? 233 ASN A OD1 1 
ATOM   1023 N ND2 . ASN A 1 123 ? -6.701  -11.462 -3.469  1.00 26.45 ? 233 ASN A ND2 1 
ATOM   1024 N N   . THR A 1 124 ? -3.990  -8.657  -6.542  1.00 8.73  ? 234 THR A N   1 
ATOM   1025 C CA  . THR A 1 124 ? -3.591  -7.562  -7.415  1.00 8.49  ? 234 THR A CA  1 
ATOM   1026 C C   . THR A 1 124 ? -2.128  -7.489  -7.814  1.00 7.13  ? 234 THR A C   1 
ATOM   1027 O O   . THR A 1 124 ? -1.834  -7.090  -8.934  1.00 7.47  ? 234 THR A O   1 
ATOM   1028 C CB  . THR A 1 124 ? -4.028  -6.186  -6.858  1.00 8.10  ? 234 THR A CB  1 
ATOM   1029 O OG1 . THR A 1 124 ? -3.619  -6.054  -5.494  1.00 9.31  ? 234 THR A OG1 1 
ATOM   1030 C CG2 . THR A 1 124 ? -5.540  -6.053  -6.942  1.00 9.68  ? 234 THR A CG2 1 
ATOM   1031 N N   . TYR A 1 125 ? -1.212  -7.867  -6.927  1.00 7.57  ? 235 TYR A N   1 
ATOM   1032 C CA  . TYR A 1 125 ? 0.207   -7.823  -7.281  1.00 7.60  ? 235 TYR A CA  1 
ATOM   1033 C C   . TYR A 1 125 ? 0.485   -8.842  -8.400  1.00 7.95  ? 235 TYR A C   1 
ATOM   1034 O O   . TYR A 1 125 ? 1.067   -8.490  -9.434  1.00 6.06  ? 235 TYR A O   1 
ATOM   1035 C CB  . TYR A 1 125 ? 1.058   -8.053  -6.021  1.00 8.54  ? 235 TYR A CB  1 
ATOM   1036 C CG  . TYR A 1 125 ? 2.524   -8.353  -6.250  1.00 6.21  ? 235 TYR A CG  1 
ATOM   1037 C CD1 . TYR A 1 125 ? 3.316   -7.554  -7.078  1.00 7.48  ? 235 TYR A CD1 1 
ATOM   1038 C CD2 . TYR A 1 125 ? 3.115   -9.451  -5.630  1.00 8.03  ? 235 TYR A CD2 1 
ATOM   1039 C CE1 . TYR A 1 125 ? 4.673   -7.855  -7.282  1.00 7.86  ? 235 TYR A CE1 1 
ATOM   1040 C CE2 . TYR A 1 125 ? 4.452   -9.760  -5.821  1.00 8.20  ? 235 TYR A CE2 1 
ATOM   1041 C CZ  . TYR A 1 125 ? 5.226   -8.965  -6.648  1.00 8.45  ? 235 TYR A CZ  1 
ATOM   1042 O OH  . TYR A 1 125 ? 6.542   -9.314  -6.832  1.00 8.72  ? 235 TYR A OH  1 
ATOM   1043 N N   . PRO A 1 126 ? 0.066   -10.109 -8.225  1.00 6.84  ? 236 PRO A N   1 
ATOM   1044 C CA  . PRO A 1 126 ? 0.313   -11.080 -9.297  1.00 7.77  ? 236 PRO A CA  1 
ATOM   1045 C C   . PRO A 1 126 ? -0.439  -10.681 -10.571 1.00 7.75  ? 236 PRO A C   1 
ATOM   1046 O O   . PRO A 1 126 ? 0.013   -10.947 -11.691 1.00 8.47  ? 236 PRO A O   1 
ATOM   1047 C CB  . PRO A 1 126 ? -0.204  -12.389 -8.706  1.00 10.68 ? 236 PRO A CB  1 
ATOM   1048 C CG  . PRO A 1 126 ? 0.077   -12.224 -7.252  1.00 14.05 ? 236 PRO A CG  1 
ATOM   1049 C CD  . PRO A 1 126 ? -0.328  -10.793 -6.980  1.00 8.08  ? 236 PRO A CD  1 
ATOM   1050 N N   . SER A 1 127 ? -1.594  -10.041 -10.401 1.00 7.58  ? 237 SER A N   1 
ATOM   1051 C CA  . SER A 1 127 ? -2.371  -9.605  -11.552 1.00 7.89  ? 237 SER A CA  1 
ATOM   1052 C C   . SER A 1 127 ? -1.612  -8.522  -12.306 1.00 7.29  ? 237 SER A C   1 
ATOM   1053 O O   . SER A 1 127 ? -1.574  -8.524  -13.531 1.00 7.65  ? 237 SER A O   1 
ATOM   1054 C CB  . SER A 1 127 ? -3.735  -9.075  -11.110 1.00 8.78  ? 237 SER A CB  1 
ATOM   1055 O OG  A SER A 1 127 ? -4.548  -10.124 -10.616 0.50 9.83  ? 237 SER A OG  1 
ATOM   1056 O OG  B SER A 1 127 ? -4.548  -8.810  -12.237 0.50 9.05  ? 237 SER A OG  1 
ATOM   1057 N N   . PHE A 1 128 ? -1.000  -7.598  -11.566 1.00 7.07  ? 238 PHE A N   1 
ATOM   1058 C CA  . PHE A 1 128 ? -0.224  -6.532  -12.184 1.00 6.43  ? 238 PHE A CA  1 
ATOM   1059 C C   . PHE A 1 128 ? 0.914   -7.134  -13.000 1.00 6.69  ? 238 PHE A C   1 
ATOM   1060 O O   . PHE A 1 128 ? 1.230   -6.658  -14.090 1.00 8.01  ? 238 PHE A O   1 
ATOM   1061 C CB  . PHE A 1 128 ? 0.361   -5.605  -11.113 1.00 5.94  ? 238 PHE A CB  1 
ATOM   1062 C CG  . PHE A 1 128 ? 1.382   -4.638  -11.639 1.00 5.77  ? 238 PHE A CG  1 
ATOM   1063 C CD1 . PHE A 1 128 ? 1.015   -3.627  -12.519 1.00 6.48  ? 238 PHE A CD1 1 
ATOM   1064 C CD2 . PHE A 1 128 ? 2.718   -4.737  -11.250 1.00 5.75  ? 238 PHE A CD2 1 
ATOM   1065 C CE1 . PHE A 1 128 ? 1.960   -2.728  -13.005 1.00 8.19  ? 238 PHE A CE1 1 
ATOM   1066 C CE2 . PHE A 1 128 ? 3.671   -3.838  -11.730 1.00 8.22  ? 238 PHE A CE2 1 
ATOM   1067 C CZ  . PHE A 1 128 ? 3.291   -2.831  -12.608 1.00 8.39  ? 238 PHE A CZ  1 
ATOM   1068 N N   . LEU A 1 129 ? 1.530   -8.184  -12.468 1.00 7.78  ? 239 LEU A N   1 
ATOM   1069 C CA  . LEU A 1 129 ? 2.639   -8.826  -13.157 1.00 6.67  ? 239 LEU A CA  1 
ATOM   1070 C C   . LEU A 1 129 ? 2.245   -9.570  -14.432 1.00 8.83  ? 239 LEU A C   1 
ATOM   1071 O O   . LEU A 1 129 ? 3.105   -10.112 -15.126 1.00 9.64  ? 239 LEU A O   1 
ATOM   1072 C CB  . LEU A 1 129 ? 3.366   -9.774  -12.200 1.00 6.94  ? 239 LEU A CB  1 
ATOM   1073 C CG  . LEU A 1 129 ? 4.037   -9.105  -10.994 1.00 6.47  ? 239 LEU A CG  1 
ATOM   1074 C CD1 . LEU A 1 129 ? 4.662   -10.183 -10.127 1.00 7.28  ? 239 LEU A CD1 1 
ATOM   1075 C CD2 . LEU A 1 129 ? 5.107   -8.104  -11.451 1.00 6.17  ? 239 LEU A CD2 1 
ATOM   1076 N N   . LYS A 1 130 ? 0.947   -9.605  -14.727 1.00 9.43  ? 240 LYS A N   1 
ATOM   1077 C CA  . LYS A 1 130 ? 0.447   -10.265 -15.938 1.00 11.21 ? 240 LYS A CA  1 
ATOM   1078 C C   . LYS A 1 130 ? -0.184  -9.233  -16.867 1.00 12.64 ? 240 LYS A C   1 
ATOM   1079 O O   . LYS A 1 130 ? -0.636  -9.568  -17.964 1.00 12.07 ? 240 LYS A O   1 
ATOM   1080 C CB  . LYS A 1 130 ? -0.622  -11.305 -15.588 1.00 16.54 ? 240 LYS A CB  1 
ATOM   1081 C CG  . LYS A 1 130 ? -0.119  -12.526 -14.845 1.00 20.48 ? 240 LYS A CG  1 
ATOM   1082 C CD  . LYS A 1 130 ? -1.283  -13.332 -14.276 1.00 24.26 ? 240 LYS A CD  1 
ATOM   1083 C CE  . LYS A 1 130 ? -2.251  -13.772 -15.362 1.00 28.16 ? 240 LYS A CE  1 
ATOM   1084 N NZ  . LYS A 1 130 ? -3.446  -14.461 -14.784 1.00 32.54 ? 240 LYS A NZ  1 
ATOM   1085 N N   . SER A 1 131 ? -0.214  -7.982  -16.422 1.00 8.82  ? 241 SER A N   1 
ATOM   1086 C CA  . SER A 1 131 ? -0.823  -6.898  -17.185 1.00 8.08  ? 241 SER A CA  1 
ATOM   1087 C C   . SER A 1 131 ? -0.035  -6.501  -18.426 1.00 8.20  ? 241 SER A C   1 
ATOM   1088 O O   . SER A 1 131 ? 1.178   -6.686  -18.480 1.00 9.71  ? 241 SER A O   1 
ATOM   1089 C CB  . SER A 1 131 ? -0.997  -5.668  -16.284 1.00 6.58  ? 241 SER A CB  1 
ATOM   1090 O OG  . SER A 1 131 ? 0.252   -5.053  -16.017 1.00 8.40  ? 241 SER A OG  1 
ATOM   1091 N N   . ASP A 1 132 ? -0.722  -5.951  -19.426 1.00 7.08  ? 242 ASP A N   1 
ATOM   1092 C CA  . ASP A 1 132 ? -0.035  -5.528  -20.642 1.00 5.99  ? 242 ASP A CA  1 
ATOM   1093 C C   . ASP A 1 132 ? 0.910   -4.368  -20.349 1.00 5.86  ? 242 ASP A C   1 
ATOM   1094 O O   . ASP A 1 132 ? 1.986   -4.283  -20.938 1.00 7.76  ? 242 ASP A O   1 
ATOM   1095 C CB  . ASP A 1 132 ? -1.027  -5.103  -21.734 1.00 8.75  ? 242 ASP A CB  1 
ATOM   1096 C CG  . ASP A 1 132 ? -1.770  -6.276  -22.343 1.00 10.62 ? 242 ASP A CG  1 
ATOM   1097 O OD1 . ASP A 1 132 ? -1.221  -7.398  -22.349 1.00 10.50 ? 242 ASP A OD1 1 
ATOM   1098 O OD2 . ASP A 1 132 ? -2.899  -6.062  -22.840 1.00 11.59 ? 242 ASP A OD2 1 
ATOM   1099 N N   . ILE A 1 133 ? 0.525   -3.477  -19.440 1.00 7.69  ? 243 ILE A N   1 
ATOM   1100 C CA  . ILE A 1 133 ? 1.395   -2.349  -19.140 1.00 8.88  ? 243 ILE A CA  1 
ATOM   1101 C C   . ILE A 1 133 ? 2.721   -2.839  -18.556 1.00 8.02  ? 243 ILE A C   1 
ATOM   1102 O O   . ILE A 1 133 ? 3.760   -2.223  -18.774 1.00 9.66  ? 243 ILE A O   1 
ATOM   1103 C CB  . ILE A 1 133 ? 0.727   -1.341  -18.178 1.00 11.66 ? 243 ILE A CB  1 
ATOM   1104 C CG1 . ILE A 1 133 ? 1.489   -0.015  -18.214 1.00 12.66 ? 243 ILE A CG1 1 
ATOM   1105 C CG2 . ILE A 1 133 ? 0.675   -1.902  -16.770 1.00 13.07 ? 243 ILE A CG2 1 
ATOM   1106 C CD1 . ILE A 1 133 ? 1.368   0.739   -19.549 1.00 16.25 ? 243 ILE A CD1 1 
ATOM   1107 N N   . TYR A 1 134 ? 2.690   -3.963  -17.842 1.00 7.40  ? 244 TYR A N   1 
ATOM   1108 C CA  . TYR A 1 134 ? 3.910   -4.510  -17.256 1.00 6.52  ? 244 TYR A CA  1 
ATOM   1109 C C   . TYR A 1 134 ? 4.668   -5.435  -18.210 1.00 7.55  ? 244 TYR A C   1 
ATOM   1110 O O   . TYR A 1 134 ? 5.842   -5.214  -18.514 1.00 6.80  ? 244 TYR A O   1 
ATOM   1111 C CB  . TYR A 1 134 ? 3.588   -5.281  -15.966 1.00 6.17  ? 244 TYR A CB  1 
ATOM   1112 C CG  . TYR A 1 134 ? 4.783   -6.015  -15.393 1.00 5.69  ? 244 TYR A CG  1 
ATOM   1113 C CD1 . TYR A 1 134 ? 5.782   -5.330  -14.701 1.00 6.03  ? 244 TYR A CD1 1 
ATOM   1114 C CD2 . TYR A 1 134 ? 4.929   -7.390  -15.568 1.00 5.21  ? 244 TYR A CD2 1 
ATOM   1115 C CE1 . TYR A 1 134 ? 6.890   -5.996  -14.199 1.00 6.10  ? 244 TYR A CE1 1 
ATOM   1116 C CE2 . TYR A 1 134 ? 6.036   -8.066  -15.067 1.00 5.78  ? 244 TYR A CE2 1 
ATOM   1117 C CZ  . TYR A 1 134 ? 7.014   -7.363  -14.386 1.00 7.20  ? 244 TYR A CZ  1 
ATOM   1118 O OH  . TYR A 1 134 ? 8.121   -8.021  -13.899 1.00 7.84  ? 244 TYR A OH  1 
ATOM   1119 N N   . LEU A 1 135 ? 3.991   -6.468  -18.701 1.00 8.31  ? 245 LEU A N   1 
ATOM   1120 C CA  . LEU A 1 135 ? 4.634   -7.433  -19.585 1.00 8.55  ? 245 LEU A CA  1 
ATOM   1121 C C   . LEU A 1 135 ? 5.003   -6.926  -20.968 1.00 8.16  ? 245 LEU A C   1 
ATOM   1122 O O   . LEU A 1 135 ? 5.990   -7.362  -21.555 1.00 8.30  ? 245 LEU A O   1 
ATOM   1123 C CB  . LEU A 1 135 ? 3.746   -8.664  -19.756 1.00 7.82  ? 245 LEU A CB  1 
ATOM   1124 C CG  . LEU A 1 135 ? 3.580   -9.592  -18.552 1.00 8.12  ? 245 LEU A CG  1 
ATOM   1125 C CD1 . LEU A 1 135 ? 2.659   -10.739 -18.934 1.00 9.81  ? 245 LEU A CD1 1 
ATOM   1126 C CD2 . LEU A 1 135 ? 4.932   -10.134 -18.118 1.00 8.02  ? 245 LEU A CD2 1 
ATOM   1127 N N   . GLU A 1 136 ? 4.213   -6.003  -21.492 1.00 9.34  ? 246 GLU A N   1 
ATOM   1128 C CA  . GLU A 1 136 ? 4.471   -5.512  -22.830 1.00 10.38 ? 246 GLU A CA  1 
ATOM   1129 C C   . GLU A 1 136 ? 5.119   -4.143  -22.916 1.00 10.97 ? 246 GLU A C   1 
ATOM   1130 O O   . GLU A 1 136 ? 6.101   -3.973  -23.632 1.00 14.89 ? 246 GLU A O   1 
ATOM   1131 C CB  . GLU A 1 136 ? 3.170   -5.534  -23.632 1.00 11.05 ? 246 GLU A CB  1 
ATOM   1132 C CG  . GLU A 1 136 ? 2.596   -6.936  -23.810 1.00 15.93 ? 246 GLU A CG  1 
ATOM   1133 C CD  . GLU A 1 136 ? 3.623   -7.925  -24.336 1.00 17.22 ? 246 GLU A CD  1 
ATOM   1134 O OE1 . GLU A 1 136 ? 4.365   -7.574  -25.274 1.00 17.33 ? 246 GLU A OE1 1 
ATOM   1135 O OE2 . GLU A 1 136 ? 3.686   -9.059  -23.814 1.00 24.68 ? 246 GLU A OE2 1 
ATOM   1136 N N   . TYR A 1 137 ? 4.593   -3.162  -22.197 1.00 9.04  ? 247 TYR A N   1 
ATOM   1137 C CA  . TYR A 1 137 ? 5.194   -1.842  -22.271 1.00 10.42 ? 247 TYR A CA  1 
ATOM   1138 C C   . TYR A 1 137 ? 6.445   -1.709  -21.417 1.00 8.66  ? 247 TYR A C   1 
ATOM   1139 O O   . TYR A 1 137 ? 7.530   -1.417  -21.923 1.00 10.78 ? 247 TYR A O   1 
ATOM   1140 C CB  . TYR A 1 137 ? 4.197   -0.761  -21.851 1.00 9.57  ? 247 TYR A CB  1 
ATOM   1141 C CG  . TYR A 1 137 ? 4.713   0.621   -22.163 1.00 11.13 ? 247 TYR A CG  1 
ATOM   1142 C CD1 . TYR A 1 137 ? 4.699   1.105   -23.470 1.00 13.11 ? 247 TYR A CD1 1 
ATOM   1143 C CD2 . TYR A 1 137 ? 5.292   1.411   -21.175 1.00 10.94 ? 247 TYR A CD2 1 
ATOM   1144 C CE1 . TYR A 1 137 ? 5.252   2.336   -23.791 1.00 12.77 ? 247 TYR A CE1 1 
ATOM   1145 C CE2 . TYR A 1 137 ? 5.854   2.652   -21.486 1.00 11.93 ? 247 TYR A CE2 1 
ATOM   1146 C CZ  . TYR A 1 137 ? 5.829   3.103   -22.797 1.00 13.10 ? 247 TYR A CZ  1 
ATOM   1147 O OH  . TYR A 1 137 ? 6.401   4.309   -23.131 1.00 15.79 ? 247 TYR A OH  1 
ATOM   1148 N N   . THR A 1 138 ? 6.294   -1.938  -20.120 1.00 8.67  ? 248 THR A N   1 
ATOM   1149 C CA  . THR A 1 138 ? 7.400   -1.790  -19.185 1.00 9.04  ? 248 THR A CA  1 
ATOM   1150 C C   . THR A 1 138 ? 8.601   -2.690  -19.443 1.00 8.53  ? 248 THR A C   1 
ATOM   1151 O O   . THR A 1 138 ? 9.738   -2.224  -19.454 1.00 9.59  ? 248 THR A O   1 
ATOM   1152 C CB  . THR A 1 138 ? 6.913   -2.012  -17.742 1.00 9.84  ? 248 THR A CB  1 
ATOM   1153 O OG1 . THR A 1 138 ? 5.858   -1.086  -17.452 1.00 10.61 ? 248 THR A OG1 1 
ATOM   1154 C CG2 . THR A 1 138 ? 8.046   -1.788  -16.746 1.00 9.90  ? 248 THR A CG2 1 
ATOM   1155 N N   . ARG A 1 139 ? 8.341   -3.972  -19.648 1.00 7.69  ? 249 ARG A N   1 
ATOM   1156 C CA  . ARG A 1 139 ? 9.395   -4.952  -19.875 1.00 11.29 ? 249 ARG A CA  1 
ATOM   1157 C C   . ARG A 1 139 ? 10.198  -4.695  -21.139 1.00 12.16 ? 249 ARG A C   1 
ATOM   1158 O O   . ARG A 1 139 ? 11.404  -4.931  -21.168 1.00 13.12 ? 249 ARG A O   1 
ATOM   1159 C CB  . ARG A 1 139 ? 8.781   -6.347  -19.931 1.00 10.37 ? 249 ARG A CB  1 
ATOM   1160 C CG  . ARG A 1 139 ? 9.781   -7.478  -20.001 1.00 13.09 ? 249 ARG A CG  1 
ATOM   1161 C CD  . ARG A 1 139 ? 9.061   -8.792  -19.738 1.00 16.76 ? 249 ARG A CD  1 
ATOM   1162 N NE  . ARG A 1 139 ? 8.157   -9.145  -20.828 1.00 20.45 ? 249 ARG A NE  1 
ATOM   1163 C CZ  . ARG A 1 139 ? 8.422   -10.085 -21.726 1.00 23.73 ? 249 ARG A CZ  1 
ATOM   1164 N NH1 . ARG A 1 139 ? 9.561   -10.765 -21.652 1.00 19.54 ? 249 ARG A NH1 1 
ATOM   1165 N NH2 . ARG A 1 139 ? 7.559   -10.334 -22.703 1.00 25.06 ? 249 ARG A NH2 1 
ATOM   1166 N N   . THR A 1 140 ? 9.532   -4.203  -22.178 1.00 8.45  ? 250 THR A N   1 
ATOM   1167 C CA  . THR A 1 140 ? 10.203  -3.938  -23.445 1.00 9.57  ? 250 THR A CA  1 
ATOM   1168 C C   . THR A 1 140 ? 11.274  -2.866  -23.283 1.00 10.79 ? 250 THR A C   1 
ATOM   1169 O O   . THR A 1 140 ? 11.054  -1.839  -22.649 1.00 11.03 ? 250 THR A O   1 
ATOM   1170 C CB  . THR A 1 140 ? 9.176   -3.536  -24.513 1.00 11.02 ? 250 THR A CB  1 
ATOM   1171 O OG1 . THR A 1 140 ? 8.257   -4.623  -24.701 1.00 11.66 ? 250 THR A OG1 1 
ATOM   1172 C CG2 . THR A 1 140 ? 9.861   -3.227  -25.835 1.00 11.49 ? 250 THR A CG2 1 
ATOM   1173 N N   . GLY A 1 141 ? 12.444  -3.120  -23.858 1.00 12.40 ? 251 GLY A N   1 
ATOM   1174 C CA  . GLY A 1 141 ? 13.535  -2.175  -23.734 1.00 13.30 ? 251 GLY A CA  1 
ATOM   1175 C C   . GLY A 1 141 ? 13.396  -0.938  -24.594 1.00 14.03 ? 251 GLY A C   1 
ATOM   1176 O O   . GLY A 1 141 ? 12.695  -0.947  -25.611 1.00 14.45 ? 251 GLY A O   1 
ATOM   1177 N N   . SER A 1 142 ? 14.065  0.129   -24.174 1.00 14.32 ? 252 SER A N   1 
ATOM   1178 C CA  . SER A 1 142 ? 14.060  1.391   -24.907 1.00 15.47 ? 252 SER A CA  1 
ATOM   1179 C C   . SER A 1 142 ? 15.168  1.350   -25.953 1.00 17.10 ? 252 SER A C   1 
ATOM   1180 O O   . SER A 1 142 ? 16.185  0.685   -25.756 1.00 19.91 ? 252 SER A O   1 
ATOM   1181 C CB  . SER A 1 142 ? 14.329  2.566   -23.959 1.00 16.37 ? 252 SER A CB  1 
ATOM   1182 O OG  . SER A 1 142 ? 13.300  2.716   -22.999 1.00 13.50 ? 252 SER A OG  1 
ATOM   1183 N N   . GLU A 1 143 ? 14.969  2.050   -27.066 1.00 16.61 ? 253 GLU A N   1 
ATOM   1184 C CA  . GLU A 1 143 ? 15.993  2.114   -28.103 1.00 20.52 ? 253 GLU A CA  1 
ATOM   1185 C C   . GLU A 1 143 ? 16.995  3.181   -27.674 1.00 22.63 ? 253 GLU A C   1 
ATOM   1186 O O   . GLU A 1 143 ? 16.663  4.075   -26.895 1.00 22.84 ? 253 GLU A O   1 
ATOM   1187 C CB  . GLU A 1 143 ? 15.401  2.532   -29.452 1.00 22.16 ? 253 GLU A CB  1 
ATOM   1188 C CG  . GLU A 1 143 ? 14.499  1.516   -30.127 1.00 23.83 ? 253 GLU A CG  1 
ATOM   1189 C CD  . GLU A 1 143 ? 13.058  1.616   -29.684 1.00 23.88 ? 253 GLU A CD  1 
ATOM   1190 O OE1 . GLU A 1 143 ? 12.708  2.591   -28.986 1.00 23.04 ? 253 GLU A OE1 1 
ATOM   1191 O OE2 . GLU A 1 143 ? 12.269  0.721   -30.048 1.00 24.27 ? 253 GLU A OE2 1 
ATOM   1192 N N   . SER A 1 144 ? 18.219  3.086   -28.175 1.00 25.69 ? 254 SER A N   1 
ATOM   1193 C CA  . SER A 1 144 ? 19.227  4.084   -27.847 1.00 27.75 ? 254 SER A CA  1 
ATOM   1194 C C   . SER A 1 144 ? 18.940  5.301   -28.719 1.00 28.28 ? 254 SER A C   1 
ATOM   1195 O O   . SER A 1 144 ? 18.856  5.190   -29.942 1.00 27.85 ? 254 SER A O   1 
ATOM   1196 C CB  . SER A 1 144 ? 20.630  3.553   -28.140 1.00 29.73 ? 254 SER A CB  1 
ATOM   1197 O OG  . SER A 1 144 ? 20.947  2.466   -27.289 1.00 32.18 ? 254 SER A OG  1 
ATOM   1198 N N   . PRO A 1 145 ? 18.760  6.476   -28.098 1.00 28.26 ? 255 PRO A N   1 
ATOM   1199 C CA  . PRO A 1 145 ? 18.480  7.703   -28.847 1.00 29.38 ? 255 PRO A CA  1 
ATOM   1200 C C   . PRO A 1 145 ? 19.555  7.988   -29.891 1.00 30.64 ? 255 PRO A C   1 
ATOM   1201 O O   . PRO A 1 145 ? 20.730  7.689   -29.680 1.00 29.36 ? 255 PRO A O   1 
ATOM   1202 C CB  . PRO A 1 145 ? 18.433  8.761   -27.750 1.00 28.89 ? 255 PRO A CB  1 
ATOM   1203 C CG  . PRO A 1 145 ? 17.879  8.003   -26.587 1.00 25.74 ? 255 PRO A CG  1 
ATOM   1204 C CD  . PRO A 1 145 ? 18.677  6.724   -26.645 1.00 27.92 ? 255 PRO A CD  1 
ATOM   1205 N N   . LYS A 1 146 ? 19.153  8.563   -31.020 1.00 33.21 ? 256 LYS A N   1 
ATOM   1206 C CA  . LYS A 1 146 ? 20.104  8.871   -32.080 1.00 36.14 ? 256 LYS A CA  1 
ATOM   1207 C C   . LYS A 1 146 ? 19.899  10.260  -32.675 1.00 37.42 ? 256 LYS A C   1 
ATOM   1208 O O   . LYS A 1 146 ? 18.799  10.813  -32.637 1.00 36.89 ? 256 LYS A O   1 
ATOM   1209 C CB  . LYS A 1 146 ? 20.012  7.824   -33.190 1.00 37.10 ? 256 LYS A CB  1 
ATOM   1210 C CG  . LYS A 1 146 ? 20.171  6.391   -32.704 1.00 39.77 ? 256 LYS A CG  1 
ATOM   1211 C CD  . LYS A 1 146 ? 20.385  5.424   -33.857 1.00 42.18 ? 256 LYS A CD  1 
ATOM   1212 C CE  . LYS A 1 146 ? 21.733  5.659   -34.524 1.00 43.79 ? 256 LYS A CE  1 
ATOM   1213 N NZ  . LYS A 1 146 ? 21.994  4.681   -35.621 1.00 45.52 ? 256 LYS A NZ  1 
ATOM   1214 N N   . VAL A 1 147 ? 20.980  10.803  -33.233 1.00 38.04 ? 257 VAL A N   1 
ATOM   1215 C CA  . VAL A 1 147 ? 20.981  12.119  -33.865 1.00 39.16 ? 257 VAL A CA  1 
ATOM   1216 C C   . VAL A 1 147 ? 20.435  13.201  -32.942 1.00 42.03 ? 257 VAL A C   1 
ATOM   1217 O O   . VAL A 1 147 ? 21.245  14.001  -32.425 1.00 42.59 ? 257 VAL A O   1 
ATOM   1218 C CB  . VAL A 1 147 ? 20.149  12.100  -35.167 1.00 37.07 ? 257 VAL A CB  1 
ATOM   1219 C CG1 . VAL A 1 147 ? 20.297  13.419  -35.898 1.00 34.72 ? 257 VAL A CG1 1 
ATOM   1220 C CG2 . VAL A 1 147 ? 20.598  10.954  -36.052 1.00 35.03 ? 257 VAL A CG2 1 
ATOM   1221 O OXT . VAL A 1 147 ? 19.204  13.234  -32.729 1.00 14.95 ? 257 VAL A OXT 1 
HETATM 1222 S S   A SO4 B 2 .   ? -4.452  10.701  0.600   0.40 70.04 ? 501 SO4 A S   1 
HETATM 1223 S S   B SO4 B 2 .   ? -4.994  10.863  2.034   0.60 70.04 ? 501 SO4 A S   1 
HETATM 1224 O O1  A SO4 B 2 .   ? -3.275  10.263  1.371   0.40 69.96 ? 501 SO4 A O1  1 
HETATM 1225 O O1  B SO4 B 2 .   ? -5.117  9.791   1.026   0.60 69.96 ? 501 SO4 A O1  1 
HETATM 1226 O O2  A SO4 B 2 .   ? -5.227  9.523   0.166   0.40 69.87 ? 501 SO4 A O2  1 
HETATM 1227 O O2  B SO4 B 2 .   ? -6.185  11.735  1.973   0.60 69.87 ? 501 SO4 A O2  1 
HETATM 1228 O O3  A SO4 B 2 .   ? -5.301  11.560  1.445   0.40 70.06 ? 501 SO4 A O3  1 
HETATM 1229 O O3  B SO4 B 2 .   ? -4.882  10.274  3.386   0.60 70.06 ? 501 SO4 A O3  1 
HETATM 1230 O O4  A SO4 B 2 .   ? -4.005  11.458  -0.582  0.40 69.59 ? 501 SO4 A O4  1 
HETATM 1231 O O4  B SO4 B 2 .   ? -3.776  11.643  1.761   0.60 69.59 ? 501 SO4 A O4  1 
HETATM 1232 S S   . SO4 C 2 .   ? 20.314  -6.426  -7.863  0.92 40.96 ? 502 SO4 A S   1 
HETATM 1233 O O1  . SO4 C 2 .   ? 20.181  -5.185  -8.650  0.92 42.31 ? 502 SO4 A O1  1 
HETATM 1234 O O2  . SO4 C 2 .   ? 21.383  -7.260  -8.444  0.92 43.36 ? 502 SO4 A O2  1 
HETATM 1235 O O3  . SO4 C 2 .   ? 20.649  -6.095  -6.466  0.92 43.67 ? 502 SO4 A O3  1 
HETATM 1236 O O4  . SO4 C 2 .   ? 19.041  -7.172  -7.895  0.92 43.56 ? 502 SO4 A O4  1 
HETATM 1237 S S   . SO4 D 2 .   ? -5.354  10.187  -7.435  0.88 22.40 ? 503 SO4 A S   1 
HETATM 1238 O O1  . SO4 D 2 .   ? -4.262  9.524   -8.172  0.88 24.95 ? 503 SO4 A O1  1 
HETATM 1239 O O2  . SO4 D 2 .   ? -5.041  11.622  -7.283  0.88 27.82 ? 503 SO4 A O2  1 
HETATM 1240 O O3  . SO4 D 2 .   ? -6.613  10.040  -8.189  0.88 28.28 ? 503 SO4 A O3  1 
HETATM 1241 O O4  . SO4 D 2 .   ? -5.506  9.583   -6.097  0.88 25.15 ? 503 SO4 A O4  1 
HETATM 1242 S S   . SO4 E 2 .   ? 1.100   9.263   -14.937 0.86 50.60 ? 504 SO4 A S   1 
HETATM 1243 O O1  . SO4 E 2 .   ? 0.325   10.331  -14.276 0.86 50.99 ? 504 SO4 A O1  1 
HETATM 1244 O O2  . SO4 E 2 .   ? 1.881   8.527   -13.926 0.86 50.76 ? 504 SO4 A O2  1 
HETATM 1245 O O3  . SO4 E 2 .   ? 0.176   8.334   -15.615 0.86 51.23 ? 504 SO4 A O3  1 
HETATM 1246 O O4  . SO4 E 2 .   ? 2.014   9.860   -15.930 0.86 48.62 ? 504 SO4 A O4  1 
HETATM 1247 S S   . SO4 F 2 .   ? 15.443  -0.333  -20.708 0.88 92.49 ? 505 SO4 A S   1 
HETATM 1248 O O1  . SO4 F 2 .   ? 15.254  1.044   -21.205 0.88 92.24 ? 505 SO4 A O1  1 
HETATM 1249 O O2  . SO4 F 2 .   ? 16.446  -1.021  -21.545 0.88 92.07 ? 505 SO4 A O2  1 
HETATM 1250 O O3  . SO4 F 2 .   ? 15.912  -0.289  -19.311 0.88 92.49 ? 505 SO4 A O3  1 
HETATM 1251 O O4  . SO4 F 2 .   ? 14.164  -1.062  -20.774 0.88 92.22 ? 505 SO4 A O4  1 
HETATM 1252 S S   . SO4 G 2 .   ? -3.176  7.633   -13.230 0.69 50.29 ? 506 SO4 A S   1 
HETATM 1253 O O1  . SO4 G 2 .   ? -2.384  7.690   -14.475 0.69 50.68 ? 506 SO4 A O1  1 
HETATM 1254 O O2  . SO4 G 2 .   ? -2.797  6.442   -12.448 0.69 50.45 ? 506 SO4 A O2  1 
HETATM 1255 O O3  . SO4 G 2 .   ? -2.914  8.843   -12.423 0.69 50.92 ? 506 SO4 A O3  1 
HETATM 1256 O O4  . SO4 G 2 .   ? -4.612  7.554   -13.562 0.69 48.31 ? 506 SO4 A O4  1 
HETATM 1257 S S1  . DTT H 3 .   ? 7.449   -8.685  -0.453  1.00 33.07 ? 701 DTT A S1  1 
HETATM 1258 C C1  . DTT H 3 .   ? 6.921   -10.394 -0.827  1.00 38.21 ? 701 DTT A C1  1 
HETATM 1259 C C2  . DTT H 3 .   ? 6.848   -10.790 -2.291  1.00 38.70 ? 701 DTT A C2  1 
HETATM 1260 O O2  . DTT H 3 .   ? 5.634   -10.230 -2.761  1.00 37.88 ? 701 DTT A O2  1 
HETATM 1261 C C3  . DTT H 3 .   ? 6.806   -12.344 -2.533  1.00 39.52 ? 701 DTT A C3  1 
HETATM 1262 O O3  . DTT H 3 .   ? 5.801   -12.588 -3.527  1.00 40.49 ? 701 DTT A O3  1 
HETATM 1263 C C4  . DTT H 3 .   ? 8.104   -12.901 -3.148  1.00 41.26 ? 701 DTT A C4  1 
HETATM 1264 S S4  . DTT H 3 .   ? 9.735   -12.652 -2.289  1.00 45.47 ? 701 DTT A S4  1 
HETATM 1265 C C1  . GOL I 4 .   ? 14.410  11.993  -27.046 1.00 21.25 ? 601 GOL A C1  1 
HETATM 1266 O O1  . GOL I 4 .   ? 14.741  12.015  -28.419 1.00 25.83 ? 601 GOL A O1  1 
HETATM 1267 C C2  . GOL I 4 .   ? 14.830  10.670  -26.398 1.00 23.68 ? 601 GOL A C2  1 
HETATM 1268 O O2  . GOL I 4 .   ? 14.068  9.592   -26.959 1.00 21.67 ? 601 GOL A O2  1 
HETATM 1269 C C3  . GOL I 4 .   ? 14.592  10.725  -24.890 1.00 24.10 ? 601 GOL A C3  1 
HETATM 1270 O O3  . GOL I 4 .   ? 13.231  10.998  -24.609 1.00 26.36 ? 601 GOL A O3  1 
HETATM 1271 C C1  . GOL J 4 .   ? 13.959  13.030  -31.702 1.00 39.95 ? 602 GOL A C1  1 
HETATM 1272 O O1  . GOL J 4 .   ? 15.131  12.259  -31.874 1.00 39.81 ? 602 GOL A O1  1 
HETATM 1273 C C2  . GOL J 4 .   ? 12.726  12.136  -31.604 1.00 40.30 ? 602 GOL A C2  1 
HETATM 1274 O O2  . GOL J 4 .   ? 12.703  11.498  -30.321 1.00 37.11 ? 602 GOL A O2  1 
HETATM 1275 C C3  . GOL J 4 .   ? 12.756  11.076  -32.707 1.00 41.28 ? 602 GOL A C3  1 
HETATM 1276 O O3  . GOL J 4 .   ? 13.218  11.620  -33.933 1.00 42.32 ? 602 GOL A O3  1 
HETATM 1277 C C1  . GOL K 4 .   ? -4.616  -0.265  23.560  0.59 50.02 ? 603 GOL A C1  1 
HETATM 1278 O O1  . GOL K 4 .   ? -3.884  -0.722  24.679  0.59 49.29 ? 603 GOL A O1  1 
HETATM 1279 C C2  . GOL K 4 .   ? -3.789  0.447   22.492  0.59 49.83 ? 603 GOL A C2  1 
HETATM 1280 O O2  . GOL K 4 .   ? -2.994  1.476   23.007  0.59 49.07 ? 603 GOL A O2  1 
HETATM 1281 C C3  . GOL K 4 .   ? -4.440  0.849   21.231  0.59 50.08 ? 603 GOL A C3  1 
HETATM 1282 O O3  . GOL K 4 .   ? -3.834  1.744   20.366  0.59 49.12 ? 603 GOL A O3  1 
HETATM 1283 C C1  . GOL L 4 .   ? 13.693  -9.423  -22.272 0.59 60.99 ? 604 GOL A C1  1 
HETATM 1284 O O1  . GOL L 4 .   ? 13.361  -10.771 -22.723 0.59 60.72 ? 604 GOL A O1  1 
HETATM 1285 C C2  . GOL L 4 .   ? 12.547  -8.394  -22.090 0.59 61.04 ? 604 GOL A C2  1 
HETATM 1286 O O2  . GOL L 4 .   ? 11.551  -8.321  -23.178 0.59 61.50 ? 604 GOL A O2  1 
HETATM 1287 C C3  . GOL L 4 .   ? 13.103  -6.925  -21.977 0.59 61.03 ? 604 GOL A C3  1 
HETATM 1288 O O3  . GOL L 4 .   ? 13.768  -6.401  -20.958 0.59 60.90 ? 604 GOL A O3  1 
HETATM 1289 C C1  . GOL M 4 .   ? -16.687 -9.037  17.914  0.63 48.66 ? 605 GOL A C1  1 
HETATM 1290 O O1  . GOL M 4 .   ? -17.826 -9.798  17.523  0.63 49.22 ? 605 GOL A O1  1 
HETATM 1291 C C2  . GOL M 4 .   ? -15.889 -8.577  16.698  0.63 48.74 ? 605 GOL A C2  1 
HETATM 1292 O O2  . GOL M 4 .   ? -14.894 -7.857  17.320  0.63 47.39 ? 605 GOL A O2  1 
HETATM 1293 C C3  . GOL M 4 .   ? -16.310 -7.659  15.494  0.63 48.39 ? 605 GOL A C3  1 
HETATM 1294 O O3  . GOL M 4 .   ? -17.630 -7.848  14.795  0.63 48.10 ? 605 GOL A O3  1 
HETATM 1295 O O   . HOH N 5 .   ? -5.017  -3.008  12.704  1.00 7.66  ? 301 HOH A O   1 
HETATM 1296 O O   . HOH N 5 .   ? -13.125 0.805   2.351   1.00 7.63  ? 302 HOH A O   1 
HETATM 1297 O O   . HOH N 5 .   ? -11.074 1.238   0.542   1.00 7.80  ? 303 HOH A O   1 
HETATM 1298 O O   . HOH N 5 .   ? -9.745  1.341   -4.059  1.00 8.61  ? 304 HOH A O   1 
HETATM 1299 O O   . HOH N 5 .   ? -7.077  5.305   -4.023  1.00 13.86 ? 305 HOH A O   1 
HETATM 1300 O O   . HOH N 5 .   ? -1.845  7.127   1.697   1.00 11.64 ? 306 HOH A O   1 
HETATM 1301 O O   . HOH N 5 .   ? -11.692 0.114   26.841  1.00 8.73  ? 307 HOH A O   1 
HETATM 1302 O O   . HOH N 5 .   ? -4.290  8.026   2.357   1.00 12.39 ? 308 HOH A O   1 
HETATM 1303 O O   . HOH N 5 .   ? 1.718   6.989   15.338  0.98 11.59 ? 309 HOH A O   1 
HETATM 1304 O O   . HOH N 5 .   ? -13.168 -11.200 12.418  1.00 13.25 ? 310 HOH A O   1 
HETATM 1305 O O   . HOH N 5 .   ? -2.226  -3.122  -18.553 1.00 12.84 ? 311 HOH A O   1 
HETATM 1306 O O   . HOH N 5 .   ? 12.502  4.462   -9.923  1.00 18.01 ? 312 HOH A O   1 
HETATM 1307 O O   . HOH N 5 .   ? 0.270   7.537   -8.614  1.00 12.06 ? 313 HOH A O   1 
HETATM 1308 O O   . HOH N 5 .   ? -4.350  -3.760  -22.312 1.00 9.21  ? 314 HOH A O   1 
HETATM 1309 O O   . HOH N 5 .   ? -13.218 -4.897  19.232  1.00 9.01  ? 315 HOH A O   1 
HETATM 1310 O O   . HOH N 5 .   ? 11.174  1.050   -27.056 1.00 11.40 ? 316 HOH A O   1 
HETATM 1311 O O   . HOH N 5 .   ? -0.309  1.702   12.887  1.00 9.45  ? 317 HOH A O   1 
HETATM 1312 O O   . HOH N 5 .   ? 17.615  -10.787 -9.972  1.00 11.28 ? 318 HOH A O   1 
HETATM 1313 O O   . HOH N 5 .   ? 6.742   -12.476 -6.564  1.00 11.43 ? 319 HOH A O   1 
HETATM 1314 O O   . HOH N 5 .   ? -16.239 -1.278  7.744   1.00 11.05 ? 320 HOH A O   1 
HETATM 1315 O O   . HOH N 5 .   ? 1.805   -13.063 -11.926 1.00 10.85 ? 321 HOH A O   1 
HETATM 1316 O O   . HOH N 5 .   ? 7.347   11.087  15.594  1.00 17.50 ? 322 HOH A O   1 
HETATM 1317 O O   . HOH N 5 .   ? -0.087  5.682   -1.849  1.00 11.50 ? 323 HOH A O   1 
HETATM 1318 O O   . HOH N 5 .   ? -5.465  -7.583  -4.135  1.00 13.36 ? 324 HOH A O   1 
HETATM 1319 O O   . HOH N 5 .   ? 0.437   11.466  20.695  1.00 16.73 ? 325 HOH A O   1 
HETATM 1320 O O   . HOH N 5 .   ? 4.072   -13.093 -7.169  1.00 12.65 ? 326 HOH A O   1 
HETATM 1321 O O   . HOH N 5 .   ? -14.193 -2.202  23.164  0.99 11.16 ? 327 HOH A O   1 
HETATM 1322 O O   . HOH N 5 .   ? -20.076 5.518   -0.676  0.98 15.68 ? 328 HOH A O   1 
HETATM 1323 O O   . HOH N 5 .   ? -20.841 -1.363  -1.745  0.97 11.85 ? 329 HOH A O   1 
HETATM 1324 O O   . HOH N 5 .   ? -7.789  -8.898  14.113  0.99 16.37 ? 330 HOH A O   1 
HETATM 1325 O O   . HOH N 5 .   ? -19.836 3.458   4.443   1.00 16.75 ? 331 HOH A O   1 
HETATM 1326 O O   . HOH N 5 .   ? -12.298 9.718   18.493  1.00 22.90 ? 332 HOH A O   1 
HETATM 1327 O O   . HOH N 5 .   ? -14.778 -7.700  6.139   1.00 16.81 ? 333 HOH A O   1 
HETATM 1328 O O   . HOH N 5 .   ? -9.635  13.482  11.338  1.00 16.68 ? 334 HOH A O   1 
HETATM 1329 O O   . HOH N 5 .   ? 2.645   -12.879 -4.706  1.00 20.79 ? 335 HOH A O   1 
HETATM 1330 O O   . HOH N 5 .   ? 13.769  -1.611  -8.919  1.00 18.69 ? 336 HOH A O   1 
HETATM 1331 O O   . HOH N 5 .   ? -3.775  -8.642  -15.200 1.00 17.84 ? 337 HOH A O   1 
HETATM 1332 O O   . HOH N 5 .   ? -0.189  8.374   7.252   0.98 15.26 ? 338 HOH A O   1 
HETATM 1333 O O   . HOH N 5 .   ? -15.040 2.082   25.104  1.00 17.05 ? 339 HOH A O   1 
HETATM 1334 O O   . HOH N 5 .   ? 12.956  4.813   -6.993  1.00 16.14 ? 340 HOH A O   1 
HETATM 1335 O O   . HOH N 5 .   ? 7.337   11.948  19.186  1.00 14.89 ? 341 HOH A O   1 
HETATM 1336 O O   . HOH N 5 .   ? -3.472  7.447   22.830  1.00 19.64 ? 342 HOH A O   1 
HETATM 1337 O O   . HOH N 5 .   ? 14.428  -7.956  -5.979  0.98 23.24 ? 343 HOH A O   1 
HETATM 1338 O O   . HOH N 5 .   ? -16.356 6.405   5.644   0.99 19.27 ? 344 HOH A O   1 
HETATM 1339 O O   . HOH N 5 .   ? 6.519   5.646   -20.958 0.97 24.58 ? 345 HOH A O   1 
HETATM 1340 O O   . HOH N 5 .   ? -0.095  1.217   -15.093 0.98 17.27 ? 346 HOH A O   1 
HETATM 1341 O O   . HOH N 5 .   ? 0.864   -9.840  5.227   1.00 14.51 ? 347 HOH A O   1 
HETATM 1342 O O   . HOH N 5 .   ? 5.021   9.869   8.991   1.00 23.82 ? 348 HOH A O   1 
HETATM 1343 O O   . HOH N 5 .   ? -8.525  -10.182 5.996   0.97 20.90 ? 349 HOH A O   1 
HETATM 1344 O O   . HOH N 5 .   ? 12.483  1.171   -20.925 1.00 21.31 ? 350 HOH A O   1 
HETATM 1345 O O   . HOH N 5 .   ? 10.854  4.792   -3.823  1.00 13.03 ? 351 HOH A O   1 
HETATM 1346 O O   . HOH N 5 .   ? -6.917  -4.341  14.165  1.00 9.71  ? 352 HOH A O   1 
HETATM 1347 O O   . HOH N 5 .   ? 8.485   7.466   -11.744 1.00 11.74 ? 353 HOH A O   1 
HETATM 1348 O O   . HOH N 5 .   ? -22.617 6.354   -1.615  1.00 12.79 ? 354 HOH A O   1 
HETATM 1349 O O   . HOH N 5 .   ? 13.802  2.045   -11.256 1.00 23.46 ? 355 HOH A O   1 
HETATM 1350 O O   . HOH N 5 .   ? 12.958  1.855   -13.623 1.00 21.81 ? 356 HOH A O   1 
HETATM 1351 O O   . HOH N 5 .   ? -6.310  -7.553  -10.285 0.93 23.47 ? 357 HOH A O   1 
HETATM 1352 O O   . HOH N 5 .   ? 2.015   9.135   5.335   1.00 20.69 ? 358 HOH A O   1 
HETATM 1353 O O   . HOH N 5 .   ? -15.744 -0.792  -4.116  0.92 15.12 ? 359 HOH A O   1 
HETATM 1354 O O   . HOH N 5 .   ? 13.250  -2.395  -6.396  0.96 19.16 ? 360 HOH A O   1 
HETATM 1355 O O   . HOH N 5 .   ? -5.384  -2.013  -14.832 0.96 18.00 ? 361 HOH A O   1 
HETATM 1356 O O   . HOH N 5 .   ? 0.611   -7.691  12.335  1.00 30.14 ? 362 HOH A O   1 
HETATM 1357 O O   . HOH N 5 .   ? -4.832  11.140  -11.704 1.00 55.71 ? 363 HOH A O   1 
HETATM 1358 O O   . HOH N 5 .   ? -0.429  0.897   23.869  1.00 19.96 ? 364 HOH A O   1 
HETATM 1359 O O   . HOH N 5 .   ? -6.509  -9.805  -8.267  1.00 25.24 ? 365 HOH A O   1 
HETATM 1360 O O   . HOH N 5 .   ? -8.146  -9.887  3.126   0.99 29.69 ? 366 HOH A O   1 
HETATM 1361 O O   . HOH N 5 .   ? 0.169   -8.994  -20.870 0.96 20.31 ? 367 HOH A O   1 
HETATM 1362 O O   . HOH N 5 .   ? 1.744   -10.358 -22.638 0.99 19.80 ? 368 HOH A O   1 
HETATM 1363 O O   . HOH N 5 .   ? 1.994   -4.572  9.533   1.00 23.83 ? 369 HOH A O   1 
HETATM 1364 O O   . HOH N 5 .   ? -6.456  -7.896  -13.752 1.00 32.12 ? 370 HOH A O   1 
HETATM 1365 O O   . HOH N 5 .   ? -6.549  7.370   -1.413  0.96 22.01 ? 371 HOH A O   1 
HETATM 1366 O O   . HOH N 5 .   ? 12.443  -2.281  -18.937 0.98 20.86 ? 372 HOH A O   1 
HETATM 1367 O O   . HOH N 5 .   ? 2.733   -5.312  6.993   1.00 50.34 ? 373 HOH A O   1 
HETATM 1368 O O   . HOH N 5 .   ? 1.651   4.076   22.594  1.00 29.17 ? 374 HOH A O   1 
HETATM 1369 O O   . HOH N 5 .   ? -2.912  -1.834  -21.110 0.98 13.07 ? 375 HOH A O   1 
HETATM 1370 O O   . HOH N 5 .   ? -13.665 -2.150  20.426  1.00 11.23 ? 376 HOH A O   1 
HETATM 1371 O O   . HOH N 5 .   ? 3.068   -13.882 -9.486  1.00 18.34 ? 377 HOH A O   1 
HETATM 1372 O O   . HOH N 5 .   ? 0.632   -0.007  10.893  1.00 16.27 ? 378 HOH A O   1 
HETATM 1373 O O   . HOH N 5 .   ? -10.685 2.652   27.086  0.99 13.31 ? 379 HOH A O   1 
HETATM 1374 O O   . HOH N 5 .   ? 0.668   3.785   -16.077 1.00 18.81 ? 380 HOH A O   1 
HETATM 1375 O O   . HOH N 5 .   ? 4.643   12.735  8.666   1.00 22.39 ? 381 HOH A O   1 
HETATM 1376 O O   . HOH N 5 .   ? 16.436  -1.082  -9.427  1.00 19.85 ? 382 HOH A O   1 
HETATM 1377 O O   . HOH N 5 .   ? -10.437 5.634   26.827  1.00 22.70 ? 383 HOH A O   1 
HETATM 1378 O O   . HOH N 5 .   ? 12.943  -5.819  -25.262 1.00 21.95 ? 384 HOH A O   1 
HETATM 1379 O O   . HOH N 5 .   ? 17.535  1.554   -13.323 0.99 18.79 ? 385 HOH A O   1 
HETATM 1380 O O   . HOH N 5 .   ? -1.209  -11.065 12.561  0.98 28.70 ? 386 HOH A O   1 
HETATM 1381 O O   . HOH N 5 .   ? 9.671   3.463   -1.665  1.00 23.76 ? 387 HOH A O   1 
HETATM 1382 O O   . HOH N 5 .   ? -8.102  -7.637  -4.287  1.00 24.83 ? 388 HOH A O   1 
HETATM 1383 O O   . HOH N 5 .   ? 18.280  -2.326  -11.106 0.94 19.85 ? 389 HOH A O   1 
HETATM 1384 O O   . HOH N 5 .   ? -10.115 10.918  5.827   0.93 23.65 ? 390 HOH A O   1 
HETATM 1385 O O   . HOH N 5 .   ? -3.417  10.641  20.067  0.91 24.91 ? 391 HOH A O   1 
HETATM 1386 O O   . HOH N 5 .   ? 13.289  -2.873  -27.619 0.95 22.85 ? 392 HOH A O   1 
HETATM 1387 O O   . HOH N 5 .   ? -5.814  -10.903 3.393   0.99 28.18 ? 393 HOH A O   1 
HETATM 1388 O O   . HOH N 5 .   ? -0.388  -12.267 6.258   1.00 25.76 ? 394 HOH A O   1 
HETATM 1389 O O   . HOH N 5 .   ? 0.476   19.054  26.514  0.93 30.31 ? 395 HOH A O   1 
HETATM 1390 O O   . HOH N 5 .   ? -15.098 4.530   23.936  1.00 30.21 ? 396 HOH A O   1 
HETATM 1391 O O   . HOH N 5 .   ? 6.894   2.075   8.617   0.91 28.59 ? 397 HOH A O   1 
HETATM 1392 O O   . HOH N 5 .   ? 4.514   -15.721 -6.234  0.98 22.65 ? 398 HOH A O   1 
HETATM 1393 O O   . HOH N 5 .   ? 8.477   9.859   13.185  0.95 26.46 ? 399 HOH A O   1 
HETATM 1394 O O   . HOH N 5 .   ? -11.507 14.720  13.496  1.00 25.97 ? 400 HOH A O   1 
HETATM 1395 O O   . HOH N 5 .   ? -0.394  8.282   3.496   0.92 22.71 ? 401 HOH A O   1 
HETATM 1396 O O   . HOH N 5 .   ? -3.395  6.912   25.647  1.00 26.24 ? 402 HOH A O   1 
HETATM 1397 O O   . HOH N 5 .   ? 13.188  -9.307  -3.650  0.95 27.05 ? 403 HOH A O   1 
HETATM 1398 O O   . HOH N 5 .   ? 1.406   5.518   -13.969 0.95 24.25 ? 404 HOH A O   1 
HETATM 1399 O O   . HOH N 5 .   ? -8.765  12.753  1.108   0.96 71.70 ? 405 HOH A O   1 
HETATM 1400 O O   . HOH N 5 .   ? 5.072   -11.058 -22.520 0.89 27.62 ? 406 HOH A O   1 
HETATM 1401 O O   . HOH N 5 .   ? 17.465  4.589   -24.405 1.00 30.34 ? 407 HOH A O   1 
HETATM 1402 O O   . HOH N 5 .   ? -12.648 10.633  4.748   1.00 29.20 ? 408 HOH A O   1 
HETATM 1403 O O   . HOH N 5 .   ? 13.383  -6.233  -1.940  1.00 30.06 ? 409 HOH A O   1 
HETATM 1404 O O   . HOH N 5 .   ? -6.288  13.484  -5.358  1.00 29.64 ? 410 HOH A O   1 
HETATM 1405 O O   . HOH N 5 .   ? 2.391   16.175  29.706  0.97 30.41 ? 411 HOH A O   1 
HETATM 1406 O O   . HOH N 5 .   ? 20.108  -2.562  -9.098  0.95 29.94 ? 412 HOH A O   1 
HETATM 1407 O O   . HOH N 5 .   ? -3.155  -11.424 6.986   0.99 21.96 ? 413 HOH A O   1 
HETATM 1408 O O   . HOH N 5 .   ? -7.231  -2.676  -16.321 1.00 26.87 ? 414 HOH A O   1 
HETATM 1409 O O   . HOH N 5 .   ? 7.683   5.211   -1.199  0.95 21.62 ? 415 HOH A O   1 
HETATM 1410 O O   . HOH N 5 .   ? -5.134  -12.128 5.486   1.00 26.44 ? 416 HOH A O   1 
HETATM 1411 O O   . HOH N 5 .   ? -18.960 -3.555  -1.207  0.96 20.24 ? 417 HOH A O   1 
HETATM 1412 O O   . HOH N 5 .   ? -11.624 12.628  9.700   1.00 25.80 ? 418 HOH A O   1 
HETATM 1413 O O   . HOH N 5 .   ? 3.970   0.354   19.500  1.00 23.28 ? 419 HOH A O   1 
HETATM 1414 O O   . HOH N 5 .   ? 19.132  -0.557  -12.829 0.93 25.12 ? 420 HOH A O   1 
HETATM 1415 O O   . HOH N 5 .   ? 1.644   -10.710 2.819   1.00 23.85 ? 421 HOH A O   1 
HETATM 1416 O O   . HOH N 5 .   ? 1.882   8.141   -10.812 0.95 26.54 ? 422 HOH A O   1 
HETATM 1417 O O   . HOH N 5 .   ? -13.352 8.778   24.400  1.00 32.74 ? 423 HOH A O   1 
HETATM 1418 O O   . HOH N 5 .   ? 0.194   -6.892  14.762  1.00 35.81 ? 424 HOH A O   1 
HETATM 1419 O O   . HOH N 5 .   ? -0.107  17.441  28.717  1.00 32.84 ? 425 HOH A O   1 
HETATM 1420 O O   . HOH N 5 .   ? -0.145  10.695  23.247  0.92 29.87 ? 426 HOH A O   1 
HETATM 1421 O O   . HOH N 5 .   ? 5.832   2.589   19.912  0.99 29.93 ? 427 HOH A O   1 
HETATM 1422 O O   . HOH N 5 .   ? 8.328   2.679   13.673  0.91 41.36 ? 428 HOH A O   1 
HETATM 1423 O O   . HOH N 5 .   ? 8.142   0.619   0.555   1.00 29.06 ? 429 HOH A O   1 
HETATM 1424 O O   . HOH N 5 .   ? 19.729  2.497   -16.400 1.00 38.69 ? 430 HOH A O   1 
HETATM 1425 O O   . HOH N 5 .   ? -14.396 9.775   16.172  1.00 35.71 ? 431 HOH A O   1 
HETATM 1426 O O   . HOH N 5 .   ? -6.494  14.476  21.930  1.00 37.59 ? 432 HOH A O   1 
HETATM 1427 O O   A HOH N 5 .   ? -10.480 6.507   -2.446  0.95 22.68 ? 433 HOH A O   1 
HETATM 1428 O O   B HOH N 5 .   ? -9.251  7.136   -1.604  0.49 22.68 ? 433 HOH A O   1 
HETATM 1429 O O   . HOH N 5 .   ? -11.383 15.867  19.362  1.00 38.98 ? 434 HOH A O   1 
HETATM 1430 O O   A HOH N 5 .   ? -10.535 8.960   -1.407  1.00 35.12 ? 435 HOH A O   1 
HETATM 1431 O O   B HOH N 5 .   ? -8.940  9.790   -0.926  1.00 35.12 ? 435 HOH A O   1 
HETATM 1432 O O   . HOH N 5 .   ? 9.084   3.677   4.969   1.00 37.61 ? 436 HOH A O   1 
HETATM 1433 O O   . HOH N 5 .   ? -5.757  5.107   -16.448 1.00 31.25 ? 437 HOH A O   1 
HETATM 1434 O O   . HOH N 5 .   ? -7.143  9.621   -3.970  0.90 32.30 ? 438 HOH A O   1 
HETATM 1435 O O   . HOH N 5 .   ? -3.290  -11.892 9.732   1.00 27.72 ? 439 HOH A O   1 
HETATM 1436 O O   . HOH N 5 .   ? 8.966   -1.973  0.129   1.00 25.56 ? 440 HOH A O   1 
HETATM 1437 O O   . HOH N 5 .   ? -11.553 -10.093 5.191   1.00 32.52 ? 441 HOH A O   1 
HETATM 1438 O O   . HOH N 5 .   ? 2.973   -12.619 -22.535 0.86 41.85 ? 442 HOH A O   1 
HETATM 1439 O O   . HOH N 5 .   ? 0.564   11.117  -11.591 1.00 39.74 ? 443 HOH A O   1 
HETATM 1440 O O   . HOH N 5 .   ? 5.714   8.320   24.417  0.79 32.10 ? 444 HOH A O   1 
HETATM 1441 O O   . HOH N 5 .   ? 4.317   4.683   21.974  0.80 37.89 ? 445 HOH A O   1 
HETATM 1442 O O   . HOH N 5 .   ? -9.607  12.607  -1.657  0.98 37.06 ? 446 HOH A O   1 
HETATM 1443 O O   . HOH N 5 .   ? -3.260  -1.554  -16.569 0.87 27.29 ? 447 HOH A O   1 
HETATM 1444 O O   . HOH N 5 .   ? -10.803 13.071  7.096   0.92 34.25 ? 448 HOH A O   1 
HETATM 1445 O O   . HOH N 5 .   ? -3.549  -9.847  -17.833 0.67 45.29 ? 449 HOH A O   1 
HETATM 1446 O O   . HOH N 5 .   ? -9.525  14.691  22.150  1.00 37.90 ? 450 HOH A O   1 
HETATM 1447 O O   . HOH N 5 .   ? 6.397   3.056   15.929  1.00 46.12 ? 451 HOH A O   1 
HETATM 1448 O O   . HOH N 5 .   ? -5.432  10.354  21.829  1.00 31.18 ? 452 HOH A O   1 
HETATM 1449 O O   . HOH N 5 .   ? 4.775   -1.973  14.759  1.00 30.18 ? 453 HOH A O   1 
HETATM 1450 O O   . HOH N 5 .   ? -1.792  9.111   21.681  0.96 33.04 ? 454 HOH A O   1 
HETATM 1451 O O   . HOH N 5 .   ? -6.979  -5.491  -15.970 1.00 27.47 ? 455 HOH A O   1 
HETATM 1452 O O   . HOH N 5 .   ? 4.683   9.860   6.392   1.00 23.00 ? 456 HOH A O   1 
HETATM 1453 O O   . HOH N 5 .   ? -15.105 -11.460 14.409  0.94 39.28 ? 457 HOH A O   1 
HETATM 1454 O O   . HOH N 5 .   ? -0.552  -12.541 10.360  0.92 45.44 ? 458 HOH A O   1 
HETATM 1455 O O   A HOH N 5 .   ? 7.622   -5.739  1.985   1.00 44.18 ? 459 HOH A O   1 
HETATM 1456 O O   B HOH N 5 .   ? 7.509   -3.868  1.540   1.00 44.18 ? 459 HOH A O   1 
HETATM 1457 O O   . HOH N 5 .   ? 18.792  -2.205  -15.453 0.88 39.98 ? 460 HOH A O   1 
HETATM 1458 O O   . HOH N 5 .   ? -16.830 4.771   14.348  0.91 38.62 ? 461 HOH A O   1 
HETATM 1459 O O   . HOH N 5 .   ? 20.540  -4.281  -15.913 0.98 38.90 ? 462 HOH A O   1 
HETATM 1460 O O   . HOH N 5 .   ? -4.110  -12.753 -9.454  0.94 29.31 ? 463 HOH A O   1 
HETATM 1461 O O   . HOH N 5 .   ? -7.366  -12.519 6.875   0.96 28.55 ? 464 HOH A O   1 
HETATM 1462 O O   . HOH N 5 .   ? 23.342  9.399   -33.215 1.00 32.03 ? 465 HOH A O   1 
HETATM 1463 O O   . HOH N 5 .   ? -17.406 -4.118  4.850   1.00 36.63 ? 466 HOH A O   1 
HETATM 1464 O O   . HOH N 5 .   ? -8.569  7.390   -4.971  1.00 34.99 ? 467 HOH A O   1 
HETATM 1465 O O   . HOH N 5 .   ? -3.196  -13.391 -11.759 1.00 37.17 ? 468 HOH A O   1 
HETATM 1466 O O   . HOH N 5 .   ? 6.506   8.029   5.617   1.00 36.78 ? 469 HOH A O   1 
HETATM 1467 O O   . HOH N 5 .   ? -3.487  -14.795 -8.048  1.00 33.02 ? 470 HOH A O   1 
HETATM 1468 O O   . HOH N 5 .   ? 6.752   4.050   3.189   1.00 31.98 ? 471 HOH A O   1 
HETATM 1469 O O   . HOH N 5 .   ? -8.066  7.762   -7.607  1.00 33.81 ? 472 HOH A O   1 
HETATM 1470 O O   . HOH N 5 .   ? -7.739  -11.371 10.941  0.95 24.77 ? 473 HOH A O   1 
HETATM 1471 O O   . HOH N 5 .   ? 7.921   15.699  32.004  0.79 74.48 ? 474 HOH A O   1 
HETATM 1472 O O   . HOH N 5 .   ? 7.374   -8.984  -25.708 0.79 25.02 ? 475 HOH A O   1 
HETATM 1473 O O   . HOH N 5 .   ? -15.070 8.470   13.523  0.84 25.02 ? 476 HOH A O   1 
HETATM 1474 O O   . HOH N 5 .   ? 16.588  12.229  -34.130 1.00 31.50 ? 477 HOH A O   1 
HETATM 1475 O O   . HOH N 5 .   ? 0.307   6.391   -10.864 0.83 29.58 ? 478 HOH A O   1 
# 
